data_6J13
#
_entry.id   6J13
#
_cell.length_a   134.990
_cell.length_b   419.230
_cell.length_c   94.530
_cell.angle_alpha   90.00
_cell.angle_beta   90.00
_cell.angle_gamma   90.00
#
_symmetry.space_group_name_H-M   'C 2 2 21'
#
loop_
_entity.id
_entity.type
_entity.pdbx_description
1 polymer '2-cys peroxiredoxin'
2 water water
#
_entity_poly.entity_id   1
_entity_poly.type   'polypeptide(L)'
_entity_poly.pdbx_seq_one_letter_code
;MASHAEKPLVGSVAPDFKAQAVFDQEFQEITLSKYRGKYVVLFFYPLDFTFVCPTEITAFSDRYKEFKDINTEVLGVSVD
SQFTHLAWIQTDRKEGGLGDLAYPLVADLKKEISKAYGVLTEDGISLRGLFIIDKEGVVQHATINNLAFGRSVDETKRVL
QAIQYVQSNPDEVSPAGWKPGDKTMKPDPKGSKEYFSAVQDPNSSSVDKLAAALEHHHHHH
;
_entity_poly.pdbx_strand_id   A,B,C,D,E,F,G,H,I,J
#
# COMPACT_ATOMS: atom_id res chain seq x y z
N LYS A 7 66.25 39.86 1.53
CA LYS A 7 66.77 39.59 2.91
C LYS A 7 68.29 39.80 2.94
N PRO A 8 69.14 39.31 1.97
CA PRO A 8 70.60 39.48 2.08
C PRO A 8 70.90 40.97 1.98
N LEU A 9 71.79 41.46 2.83
CA LEU A 9 72.29 42.86 2.76
C LEU A 9 72.84 43.15 1.35
N VAL A 10 73.73 42.30 0.86
CA VAL A 10 74.23 42.52 -0.53
C VAL A 10 73.05 42.40 -1.49
N GLY A 11 72.90 43.38 -2.39
CA GLY A 11 71.77 43.48 -3.35
C GLY A 11 70.73 44.50 -2.91
N SER A 12 70.76 44.97 -1.67
CA SER A 12 69.66 45.85 -1.19
C SER A 12 70.23 47.26 -0.94
N VAL A 13 69.34 48.22 -0.72
CA VAL A 13 69.71 49.62 -0.37
C VAL A 13 70.43 49.60 0.96
N ALA A 14 71.66 50.15 1.00
CA ALA A 14 72.48 50.37 2.20
C ALA A 14 71.69 51.15 3.24
N PRO A 15 71.58 50.58 4.45
CA PRO A 15 71.09 51.30 5.62
C PRO A 15 71.86 52.62 5.79
N ASP A 16 71.12 53.73 5.82
CA ASP A 16 71.65 55.12 5.92
C ASP A 16 72.10 55.33 7.34
N PHE A 17 72.98 56.27 7.60
CA PHE A 17 73.37 56.62 9.00
C PHE A 17 73.70 58.10 9.00
N LYS A 18 73.57 58.69 10.18
CA LYS A 18 74.01 60.08 10.47
C LYS A 18 74.87 59.98 11.70
N ALA A 19 76.18 60.17 11.59
CA ALA A 19 77.07 59.93 12.75
C ALA A 19 78.20 60.97 12.82
N GLN A 20 78.85 61.10 13.97
CA GLN A 20 80.03 61.98 14.10
C GLN A 20 81.23 61.32 13.41
N ALA A 21 82.09 62.10 12.82
CA ALA A 21 83.33 61.62 12.20
C ALA A 21 84.46 62.61 12.46
N VAL A 22 85.69 62.16 12.28
CA VAL A 22 86.90 63.04 12.22
C VAL A 22 87.36 63.10 10.77
N PHE A 23 87.40 64.28 10.20
CA PHE A 23 87.99 64.56 8.88
C PHE A 23 88.87 65.80 9.03
N ASP A 24 90.10 65.77 8.48
CA ASP A 24 91.00 66.95 8.50
C ASP A 24 91.13 67.46 9.95
N GLN A 25 91.23 66.52 10.89
CA GLN A 25 91.46 66.75 12.35
C GLN A 25 90.33 67.55 12.99
N GLU A 26 89.11 67.41 12.50
CA GLU A 26 87.95 68.16 13.03
C GLU A 26 86.75 67.23 13.10
N PHE A 27 85.80 67.59 13.94
CA PHE A 27 84.54 66.83 14.13
C PHE A 27 83.52 67.32 13.12
N GLN A 28 82.90 66.41 12.38
CA GLN A 28 81.77 66.78 11.51
C GLN A 28 80.76 65.64 11.47
N GLU A 29 79.55 65.97 11.04
CA GLU A 29 78.44 65.01 10.93
C GLU A 29 78.45 64.47 9.49
N ILE A 30 78.49 63.16 9.34
CA ILE A 30 78.56 62.40 8.06
C ILE A 30 77.22 61.69 7.90
N THR A 31 76.55 61.93 6.76
CA THR A 31 75.35 61.19 6.33
C THR A 31 75.67 60.37 5.10
N LEU A 32 75.52 59.04 5.17
CA LEU A 32 75.87 58.13 4.04
C LEU A 32 75.14 58.55 2.75
N SER A 33 73.82 58.77 2.79
CA SER A 33 73.01 59.12 1.60
C SER A 33 73.51 60.37 0.90
N LYS A 34 74.34 61.23 1.50
CA LYS A 34 74.89 62.45 0.85
C LYS A 34 76.03 62.13 -0.10
N TYR A 35 76.50 60.88 -0.10
CA TYR A 35 77.46 60.31 -1.07
C TYR A 35 76.73 59.73 -2.29
N ARG A 36 75.40 59.75 -2.37
CA ARG A 36 74.74 59.34 -3.64
C ARG A 36 75.38 60.12 -4.80
N GLY A 37 75.72 59.46 -5.92
CA GLY A 37 76.44 60.04 -7.06
C GLY A 37 77.90 59.59 -7.11
N LYS A 38 78.37 58.99 -6.01
CA LYS A 38 79.75 58.49 -5.84
C LYS A 38 79.68 57.06 -5.38
N TYR A 39 80.74 56.30 -5.59
CA TYR A 39 80.82 54.96 -4.98
C TYR A 39 81.32 55.17 -3.56
N VAL A 40 81.07 54.20 -2.68
CA VAL A 40 81.53 54.24 -1.27
C VAL A 40 82.18 52.92 -0.95
N VAL A 41 83.42 52.99 -0.51
CA VAL A 41 84.03 51.85 0.21
C VAL A 41 83.83 52.15 1.69
N LEU A 42 82.85 51.49 2.29
CA LEU A 42 82.58 51.56 3.73
C LEU A 42 83.29 50.37 4.39
N PHE A 43 84.28 50.58 5.27
CA PHE A 43 84.82 49.41 6.02
C PHE A 43 84.69 49.62 7.52
N PHE A 44 84.71 48.51 8.26
CA PHE A 44 84.53 48.38 9.71
C PHE A 44 85.76 47.66 10.23
N TYR A 45 86.32 48.15 11.35
CA TYR A 45 87.40 47.46 12.11
C TYR A 45 86.96 47.53 13.56
N PRO A 46 87.45 46.58 14.40
CA PRO A 46 87.02 46.42 15.78
C PRO A 46 87.27 47.64 16.70
N LEU A 47 88.52 48.02 16.95
CA LEU A 47 88.89 49.07 17.94
C LEU A 47 90.15 49.85 17.53
N ASP A 48 90.16 51.09 18.00
CA ASP A 48 91.33 51.99 18.04
C ASP A 48 92.24 51.53 19.14
N PHE A 49 93.52 51.83 18.96
CA PHE A 49 94.61 51.80 19.97
C PHE A 49 94.95 50.35 20.38
N THR A 50 94.66 49.36 19.55
CA THR A 50 95.12 47.97 19.78
C THR A 50 96.59 47.85 19.32
N PHE A 51 97.19 46.67 19.50
CA PHE A 51 98.59 46.29 19.15
C PHE A 51 98.70 45.68 17.73
N VAL A 52 97.58 45.34 17.09
CA VAL A 52 97.48 44.98 15.65
C VAL A 52 97.85 46.24 14.88
N CYS A 53 98.87 46.16 14.05
CA CYS A 53 99.33 47.27 13.19
C CYS A 53 98.13 47.71 12.33
N PRO A 54 97.78 49.00 12.25
CA PRO A 54 96.63 49.41 11.44
C PRO A 54 96.77 49.59 9.92
N THR A 55 97.42 48.66 9.21
CA THR A 55 97.66 48.84 7.72
C THR A 55 96.34 48.85 6.93
N GLU A 56 95.30 48.20 7.45
CA GLU A 56 93.93 48.12 6.86
C GLU A 56 93.33 49.53 6.76
N ILE A 57 93.72 50.49 7.64
CA ILE A 57 93.31 51.93 7.62
C ILE A 57 94.32 52.79 6.83
N THR A 58 95.61 52.66 7.09
CA THR A 58 96.62 53.62 6.62
C THR A 58 96.91 53.38 5.14
N ALA A 59 96.70 52.16 4.64
CA ALA A 59 97.01 51.80 3.22
C ALA A 59 96.05 52.60 2.34
N PHE A 60 94.80 52.73 2.76
CA PHE A 60 93.76 53.48 2.03
C PHE A 60 94.07 54.98 2.13
N SER A 61 94.60 55.45 3.25
CA SER A 61 95.01 56.88 3.41
C SER A 61 96.10 57.23 2.40
N ASP A 62 97.12 56.40 2.35
CA ASP A 62 98.31 56.63 1.51
C ASP A 62 97.95 56.53 0.03
N ARG A 63 96.95 55.75 -0.34
CA ARG A 63 96.53 55.55 -1.75
C ARG A 63 95.17 56.21 -2.03
N TYR A 64 94.66 57.10 -1.18
CA TYR A 64 93.31 57.70 -1.28
C TYR A 64 93.08 58.31 -2.67
N LYS A 65 94.11 58.92 -3.24
CA LYS A 65 93.99 59.67 -4.51
C LYS A 65 93.50 58.73 -5.63
N GLU A 66 93.95 57.49 -5.62
CA GLU A 66 93.49 56.47 -6.58
C GLU A 66 91.95 56.32 -6.47
N PHE A 67 91.35 56.34 -5.27
CA PHE A 67 89.90 56.15 -5.12
C PHE A 67 89.21 57.44 -5.56
N LYS A 68 89.78 58.58 -5.21
CA LYS A 68 89.13 59.89 -5.44
C LYS A 68 89.04 60.10 -6.94
N ASP A 69 90.07 59.71 -7.67
CA ASP A 69 90.18 59.79 -9.16
C ASP A 69 89.19 58.83 -9.85
N ILE A 70 88.59 57.88 -9.15
CA ILE A 70 87.49 57.07 -9.76
C ILE A 70 86.19 57.26 -8.96
N ASN A 71 86.01 58.46 -8.42
CA ASN A 71 84.66 58.93 -8.01
C ASN A 71 84.13 58.05 -6.85
N THR A 72 85.00 57.78 -5.88
CA THR A 72 84.73 56.83 -4.77
C THR A 72 85.25 57.45 -3.49
N GLU A 73 84.38 57.47 -2.47
CA GLU A 73 84.73 57.95 -1.12
C GLU A 73 85.08 56.70 -0.33
N VAL A 74 85.92 56.86 0.67
CA VAL A 74 86.34 55.81 1.65
C VAL A 74 85.85 56.32 2.99
N LEU A 75 85.15 55.49 3.75
CA LEU A 75 84.78 55.73 5.17
C LEU A 75 85.21 54.52 6.04
N GLY A 76 85.93 54.77 7.15
CA GLY A 76 86.25 53.78 8.18
C GLY A 76 85.33 53.93 9.39
N VAL A 77 84.89 52.84 9.99
CA VAL A 77 83.95 52.86 11.12
C VAL A 77 84.52 51.93 12.16
N SER A 78 84.55 52.40 13.42
CA SER A 78 84.53 51.52 14.61
C SER A 78 83.55 52.07 15.64
N VAL A 79 83.37 51.30 16.69
CA VAL A 79 82.43 51.61 17.81
C VAL A 79 83.05 52.61 18.77
N ASP A 80 84.28 53.09 18.54
CA ASP A 80 84.92 54.12 19.38
C ASP A 80 84.27 55.52 19.10
N SER A 81 84.39 56.43 20.09
CA SER A 81 84.03 57.86 20.05
C SER A 81 84.88 58.66 19.04
N GLN A 82 84.32 59.78 18.58
CA GLN A 82 85.05 60.74 17.78
C GLN A 82 86.31 61.18 18.52
N PHE A 83 86.26 61.40 19.85
CA PHE A 83 87.46 61.80 20.63
C PHE A 83 88.52 60.70 20.59
N THR A 84 88.17 59.42 20.63
CA THR A 84 89.20 58.37 20.61
C THR A 84 89.84 58.42 19.20
N HIS A 85 89.01 58.61 18.17
CA HIS A 85 89.45 58.67 16.76
C HIS A 85 90.48 59.77 16.58
N LEU A 86 90.22 60.96 17.11
CA LEU A 86 91.10 62.16 16.93
C LEU A 86 92.42 61.91 17.67
N ALA A 87 92.39 61.40 18.89
CA ALA A 87 93.67 61.09 19.58
C ALA A 87 94.52 60.07 18.79
N TRP A 88 93.90 59.04 18.21
CA TRP A 88 94.58 57.99 17.39
C TRP A 88 95.17 58.55 16.10
N ILE A 89 94.38 59.37 15.38
CA ILE A 89 94.81 60.09 14.15
C ILE A 89 96.00 60.98 14.53
N GLN A 90 95.98 61.65 15.67
CA GLN A 90 97.08 62.54 16.11
C GLN A 90 98.22 61.80 16.84
N THR A 91 98.22 60.47 16.98
CA THR A 91 99.41 59.68 17.39
C THR A 91 100.16 59.28 16.10
N ASP A 92 101.45 59.51 16.02
CA ASP A 92 102.38 58.97 15.00
C ASP A 92 102.31 57.43 14.87
N ARG A 93 102.58 56.96 13.64
CA ARG A 93 102.55 55.51 13.27
C ARG A 93 103.60 54.70 14.06
N LYS A 94 104.78 55.29 14.28
CA LYS A 94 105.83 54.74 15.13
C LYS A 94 105.30 54.44 16.54
N GLU A 95 104.39 55.22 17.11
CA GLU A 95 103.96 55.11 18.54
C GLU A 95 102.64 54.36 18.64
N GLY A 96 102.18 53.76 17.54
CA GLY A 96 100.93 52.96 17.58
C GLY A 96 99.77 53.58 16.82
N GLY A 97 99.85 54.82 16.30
CA GLY A 97 98.65 55.47 15.73
C GLY A 97 98.57 55.45 14.20
N LEU A 98 97.73 56.34 13.64
CA LEU A 98 97.42 56.41 12.20
C LEU A 98 98.27 57.44 11.48
N GLY A 99 98.73 58.50 12.17
CA GLY A 99 99.19 59.71 11.48
C GLY A 99 98.05 60.43 10.75
N ASP A 100 98.30 61.50 10.01
CA ASP A 100 97.15 62.12 9.31
C ASP A 100 96.36 61.04 8.53
N LEU A 101 95.07 61.28 8.45
CA LEU A 101 94.14 60.42 7.72
C LEU A 101 93.42 61.29 6.68
N ALA A 102 93.38 60.77 5.46
CA ALA A 102 92.96 61.47 4.25
C ALA A 102 91.44 61.35 4.06
N TYR A 103 90.72 60.55 4.85
CA TYR A 103 89.27 60.25 4.62
C TYR A 103 88.55 60.20 5.97
N PRO A 104 87.21 60.33 6.08
CA PRO A 104 86.56 60.35 7.38
C PRO A 104 86.59 59.04 8.18
N LEU A 105 86.91 59.16 9.47
CA LEU A 105 86.85 58.04 10.44
C LEU A 105 85.61 58.27 11.32
N VAL A 106 84.60 57.45 11.09
CA VAL A 106 83.24 57.57 11.67
C VAL A 106 83.16 56.87 13.04
N ALA A 107 82.52 57.55 13.99
CA ALA A 107 82.29 57.00 15.35
C ALA A 107 80.89 56.36 15.46
N ASP A 108 80.85 55.03 15.65
CA ASP A 108 79.60 54.22 15.77
C ASP A 108 79.29 53.97 17.25
N LEU A 109 79.14 55.06 17.99
CA LEU A 109 79.24 55.06 19.47
C LEU A 109 78.06 54.30 20.04
N LYS A 110 76.91 54.42 19.41
CA LYS A 110 75.68 53.71 19.85
C LYS A 110 75.64 52.30 19.25
N LYS A 111 76.59 51.98 18.36
CA LYS A 111 76.81 50.64 17.75
C LYS A 111 75.75 50.31 16.69
N GLU A 112 74.99 51.31 16.24
CA GLU A 112 73.82 51.17 15.33
C GLU A 112 74.33 50.81 13.92
N ILE A 113 75.50 51.32 13.51
CA ILE A 113 75.95 51.12 12.12
C ILE A 113 76.47 49.71 11.97
N SER A 114 77.31 49.25 12.89
CA SER A 114 77.75 47.83 13.02
C SER A 114 76.56 46.86 12.98
N LYS A 115 75.54 47.14 13.79
CA LYS A 115 74.30 46.30 13.87
C LYS A 115 73.55 46.20 12.52
N ALA A 116 73.18 47.33 11.91
CA ALA A 116 72.47 47.43 10.62
C ALA A 116 73.25 46.72 9.49
N TYR A 117 74.58 46.72 9.51
CA TYR A 117 75.38 46.08 8.43
C TYR A 117 75.75 44.65 8.82
N GLY A 118 75.28 44.15 9.95
CA GLY A 118 75.41 42.72 10.24
C GLY A 118 76.77 42.31 10.73
N VAL A 119 77.57 43.24 11.31
CA VAL A 119 79.00 43.00 11.69
C VAL A 119 79.23 43.21 13.19
N LEU A 120 78.21 43.62 13.94
CA LEU A 120 78.30 43.75 15.42
C LEU A 120 78.43 42.36 16.04
N THR A 121 79.47 42.11 16.81
CA THR A 121 79.60 40.85 17.63
C THR A 121 78.99 41.05 19.03
N GLU A 122 78.91 39.95 19.78
CA GLU A 122 78.43 39.86 21.19
C GLU A 122 79.39 40.57 22.15
N ASP A 123 80.63 40.89 21.72
CA ASP A 123 81.62 41.58 22.58
C ASP A 123 81.45 43.10 22.45
N GLY A 124 80.53 43.57 21.60
CA GLY A 124 80.23 45.01 21.49
C GLY A 124 81.15 45.74 20.53
N ILE A 125 81.86 44.98 19.69
CA ILE A 125 82.74 45.44 18.59
C ILE A 125 82.34 44.78 17.26
N SER A 126 82.70 45.43 16.19
CA SER A 126 82.42 45.02 14.81
C SER A 126 83.49 44.00 14.37
N LEU A 127 83.15 43.13 13.42
CA LEU A 127 84.17 42.32 12.74
C LEU A 127 84.91 43.24 11.76
N ARG A 128 85.96 42.75 11.09
CA ARG A 128 86.57 43.48 9.95
C ARG A 128 85.70 43.25 8.73
N GLY A 129 85.21 44.31 8.10
CA GLY A 129 84.17 44.23 7.08
C GLY A 129 84.29 45.33 6.05
N LEU A 130 83.99 45.05 4.80
CA LEU A 130 84.15 46.08 3.80
C LEU A 130 82.99 45.92 2.83
N PHE A 131 82.45 47.05 2.38
CA PHE A 131 81.18 47.12 1.63
C PHE A 131 81.43 48.11 0.48
N ILE A 132 81.04 47.71 -0.72
CA ILE A 132 81.10 48.65 -1.84
C ILE A 132 79.66 49.01 -2.18
N ILE A 133 79.39 50.30 -2.13
CA ILE A 133 78.03 50.82 -2.31
C ILE A 133 78.11 51.71 -3.53
N ASP A 134 77.15 51.56 -4.45
CA ASP A 134 77.19 52.27 -5.76
C ASP A 134 76.56 53.65 -5.59
N LYS A 135 76.47 54.39 -6.68
CA LYS A 135 75.98 55.79 -6.84
C LYS A 135 74.51 55.92 -6.42
N GLU A 136 73.70 54.86 -6.48
CA GLU A 136 72.25 54.88 -6.15
C GLU A 136 72.07 54.42 -4.69
N GLY A 137 73.15 54.00 -4.02
CA GLY A 137 73.17 53.59 -2.61
C GLY A 137 72.88 52.10 -2.45
N VAL A 138 73.08 51.28 -3.47
CA VAL A 138 72.83 49.80 -3.34
C VAL A 138 74.14 49.10 -3.00
N VAL A 139 74.13 48.17 -2.05
CA VAL A 139 75.30 47.31 -1.70
C VAL A 139 75.55 46.28 -2.79
N GLN A 140 76.71 46.30 -3.43
CA GLN A 140 77.06 45.39 -4.57
C GLN A 140 78.06 44.31 -4.14
N HIS A 141 78.76 44.46 -3.00
CA HIS A 141 79.89 43.61 -2.58
C HIS A 141 79.99 43.65 -1.07
N ALA A 142 80.39 42.54 -0.47
CA ALA A 142 80.84 42.50 0.93
C ALA A 142 81.96 41.48 1.06
N THR A 143 82.95 41.83 1.85
CA THR A 143 84.01 40.95 2.34
C THR A 143 83.97 41.07 3.85
N ILE A 144 84.07 39.95 4.54
CA ILE A 144 83.94 40.01 6.01
C ILE A 144 84.89 38.96 6.55
N ASN A 145 85.78 39.40 7.44
CA ASN A 145 86.89 38.56 7.99
C ASN A 145 86.68 38.44 9.50
N ASN A 146 86.93 37.28 10.05
CA ASN A 146 86.85 37.04 11.51
C ASN A 146 88.16 37.47 12.16
N LEU A 147 89.30 37.42 11.45
CA LEU A 147 90.60 37.78 12.05
C LEU A 147 91.37 38.71 11.12
N ALA A 148 92.44 39.31 11.61
CA ALA A 148 93.37 40.17 10.83
C ALA A 148 94.27 39.30 9.94
N PHE A 149 93.79 39.01 8.74
CA PHE A 149 94.42 38.18 7.66
C PHE A 149 95.17 39.11 6.72
N GLY A 150 94.97 40.45 6.83
CA GLY A 150 95.38 41.42 5.80
C GLY A 150 94.36 41.55 4.67
N ARG A 151 93.85 42.74 4.45
CA ARG A 151 92.94 43.04 3.33
C ARG A 151 93.87 43.64 2.26
N SER A 152 93.69 43.32 0.98
CA SER A 152 94.54 43.86 -0.10
C SER A 152 93.83 45.10 -0.69
N VAL A 153 94.42 46.25 -0.59
CA VAL A 153 93.88 47.43 -1.28
C VAL A 153 93.81 47.15 -2.79
N ASP A 154 94.75 46.39 -3.37
CA ASP A 154 94.73 46.08 -4.82
C ASP A 154 93.45 45.29 -5.16
N GLU A 155 93.08 44.34 -4.30
CA GLU A 155 91.92 43.48 -4.57
C GLU A 155 90.71 44.37 -4.35
N THR A 156 90.60 45.13 -3.30
CA THR A 156 89.47 46.08 -3.14
C THR A 156 89.35 46.90 -4.44
N LYS A 157 90.47 47.46 -4.91
CA LYS A 157 90.48 48.37 -6.07
C LYS A 157 90.05 47.63 -7.36
N ARG A 158 90.49 46.39 -7.54
CA ARG A 158 90.10 45.56 -8.69
C ARG A 158 88.60 45.29 -8.66
N VAL A 159 88.06 44.90 -7.51
CA VAL A 159 86.60 44.64 -7.36
C VAL A 159 85.79 45.90 -7.68
N LEU A 160 86.21 47.06 -7.15
CA LEU A 160 85.52 48.35 -7.38
C LEU A 160 85.47 48.67 -8.87
N GLN A 161 86.59 48.57 -9.60
CA GLN A 161 86.66 48.84 -11.06
C GLN A 161 85.85 47.82 -11.86
N ALA A 162 85.80 46.57 -11.44
CA ALA A 162 84.93 45.56 -12.07
C ALA A 162 83.47 46.01 -11.93
N ILE A 163 83.07 46.55 -10.77
CA ILE A 163 81.65 46.90 -10.51
C ILE A 163 81.35 48.13 -11.36
N GLN A 164 82.25 49.13 -11.35
CA GLN A 164 82.10 50.35 -12.17
C GLN A 164 82.01 49.92 -13.64
N TYR A 165 82.80 48.90 -14.07
CA TYR A 165 82.81 48.51 -15.50
C TYR A 165 81.45 47.89 -15.87
N VAL A 166 80.96 47.02 -15.00
CA VAL A 166 79.68 46.30 -15.21
C VAL A 166 78.54 47.31 -15.23
N GLN A 167 78.57 48.33 -14.38
CA GLN A 167 77.39 49.26 -14.25
C GLN A 167 77.38 50.32 -15.36
N SER A 168 78.38 50.42 -16.21
CA SER A 168 78.31 51.24 -17.45
C SER A 168 78.00 50.42 -18.74
N ASN A 169 77.79 49.08 -18.67
CA ASN A 169 77.63 48.13 -19.80
C ASN A 169 76.87 46.86 -19.37
N LYS B 7 75.48 36.33 16.24
CA LYS B 7 74.51 37.00 15.25
C LYS B 7 75.14 36.85 13.87
N PRO B 8 76.36 37.42 13.59
CA PRO B 8 76.99 37.30 12.27
C PRO B 8 77.42 35.86 11.95
N LEU B 9 77.16 35.47 10.71
CA LEU B 9 77.57 34.14 10.20
C LEU B 9 79.09 33.97 10.33
N VAL B 10 79.86 34.98 9.90
CA VAL B 10 81.34 34.90 10.00
C VAL B 10 81.66 35.03 11.48
N GLY B 11 82.42 34.07 12.03
CA GLY B 11 82.85 34.05 13.44
C GLY B 11 82.18 32.93 14.18
N SER B 12 81.22 32.26 13.55
CA SER B 12 80.32 31.28 14.19
C SER B 12 80.48 29.92 13.50
N VAL B 13 79.89 28.87 14.07
CA VAL B 13 79.98 27.46 13.58
C VAL B 13 79.12 27.37 12.32
N ALA B 14 79.76 27.16 11.18
CA ALA B 14 79.16 26.90 9.86
C ALA B 14 77.91 26.05 10.00
N PRO B 15 76.73 26.50 9.48
CA PRO B 15 75.53 25.65 9.36
C PRO B 15 75.80 24.35 8.59
N ASP B 16 75.51 23.22 9.22
CA ASP B 16 75.76 21.88 8.66
C ASP B 16 74.68 21.62 7.61
N PHE B 17 74.95 20.82 6.58
CA PHE B 17 73.95 20.41 5.59
C PHE B 17 74.25 18.96 5.21
N LYS B 18 73.19 18.21 4.86
CA LYS B 18 73.22 16.88 4.22
C LYS B 18 72.57 17.10 2.86
N ALA B 19 73.26 16.84 1.74
CA ALA B 19 72.71 17.09 0.38
C ALA B 19 73.30 16.12 -0.67
N GLN B 20 72.59 16.02 -1.79
CA GLN B 20 73.10 15.29 -2.97
C GLN B 20 74.14 16.20 -3.64
N ALA B 21 75.18 15.56 -4.22
CA ALA B 21 76.29 16.22 -4.94
C ALA B 21 76.72 15.38 -6.14
N VAL B 22 77.37 15.96 -7.12
CA VAL B 22 78.03 15.19 -8.21
C VAL B 22 79.54 15.26 -8.04
N PHE B 23 80.14 14.07 -8.02
CA PHE B 23 81.59 13.85 -7.86
C PHE B 23 81.98 12.65 -8.72
N ASP B 24 82.99 12.86 -9.56
CA ASP B 24 83.49 11.86 -10.54
C ASP B 24 82.31 11.28 -11.34
N GLN B 25 81.41 12.16 -11.79
CA GLN B 25 80.19 11.89 -12.60
C GLN B 25 79.26 10.87 -11.91
N GLU B 26 79.15 10.85 -10.59
CA GLU B 26 78.24 9.96 -9.85
C GLU B 26 77.53 10.73 -8.74
N PHE B 27 76.36 10.26 -8.34
CA PHE B 27 75.58 10.88 -7.24
C PHE B 27 76.12 10.37 -5.90
N GLN B 28 76.35 11.26 -4.94
CA GLN B 28 76.66 10.82 -3.55
C GLN B 28 76.11 11.85 -2.56
N GLU B 29 75.99 11.47 -1.30
CA GLU B 29 75.52 12.35 -0.21
C GLU B 29 76.74 13.07 0.40
N ILE B 30 76.73 14.39 0.48
CA ILE B 30 77.83 15.18 1.10
C ILE B 30 77.33 15.61 2.46
N THR B 31 78.10 15.46 3.53
CA THR B 31 77.80 16.16 4.83
C THR B 31 78.92 17.16 5.11
N LEU B 32 78.62 18.47 5.21
CA LEU B 32 79.70 19.50 5.45
C LEU B 32 80.56 19.14 6.69
N SER B 33 79.95 18.68 7.78
CA SER B 33 80.67 18.30 9.02
C SER B 33 81.60 17.09 8.82
N LYS B 34 81.51 16.28 7.78
CA LYS B 34 82.48 15.18 7.58
C LYS B 34 83.81 15.73 7.00
N TYR B 35 83.88 17.04 6.72
CA TYR B 35 85.12 17.68 6.24
C TYR B 35 85.88 18.32 7.42
N ARG B 36 85.45 18.14 8.66
CA ARG B 36 86.27 18.62 9.82
C ARG B 36 87.63 17.93 9.73
N GLY B 37 88.71 18.64 10.11
CA GLY B 37 90.09 18.21 9.82
C GLY B 37 90.61 18.90 8.57
N LYS B 38 89.74 19.41 7.71
CA LYS B 38 90.16 20.01 6.41
C LYS B 38 89.57 21.40 6.37
N TYR B 39 90.22 22.32 5.68
CA TYR B 39 89.59 23.62 5.32
C TYR B 39 88.61 23.34 4.18
N VAL B 40 87.49 24.09 4.19
CA VAL B 40 86.48 24.06 3.09
C VAL B 40 86.34 25.45 2.51
N VAL B 41 86.52 25.56 1.21
CA VAL B 41 86.06 26.72 0.41
C VAL B 41 84.68 26.32 -0.10
N LEU B 42 83.64 26.99 0.39
CA LEU B 42 82.25 26.70 -0.03
C LEU B 42 81.78 27.90 -0.86
N PHE B 43 81.43 27.71 -2.15
CA PHE B 43 80.93 28.84 -2.96
C PHE B 43 79.57 28.50 -3.58
N PHE B 44 78.82 29.57 -3.82
CA PHE B 44 77.45 29.58 -4.36
C PHE B 44 77.55 30.36 -5.65
N TYR B 45 76.80 29.93 -6.65
CA TYR B 45 76.54 30.63 -7.92
C TYR B 45 75.05 30.43 -8.19
N PRO B 46 74.42 31.28 -9.05
CA PRO B 46 72.98 31.31 -9.22
C PRO B 46 72.41 30.04 -9.89
N LEU B 47 72.73 29.78 -11.16
CA LEU B 47 72.04 28.75 -12.00
C LEU B 47 73.04 28.04 -12.96
N ASP B 48 72.78 26.76 -13.26
CA ASP B 48 73.43 25.92 -14.30
C ASP B 48 72.91 26.33 -15.67
N PHE B 49 73.71 26.16 -16.73
CA PHE B 49 73.26 26.24 -18.16
C PHE B 49 72.84 27.68 -18.55
N THR B 50 73.42 28.73 -17.96
CA THR B 50 73.18 30.15 -18.36
C THR B 50 74.24 30.49 -19.44
N PHE B 51 74.25 31.72 -19.91
CA PHE B 51 75.17 32.15 -20.99
C PHE B 51 76.29 32.98 -20.37
N VAL B 52 76.30 33.08 -19.04
CA VAL B 52 77.50 33.56 -18.33
C VAL B 52 78.55 32.44 -18.38
N CYS B 53 79.76 32.75 -18.89
CA CYS B 53 80.94 31.86 -18.94
C CYS B 53 81.22 31.33 -17.53
N PRO B 54 81.30 30.03 -17.32
CA PRO B 54 81.44 29.53 -15.96
C PRO B 54 82.83 29.54 -15.34
N THR B 55 83.67 30.55 -15.56
CA THR B 55 85.08 30.53 -15.09
C THR B 55 85.15 30.51 -13.56
N GLU B 56 84.10 30.92 -12.85
CA GLU B 56 84.07 30.86 -11.36
C GLU B 56 84.12 29.39 -10.88
N ILE B 57 83.55 28.46 -11.64
CA ILE B 57 83.59 27.00 -11.31
C ILE B 57 84.85 26.38 -11.89
N THR B 58 85.17 26.64 -13.17
CA THR B 58 86.23 25.94 -13.95
C THR B 58 87.62 26.37 -13.50
N ALA B 59 87.81 27.63 -13.13
CA ALA B 59 89.12 28.07 -12.61
C ALA B 59 89.50 27.23 -11.38
N PHE B 60 88.59 27.02 -10.44
CA PHE B 60 88.90 26.18 -9.23
C PHE B 60 89.22 24.73 -9.62
N SER B 61 88.48 24.16 -10.57
CA SER B 61 88.68 22.77 -11.02
C SER B 61 90.09 22.63 -11.61
N ASP B 62 90.44 23.52 -12.52
CA ASP B 62 91.72 23.48 -13.27
C ASP B 62 92.83 23.63 -12.23
N ARG B 63 92.60 24.24 -11.07
CA ARG B 63 93.74 24.47 -10.13
C ARG B 63 93.56 23.67 -8.86
N TYR B 64 92.76 22.63 -8.92
CA TYR B 64 92.27 21.96 -7.74
C TYR B 64 93.42 21.31 -6.97
N LYS B 65 94.49 20.82 -7.63
CA LYS B 65 95.63 20.19 -6.91
C LYS B 65 96.17 21.23 -5.91
N GLU B 66 96.15 22.53 -6.21
CA GLU B 66 96.81 23.56 -5.37
C GLU B 66 96.05 23.65 -4.03
N PHE B 67 94.73 23.45 -4.02
CA PHE B 67 93.92 23.44 -2.78
C PHE B 67 94.09 22.11 -2.04
N LYS B 68 94.12 21.00 -2.76
CA LYS B 68 94.21 19.65 -2.17
C LYS B 68 95.52 19.55 -1.36
N ASP B 69 96.62 20.07 -1.89
CA ASP B 69 97.96 20.01 -1.29
C ASP B 69 98.07 20.98 -0.12
N ILE B 70 97.09 21.85 0.17
CA ILE B 70 97.05 22.59 1.49
C ILE B 70 95.74 22.25 2.24
N ASN B 71 95.40 20.99 2.23
CA ASN B 71 94.46 20.35 3.18
C ASN B 71 93.10 21.07 3.10
N THR B 72 92.68 21.36 1.85
CA THR B 72 91.46 22.14 1.52
C THR B 72 90.59 21.42 0.49
N GLU B 73 89.31 21.23 0.83
CA GLU B 73 88.24 20.82 -0.11
C GLU B 73 87.57 22.09 -0.69
N VAL B 74 87.12 21.98 -1.95
CA VAL B 74 86.29 22.97 -2.70
C VAL B 74 84.90 22.35 -2.91
N LEU B 75 83.84 23.06 -2.51
CA LEU B 75 82.42 22.65 -2.74
C LEU B 75 81.72 23.82 -3.41
N GLY B 76 81.21 23.60 -4.62
CA GLY B 76 80.34 24.57 -5.32
C GLY B 76 78.87 24.24 -5.08
N VAL B 77 78.00 25.23 -4.98
CA VAL B 77 76.57 25.04 -4.64
C VAL B 77 75.71 25.92 -5.54
N SER B 78 74.62 25.35 -6.05
CA SER B 78 73.47 26.12 -6.61
C SER B 78 72.16 25.39 -6.33
N VAL B 79 71.06 26.03 -6.66
CA VAL B 79 69.71 25.49 -6.33
C VAL B 79 69.25 24.46 -7.38
N ASP B 80 70.08 24.12 -8.36
CA ASP B 80 69.68 23.14 -9.38
C ASP B 80 69.82 21.74 -8.73
N SER B 81 69.16 20.76 -9.35
CA SER B 81 69.16 19.30 -9.04
C SER B 81 70.50 18.63 -9.40
N GLN B 82 70.74 17.50 -8.73
N GLN B 82 70.73 17.44 -8.81
CA GLN B 82 71.82 16.51 -9.01
CA GLN B 82 71.91 16.56 -9.08
C GLN B 82 71.83 16.19 -10.52
C GLN B 82 71.86 16.17 -10.57
N PHE B 83 70.66 15.91 -11.10
CA PHE B 83 70.51 15.57 -12.54
C PHE B 83 70.95 16.76 -13.46
N THR B 84 70.55 18.00 -13.17
CA THR B 84 71.05 19.18 -13.94
C THR B 84 72.56 19.31 -13.78
N HIS B 85 73.10 19.08 -12.58
CA HIS B 85 74.56 19.24 -12.33
C HIS B 85 75.34 18.26 -13.21
N LEU B 86 74.86 17.02 -13.30
CA LEU B 86 75.49 15.93 -14.08
C LEU B 86 75.41 16.30 -15.54
N ALA B 87 74.25 16.75 -16.02
CA ALA B 87 74.17 17.10 -17.47
C ALA B 87 75.15 18.24 -17.80
N TRP B 88 75.35 19.18 -16.86
CA TRP B 88 76.24 20.36 -17.07
C TRP B 88 77.71 19.92 -17.08
N ILE B 89 78.06 19.00 -16.17
CA ILE B 89 79.43 18.43 -16.11
C ILE B 89 79.72 17.64 -17.40
N GLN B 90 78.75 16.92 -17.95
CA GLN B 90 78.88 16.09 -19.20
C GLN B 90 78.73 16.92 -20.48
N THR B 91 78.51 18.22 -20.41
CA THR B 91 78.56 19.13 -21.59
C THR B 91 79.98 19.75 -21.68
N ASP B 92 80.59 19.71 -22.86
CA ASP B 92 81.91 20.30 -23.13
C ASP B 92 81.86 21.82 -22.89
N ARG B 93 82.98 22.38 -22.39
CA ARG B 93 83.18 23.83 -22.22
C ARG B 93 82.82 24.55 -23.53
N LYS B 94 83.30 24.01 -24.65
CA LYS B 94 83.04 24.60 -25.99
C LYS B 94 81.54 24.83 -26.20
N GLU B 95 80.65 23.98 -25.70
CA GLU B 95 79.18 24.10 -25.98
C GLU B 95 78.44 24.61 -24.75
N GLY B 96 79.08 25.34 -23.84
CA GLY B 96 78.41 25.92 -22.64
C GLY B 96 78.42 25.02 -21.40
N GLY B 97 79.18 23.92 -21.37
CA GLY B 97 79.32 23.07 -20.19
C GLY B 97 80.48 23.44 -19.28
N LEU B 98 80.75 22.55 -18.32
CA LEU B 98 81.81 22.61 -17.32
C LEU B 98 83.00 21.75 -17.78
N GLY B 99 82.79 20.68 -18.57
CA GLY B 99 83.76 19.59 -18.76
C GLY B 99 83.97 18.85 -17.46
N ASP B 100 84.95 17.96 -17.39
CA ASP B 100 85.17 17.12 -16.19
C ASP B 100 85.42 18.14 -15.08
N LEU B 101 84.76 17.96 -13.93
CA LEU B 101 84.94 18.79 -12.70
C LEU B 101 85.71 17.99 -11.62
N ALA B 102 86.71 18.59 -10.96
CA ALA B 102 87.60 17.93 -9.97
C ALA B 102 87.02 17.92 -8.55
N TYR B 103 85.91 18.59 -8.22
CA TYR B 103 85.42 18.71 -6.81
C TYR B 103 83.91 18.52 -6.84
N PRO B 104 83.23 18.22 -5.70
CA PRO B 104 81.78 18.02 -5.71
C PRO B 104 81.00 19.29 -6.03
N LEU B 105 79.91 19.11 -6.80
CA LEU B 105 78.93 20.17 -7.13
C LEU B 105 77.62 19.82 -6.41
N VAL B 106 77.24 20.64 -5.46
CA VAL B 106 76.17 20.30 -4.48
C VAL B 106 74.83 20.86 -4.98
N ALA B 107 73.80 20.03 -4.93
CA ALA B 107 72.41 20.42 -5.32
C ALA B 107 71.69 20.98 -4.10
N ASP B 108 71.40 22.28 -4.10
CA ASP B 108 70.59 22.93 -3.03
C ASP B 108 69.14 22.93 -3.52
N LEU B 109 68.59 21.76 -3.78
CA LEU B 109 67.24 21.64 -4.44
C LEU B 109 66.14 22.27 -3.55
N LYS B 110 66.22 22.14 -2.21
CA LYS B 110 65.23 22.77 -1.28
C LYS B 110 65.58 24.21 -0.99
N LYS B 111 66.78 24.68 -1.34
CA LYS B 111 67.21 26.08 -1.09
C LYS B 111 67.56 26.37 0.38
N GLU B 112 67.68 25.35 1.21
CA GLU B 112 67.98 25.45 2.67
C GLU B 112 69.44 25.89 2.92
N ILE B 113 70.38 25.50 2.07
CA ILE B 113 71.80 25.86 2.25
C ILE B 113 72.04 27.34 1.89
N SER B 114 71.59 27.75 0.70
CA SER B 114 71.51 29.17 0.30
C SER B 114 70.89 30.01 1.44
N LYS B 115 69.80 29.57 2.03
CA LYS B 115 69.10 30.38 3.07
C LYS B 115 69.93 30.47 4.35
N ALA B 116 70.48 29.32 4.83
CA ALA B 116 71.25 29.28 6.09
C ALA B 116 72.51 30.15 5.95
N TYR B 117 73.11 30.28 4.74
CA TYR B 117 74.34 31.08 4.48
C TYR B 117 74.01 32.52 4.05
N GLY B 118 72.75 32.97 4.19
CA GLY B 118 72.31 34.37 3.99
C GLY B 118 72.38 34.85 2.54
N VAL B 119 72.42 33.95 1.55
CA VAL B 119 72.67 34.30 0.12
C VAL B 119 71.45 34.04 -0.76
N LEU B 120 70.33 33.55 -0.21
CA LEU B 120 69.11 33.28 -1.03
C LEU B 120 68.39 34.60 -1.36
N THR B 121 68.10 34.87 -2.63
CA THR B 121 67.41 36.10 -3.08
C THR B 121 65.92 35.79 -3.16
N GLU B 122 65.09 36.80 -3.40
CA GLU B 122 63.61 36.65 -3.50
C GLU B 122 63.25 35.89 -4.78
N ASP B 123 64.20 35.69 -5.70
CA ASP B 123 64.02 35.11 -7.05
C ASP B 123 64.19 33.59 -7.02
N GLY B 124 64.64 33.05 -5.88
CA GLY B 124 64.75 31.61 -5.60
C GLY B 124 66.11 31.08 -6.01
N ILE B 125 67.08 31.95 -6.22
CA ILE B 125 68.48 31.57 -6.55
C ILE B 125 69.40 32.27 -5.56
N SER B 126 70.60 31.77 -5.45
CA SER B 126 71.64 32.40 -4.62
C SER B 126 72.35 33.49 -5.43
N LEU B 127 72.83 34.51 -4.69
CA LEU B 127 73.94 35.42 -5.05
C LEU B 127 75.25 34.64 -5.21
N ARG B 128 76.24 35.28 -5.85
CA ARG B 128 77.63 34.74 -5.84
C ARG B 128 78.22 34.99 -4.46
N GLY B 129 78.61 33.93 -3.80
CA GLY B 129 79.21 34.01 -2.47
C GLY B 129 80.28 32.95 -2.35
N LEU B 130 81.33 33.30 -1.60
CA LEU B 130 82.39 32.38 -1.18
C LEU B 130 82.61 32.50 0.33
N PHE B 131 82.94 31.40 0.98
CA PHE B 131 83.00 31.26 2.44
C PHE B 131 84.18 30.35 2.72
N ILE B 132 85.08 30.75 3.60
CA ILE B 132 86.15 29.81 4.05
C ILE B 132 85.84 29.29 5.44
N ILE B 133 85.76 27.98 5.53
CA ILE B 133 85.41 27.30 6.81
C ILE B 133 86.64 26.56 7.27
N ASP B 134 87.01 26.67 8.56
CA ASP B 134 88.27 26.08 9.08
C ASP B 134 88.07 24.63 9.53
N LYS B 135 89.14 24.00 10.00
CA LYS B 135 89.20 22.57 10.44
C LYS B 135 88.18 22.24 11.53
N GLU B 136 87.76 23.21 12.34
CA GLU B 136 86.79 23.02 13.46
C GLU B 136 85.40 23.44 12.95
N GLY B 137 85.26 23.81 11.69
CA GLY B 137 83.98 24.19 11.07
C GLY B 137 83.51 25.58 11.45
N VAL B 138 84.39 26.49 11.78
CA VAL B 138 84.04 27.91 12.06
C VAL B 138 84.17 28.69 10.75
N VAL B 139 83.28 29.63 10.46
CA VAL B 139 83.38 30.51 9.25
C VAL B 139 84.38 31.63 9.54
N GLN B 140 85.51 31.66 8.86
CA GLN B 140 86.56 32.69 9.06
C GLN B 140 86.46 33.80 8.00
N HIS B 141 85.85 33.58 6.85
CA HIS B 141 85.90 34.58 5.75
C HIS B 141 84.61 34.45 4.96
N ALA B 142 84.02 35.56 4.51
CA ALA B 142 82.93 35.59 3.53
C ALA B 142 83.12 36.70 2.50
N THR B 143 82.93 36.38 1.22
CA THR B 143 82.92 37.37 0.11
C THR B 143 81.59 37.20 -0.63
N ILE B 144 80.79 38.24 -0.76
CA ILE B 144 79.44 38.14 -1.36
C ILE B 144 79.30 39.22 -2.43
N ASN B 145 78.85 38.84 -3.64
CA ASN B 145 78.82 39.69 -4.85
C ASN B 145 77.41 39.68 -5.49
N ASN B 146 76.94 40.86 -5.84
CA ASN B 146 75.58 41.07 -6.37
C ASN B 146 75.59 40.77 -7.86
N LEU B 147 76.77 40.94 -8.47
CA LEU B 147 76.99 40.96 -9.93
C LEU B 147 78.15 40.04 -10.28
N ALA B 148 78.29 39.82 -11.57
CA ALA B 148 79.19 38.84 -12.23
C ALA B 148 80.43 39.54 -12.74
N PHE B 149 81.57 39.21 -12.18
CA PHE B 149 82.93 39.52 -12.72
C PHE B 149 83.92 38.48 -12.17
N GLY B 150 85.17 38.50 -12.66
CA GLY B 150 86.22 37.54 -12.29
C GLY B 150 86.45 37.47 -10.78
N ARG B 151 86.35 36.26 -10.23
CA ARG B 151 86.83 35.91 -8.88
C ARG B 151 88.32 35.62 -9.10
N SER B 152 89.20 36.27 -8.37
CA SER B 152 90.63 35.96 -8.47
C SER B 152 90.88 34.69 -7.66
N VAL B 153 91.16 33.57 -8.28
CA VAL B 153 91.61 32.35 -7.57
C VAL B 153 92.84 32.71 -6.74
N ASP B 154 93.75 33.53 -7.24
CA ASP B 154 94.99 33.87 -6.48
C ASP B 154 94.59 34.54 -5.16
N GLU B 155 93.52 35.34 -5.17
CA GLU B 155 93.15 36.13 -3.98
C GLU B 155 92.40 35.19 -3.03
N THR B 156 91.55 34.33 -3.54
CA THR B 156 90.99 33.28 -2.68
C THR B 156 92.10 32.48 -1.96
N LYS B 157 93.13 32.09 -2.70
CA LYS B 157 94.20 31.28 -2.11
C LYS B 157 95.00 32.16 -1.12
N ARG B 158 95.17 33.44 -1.43
CA ARG B 158 95.92 34.34 -0.50
C ARG B 158 95.20 34.29 0.87
N VAL B 159 93.88 34.52 0.87
CA VAL B 159 93.07 34.54 2.13
C VAL B 159 93.15 33.17 2.81
N LEU B 160 92.95 32.09 2.05
CA LEU B 160 93.00 30.73 2.62
C LEU B 160 94.30 30.54 3.40
N GLN B 161 95.42 30.84 2.78
CA GLN B 161 96.76 30.58 3.35
C GLN B 161 97.04 31.55 4.52
N ALA B 162 96.51 32.79 4.47
CA ALA B 162 96.54 33.77 5.57
C ALA B 162 95.78 33.20 6.77
N ILE B 163 94.61 32.58 6.57
CA ILE B 163 93.85 31.92 7.69
C ILE B 163 94.72 30.74 8.19
N GLN B 164 95.32 29.94 7.31
CA GLN B 164 96.22 28.81 7.70
C GLN B 164 97.40 29.33 8.54
N TYR B 165 98.04 30.40 8.08
CA TYR B 165 99.24 30.96 8.76
C TYR B 165 98.84 31.49 10.15
N VAL B 166 97.74 32.22 10.25
CA VAL B 166 97.31 32.80 11.55
C VAL B 166 96.96 31.66 12.53
N GLN B 167 96.41 30.55 12.05
CA GLN B 167 95.88 29.48 12.95
C GLN B 167 97.02 28.48 13.28
N SER B 168 98.21 28.60 12.66
CA SER B 168 99.42 27.76 12.91
C SER B 168 100.19 28.22 14.19
N ASN B 169 100.05 29.50 14.59
CA ASN B 169 100.95 30.31 15.49
C ASN B 169 100.63 30.05 16.97
N LYS C 7 37.14 24.37 -0.39
CA LYS C 7 38.48 23.81 -0.02
C LYS C 7 39.07 23.04 -1.21
N PRO C 8 38.31 22.21 -1.97
CA PRO C 8 38.96 21.41 -3.00
C PRO C 8 39.50 22.31 -4.11
N LEU C 9 40.73 22.01 -4.55
CA LEU C 9 41.28 22.57 -5.81
C LEU C 9 40.29 22.36 -6.96
N VAL C 10 39.85 21.13 -7.23
CA VAL C 10 38.94 20.82 -8.37
C VAL C 10 37.57 21.46 -8.08
N GLY C 11 37.05 22.20 -9.06
CA GLY C 11 35.75 22.89 -9.00
C GLY C 11 35.88 24.35 -8.56
N SER C 12 37.08 24.75 -8.10
CA SER C 12 37.47 26.15 -7.80
C SER C 12 38.19 26.73 -9.01
N VAL C 13 38.29 28.06 -9.07
CA VAL C 13 39.11 28.81 -10.09
C VAL C 13 40.58 28.41 -9.90
N ALA C 14 41.26 28.06 -10.99
CA ALA C 14 42.68 27.65 -10.98
C ALA C 14 43.52 28.82 -10.46
N PRO C 15 44.40 28.60 -9.46
CA PRO C 15 45.38 29.60 -9.07
C PRO C 15 46.11 30.11 -10.31
N ASP C 16 46.08 31.44 -10.51
CA ASP C 16 46.81 32.13 -11.62
C ASP C 16 48.30 32.07 -11.28
N PHE C 17 49.19 32.27 -12.25
CA PHE C 17 50.67 32.32 -12.07
C PHE C 17 51.29 33.06 -13.23
N LYS C 18 52.38 33.77 -12.95
CA LYS C 18 53.19 34.46 -13.97
C LYS C 18 54.63 33.96 -13.87
N ALA C 19 55.17 33.30 -14.89
CA ALA C 19 56.44 32.54 -14.83
C ALA C 19 57.17 32.60 -16.16
N GLN C 20 58.50 32.48 -16.09
CA GLN C 20 59.36 32.21 -17.27
C GLN C 20 58.99 30.84 -17.86
N ALA C 21 58.93 30.70 -19.18
CA ALA C 21 58.91 29.38 -19.86
C ALA C 21 59.79 29.39 -21.12
N VAL C 22 59.97 28.21 -21.72
CA VAL C 22 60.63 28.02 -23.03
C VAL C 22 59.56 27.63 -24.03
N PHE C 23 59.40 28.42 -25.09
CA PHE C 23 58.59 28.09 -26.29
C PHE C 23 59.40 28.49 -27.53
N ASP C 24 59.40 27.61 -28.52
CA ASP C 24 60.18 27.76 -29.78
C ASP C 24 61.59 28.25 -29.41
N GLN C 25 62.19 27.62 -28.40
CA GLN C 25 63.62 27.78 -28.00
C GLN C 25 63.93 29.23 -27.59
N GLU C 26 62.94 30.00 -27.16
CA GLU C 26 63.14 31.38 -26.62
C GLU C 26 62.44 31.49 -25.27
N PHE C 27 62.90 32.40 -24.44
CA PHE C 27 62.32 32.70 -23.12
C PHE C 27 61.14 33.63 -23.30
N GLN C 28 60.05 33.31 -22.61
CA GLN C 28 58.76 34.00 -22.71
C GLN C 28 58.11 34.01 -21.33
N GLU C 29 57.42 35.09 -20.98
CA GLU C 29 56.56 35.21 -19.78
C GLU C 29 55.18 34.64 -20.11
N ILE C 30 54.74 33.64 -19.35
CA ILE C 30 53.42 32.94 -19.49
C ILE C 30 52.56 33.34 -18.29
N THR C 31 51.32 33.80 -18.52
CA THR C 31 50.30 34.05 -17.46
C THR C 31 49.10 33.12 -17.71
N LEU C 32 48.80 32.24 -16.76
CA LEU C 32 47.75 31.22 -17.00
C LEU C 32 46.46 31.89 -17.48
N SER C 33 46.08 33.05 -16.93
CA SER C 33 44.74 33.65 -17.17
C SER C 33 44.65 34.22 -18.59
N LYS C 34 45.77 34.38 -19.30
CA LYS C 34 45.76 34.78 -20.74
C LYS C 34 45.25 33.63 -21.62
N TYR C 35 44.97 32.47 -21.04
CA TYR C 35 44.53 31.30 -21.82
C TYR C 35 43.01 31.18 -21.70
N ARG C 36 42.37 32.12 -21.01
CA ARG C 36 40.90 32.18 -20.88
C ARG C 36 40.36 32.28 -22.31
N GLY C 37 39.34 31.48 -22.64
CA GLY C 37 38.82 31.27 -24.02
C GLY C 37 39.25 29.92 -24.56
N LYS C 38 40.28 29.32 -23.91
CA LYS C 38 40.86 28.00 -24.26
C LYS C 38 40.90 27.09 -23.03
N TYR C 39 40.69 25.80 -23.27
CA TYR C 39 40.94 24.70 -22.31
C TYR C 39 42.45 24.60 -22.11
N VAL C 40 42.89 24.30 -20.91
CA VAL C 40 44.34 24.15 -20.62
C VAL C 40 44.55 22.75 -20.01
N VAL C 41 45.46 21.95 -20.60
CA VAL C 41 46.02 20.73 -19.97
C VAL C 41 47.31 21.19 -19.33
N LEU C 42 47.32 21.30 -18.02
CA LEU C 42 48.49 21.76 -17.24
C LEU C 42 49.01 20.53 -16.50
N PHE C 43 50.21 20.09 -16.81
CA PHE C 43 50.80 18.92 -16.10
C PHE C 43 52.14 19.32 -15.47
N PHE C 44 52.45 18.58 -14.40
CA PHE C 44 53.63 18.69 -13.51
C PHE C 44 54.39 17.39 -13.61
N TYR C 45 55.70 17.46 -13.72
CA TYR C 45 56.64 16.32 -13.62
C TYR C 45 57.76 16.74 -12.68
N PRO C 46 58.53 15.80 -12.09
CA PRO C 46 59.48 16.16 -11.03
C PRO C 46 60.71 16.99 -11.43
N LEU C 47 61.51 16.50 -12.38
CA LEU C 47 62.89 16.98 -12.67
C LEU C 47 63.24 16.76 -14.13
N ASP C 48 63.88 17.73 -14.77
CA ASP C 48 64.56 17.55 -16.09
C ASP C 48 65.79 16.67 -15.92
N PHE C 49 66.26 16.04 -17.00
CA PHE C 49 67.57 15.35 -17.17
C PHE C 49 67.72 14.14 -16.24
N THR C 50 66.62 13.52 -15.80
CA THR C 50 66.58 12.22 -15.07
C THR C 50 66.84 11.05 -16.05
N PHE C 51 66.99 9.79 -15.60
CA PHE C 51 67.15 8.58 -16.46
C PHE C 51 65.80 7.90 -16.71
N VAL C 52 64.70 8.53 -16.30
CA VAL C 52 63.34 8.12 -16.72
C VAL C 52 63.07 8.67 -18.13
N CYS C 53 62.63 7.83 -19.06
CA CYS C 53 62.18 8.23 -20.40
C CYS C 53 61.10 9.31 -20.24
N PRO C 54 61.17 10.46 -20.95
CA PRO C 54 60.15 11.50 -20.79
C PRO C 54 58.97 11.36 -21.77
N THR C 55 58.46 10.15 -21.95
CA THR C 55 57.21 9.83 -22.71
C THR C 55 56.02 10.73 -22.31
N GLU C 56 55.77 10.93 -21.02
CA GLU C 56 54.68 11.83 -20.55
C GLU C 56 54.82 13.25 -21.14
N ILE C 57 55.98 13.66 -21.70
CA ILE C 57 56.23 15.00 -22.33
C ILE C 57 56.36 14.88 -23.86
N THR C 58 57.04 13.88 -24.40
CA THR C 58 57.17 13.76 -25.88
C THR C 58 55.82 13.34 -26.49
N ALA C 59 54.98 12.57 -25.79
CA ALA C 59 53.73 12.08 -26.38
C ALA C 59 52.84 13.29 -26.70
N PHE C 60 52.76 14.27 -25.79
CA PHE C 60 51.95 15.50 -25.93
C PHE C 60 52.52 16.38 -27.08
N SER C 61 53.83 16.29 -27.32
CA SER C 61 54.54 17.05 -28.39
C SER C 61 54.15 16.53 -29.77
N ASP C 62 54.39 15.25 -30.03
CA ASP C 62 54.00 14.52 -31.27
C ASP C 62 52.50 14.70 -31.56
N ARG C 63 51.65 14.81 -30.55
CA ARG C 63 50.18 14.77 -30.79
C ARG C 63 49.58 16.16 -30.57
N TYR C 64 50.41 17.21 -30.52
CA TYR C 64 49.95 18.56 -30.10
C TYR C 64 48.79 18.98 -30.99
N LYS C 65 48.83 18.60 -32.27
CA LYS C 65 47.82 19.03 -33.26
C LYS C 65 46.43 18.59 -32.78
N GLU C 66 46.32 17.39 -32.22
CA GLU C 66 45.01 16.83 -31.79
C GLU C 66 44.36 17.76 -30.76
N PHE C 67 45.18 18.41 -29.93
CA PHE C 67 44.76 19.27 -28.78
C PHE C 67 44.45 20.69 -29.30
N LYS C 68 45.32 21.25 -30.15
CA LYS C 68 45.10 22.59 -30.76
C LYS C 68 43.80 22.60 -31.59
N ASP C 69 43.45 21.50 -32.27
CA ASP C 69 42.23 21.37 -33.13
C ASP C 69 40.95 21.33 -32.28
N ILE C 70 41.03 21.13 -30.96
CA ILE C 70 39.86 21.23 -30.06
C ILE C 70 40.08 22.36 -29.05
N ASN C 71 40.70 23.44 -29.48
CA ASN C 71 40.78 24.72 -28.72
C ASN C 71 41.47 24.44 -27.39
N THR C 72 42.65 23.84 -27.38
CA THR C 72 43.31 23.41 -26.12
C THR C 72 44.82 23.64 -26.19
N GLU C 73 45.33 24.51 -25.30
CA GLU C 73 46.77 24.66 -25.01
C GLU C 73 47.22 23.56 -24.06
N VAL C 74 48.52 23.23 -24.06
CA VAL C 74 49.21 22.31 -23.12
C VAL C 74 50.38 23.09 -22.53
N LEU C 75 50.59 22.97 -21.22
CA LEU C 75 51.73 23.53 -20.44
C LEU C 75 52.24 22.46 -19.50
N GLY C 76 53.49 22.07 -19.67
CA GLY C 76 54.24 21.27 -18.69
C GLY C 76 55.00 22.15 -17.71
N VAL C 77 55.12 21.67 -16.49
CA VAL C 77 55.73 22.45 -15.38
C VAL C 77 56.64 21.54 -14.56
N SER C 78 57.88 21.96 -14.32
CA SER C 78 58.83 21.39 -13.32
C SER C 78 59.43 22.56 -12.51
N VAL C 79 60.08 22.23 -11.40
CA VAL C 79 60.69 23.25 -10.51
C VAL C 79 62.05 23.66 -11.04
N ASP C 80 62.55 23.10 -12.14
CA ASP C 80 63.85 23.48 -12.78
C ASP C 80 63.78 24.90 -13.40
N SER C 81 64.94 25.56 -13.60
CA SER C 81 65.05 26.90 -14.25
C SER C 81 64.68 26.83 -15.73
N GLN C 82 64.40 27.99 -16.31
CA GLN C 82 64.13 28.16 -17.74
C GLN C 82 65.40 27.73 -18.54
N PHE C 83 66.59 27.99 -18.02
CA PHE C 83 67.86 27.66 -18.72
C PHE C 83 68.00 26.14 -18.74
N THR C 84 67.63 25.47 -17.65
CA THR C 84 67.63 23.97 -17.58
C THR C 84 66.68 23.44 -18.68
N HIS C 85 65.48 24.00 -18.78
CA HIS C 85 64.46 23.62 -19.78
C HIS C 85 65.07 23.70 -21.19
N LEU C 86 65.71 24.81 -21.52
CA LEU C 86 66.21 25.08 -22.87
C LEU C 86 67.33 24.07 -23.17
N ALA C 87 68.22 23.78 -22.21
CA ALA C 87 69.28 22.76 -22.43
C ALA C 87 68.66 21.37 -22.66
N TRP C 88 67.49 21.07 -22.06
CA TRP C 88 66.83 19.74 -22.16
C TRP C 88 66.07 19.68 -23.50
N ILE C 89 65.52 20.80 -23.96
CA ILE C 89 64.83 20.88 -25.27
C ILE C 89 65.85 20.72 -26.42
N GLN C 90 67.06 21.25 -26.25
CA GLN C 90 68.09 21.26 -27.31
C GLN C 90 68.98 20.03 -27.21
N THR C 91 68.68 19.09 -26.30
CA THR C 91 69.27 17.73 -26.26
C THR C 91 68.34 16.78 -27.05
N ASP C 92 68.87 16.01 -27.98
CA ASP C 92 68.10 15.07 -28.83
C ASP C 92 67.54 13.96 -27.95
N ARG C 93 66.45 13.34 -28.42
CA ARG C 93 65.78 12.20 -27.75
C ARG C 93 66.76 11.03 -27.62
N LYS C 94 67.58 10.84 -28.66
CA LYS C 94 68.70 9.86 -28.72
C LYS C 94 69.63 10.06 -27.51
N GLU C 95 70.06 11.28 -27.15
CA GLU C 95 71.12 11.50 -26.11
C GLU C 95 70.48 11.79 -24.72
N GLY C 96 69.21 11.43 -24.48
CA GLY C 96 68.55 11.58 -23.16
C GLY C 96 67.64 12.80 -23.02
N GLY C 97 67.23 13.47 -24.10
CA GLY C 97 66.54 14.77 -24.07
C GLY C 97 65.12 14.73 -24.59
N LEU C 98 64.58 15.91 -24.85
CA LEU C 98 63.20 16.15 -25.33
C LEU C 98 63.14 16.24 -26.84
N GLY C 99 64.14 16.86 -27.46
CA GLY C 99 64.05 17.35 -28.85
C GLY C 99 63.14 18.56 -28.90
N ASP C 100 62.95 19.08 -30.13
CA ASP C 100 61.93 20.12 -30.48
C ASP C 100 60.63 19.81 -29.72
N LEU C 101 60.06 20.79 -29.03
CA LEU C 101 58.80 20.65 -28.24
C LEU C 101 57.74 21.66 -28.73
N ALA C 102 56.51 21.19 -29.00
CA ALA C 102 55.44 21.95 -29.66
C ALA C 102 54.66 22.89 -28.71
N TYR C 103 54.95 22.89 -27.40
CA TYR C 103 54.16 23.68 -26.42
C TYR C 103 55.09 24.23 -25.34
N PRO C 104 54.68 25.27 -24.58
CA PRO C 104 55.56 25.86 -23.58
C PRO C 104 55.94 24.91 -22.43
N LEU C 105 57.20 24.97 -22.02
CA LEU C 105 57.67 24.32 -20.77
C LEU C 105 57.99 25.39 -19.73
N VAL C 106 57.36 25.28 -18.56
CA VAL C 106 57.35 26.36 -17.52
C VAL C 106 58.35 26.07 -16.39
N ALA C 107 59.10 27.11 -15.99
CA ALA C 107 60.04 27.14 -14.85
C ALA C 107 59.27 27.47 -13.59
N ASP C 108 59.10 26.52 -12.67
CA ASP C 108 58.49 26.81 -11.35
C ASP C 108 59.61 26.93 -10.33
N LEU C 109 60.49 27.88 -10.54
CA LEU C 109 61.81 27.99 -9.84
C LEU C 109 61.62 28.39 -8.37
N LYS C 110 60.57 29.12 -8.01
CA LYS C 110 60.29 29.49 -6.61
C LYS C 110 59.42 28.43 -5.93
N LYS C 111 58.88 27.48 -6.71
CA LYS C 111 58.04 26.33 -6.27
C LYS C 111 56.61 26.82 -5.96
N GLU C 112 56.29 28.09 -6.26
CA GLU C 112 54.99 28.73 -5.94
C GLU C 112 53.87 28.00 -6.69
N ILE C 113 54.12 27.48 -7.89
CA ILE C 113 53.05 26.88 -8.73
C ILE C 113 52.73 25.49 -8.20
N SER C 114 53.77 24.68 -8.03
CA SER C 114 53.64 23.32 -7.46
C SER C 114 52.90 23.37 -6.09
N LYS C 115 53.28 24.30 -5.21
CA LYS C 115 52.63 24.49 -3.90
C LYS C 115 51.14 24.84 -4.07
N ALA C 116 50.81 25.79 -4.92
CA ALA C 116 49.42 26.25 -5.02
C ALA C 116 48.54 25.20 -5.71
N TYR C 117 49.07 24.28 -6.53
CA TYR C 117 48.29 23.14 -7.13
C TYR C 117 48.31 21.89 -6.24
N GLY C 118 48.91 21.93 -5.05
CA GLY C 118 48.85 20.83 -4.06
C GLY C 118 49.80 19.68 -4.32
N VAL C 119 50.91 19.84 -5.07
CA VAL C 119 51.74 18.70 -5.61
C VAL C 119 53.24 18.85 -5.29
N LEU C 120 53.60 19.86 -4.50
CA LEU C 120 54.99 20.06 -4.00
C LEU C 120 55.27 19.08 -2.85
N THR C 121 56.24 18.16 -3.01
CA THR C 121 56.65 17.20 -1.94
C THR C 121 57.69 17.91 -1.06
N GLU C 122 57.96 17.30 0.09
CA GLU C 122 58.95 17.84 1.04
C GLU C 122 60.35 17.66 0.45
N ASP C 123 60.49 17.04 -0.74
CA ASP C 123 61.82 16.87 -1.37
C ASP C 123 62.16 18.13 -2.18
N GLY C 124 61.19 19.00 -2.42
CA GLY C 124 61.38 20.24 -3.21
C GLY C 124 61.04 20.10 -4.68
N ILE C 125 60.48 18.93 -5.10
CA ILE C 125 60.00 18.62 -6.49
C ILE C 125 58.50 18.41 -6.46
N SER C 126 57.87 18.53 -7.63
CA SER C 126 56.45 18.22 -7.79
C SER C 126 56.24 16.71 -7.97
N LEU C 127 55.10 16.22 -7.53
CA LEU C 127 54.59 14.90 -7.94
C LEU C 127 54.29 14.93 -9.43
N ARG C 128 53.97 13.76 -9.98
CA ARG C 128 53.42 13.67 -11.34
C ARG C 128 51.94 13.97 -11.23
N GLY C 129 51.49 15.04 -11.89
CA GLY C 129 50.13 15.59 -11.74
C GLY C 129 49.61 16.17 -13.04
N LEU C 130 48.29 16.11 -13.30
CA LEU C 130 47.64 16.71 -14.49
C LEU C 130 46.33 17.42 -14.13
N PHE C 131 46.14 18.62 -14.66
CA PHE C 131 44.95 19.45 -14.37
C PHE C 131 44.33 19.90 -15.68
N ILE C 132 43.05 19.69 -15.88
CA ILE C 132 42.35 20.27 -17.04
C ILE C 132 41.56 21.46 -16.52
N ILE C 133 41.69 22.58 -17.21
CA ILE C 133 41.15 23.91 -16.85
C ILE C 133 40.31 24.37 -18.03
N ASP C 134 39.04 24.69 -17.80
CA ASP C 134 38.09 25.14 -18.86
C ASP C 134 38.36 26.60 -19.24
N LYS C 135 37.55 27.10 -20.19
CA LYS C 135 37.69 28.43 -20.81
C LYS C 135 37.51 29.57 -19.80
N GLU C 136 36.81 29.35 -18.69
CA GLU C 136 36.50 30.45 -17.73
C GLU C 136 37.46 30.38 -16.55
N GLY C 137 38.45 29.47 -16.61
CA GLY C 137 39.60 29.36 -15.68
C GLY C 137 39.32 28.50 -14.45
N VAL C 138 38.39 27.54 -14.53
CA VAL C 138 37.99 26.65 -13.41
C VAL C 138 38.58 25.25 -13.64
N VAL C 139 39.20 24.66 -12.63
CA VAL C 139 39.76 23.28 -12.67
C VAL C 139 38.57 22.32 -12.78
N GLN C 140 38.52 21.45 -13.79
CA GLN C 140 37.41 20.46 -13.87
C GLN C 140 37.89 19.05 -13.54
N HIS C 141 39.20 18.82 -13.57
CA HIS C 141 39.83 17.49 -13.52
C HIS C 141 41.26 17.58 -12.96
N ALA C 142 41.66 16.55 -12.21
CA ALA C 142 42.97 16.39 -11.55
C ALA C 142 43.29 14.90 -11.48
N THR C 143 44.46 14.51 -11.98
CA THR C 143 45.04 13.15 -11.89
C THR C 143 46.34 13.37 -11.16
N ILE C 144 46.58 12.71 -10.05
CA ILE C 144 47.89 12.87 -9.37
C ILE C 144 48.48 11.49 -9.10
N ASN C 145 49.73 11.25 -9.52
CA ASN C 145 50.47 9.97 -9.35
C ASN C 145 51.72 10.16 -8.46
N ASN C 146 51.95 9.27 -7.49
CA ASN C 146 53.20 9.18 -6.67
C ASN C 146 54.38 8.64 -7.50
N LEU C 147 54.11 7.77 -8.47
CA LEU C 147 55.11 6.90 -9.17
C LEU C 147 55.05 7.16 -10.67
N ALA C 148 56.10 6.77 -11.40
CA ALA C 148 56.22 6.92 -12.87
C ALA C 148 55.67 5.68 -13.58
N PHE C 149 54.57 5.83 -14.32
CA PHE C 149 54.12 4.87 -15.35
C PHE C 149 53.63 5.73 -16.53
N GLY C 150 52.92 5.12 -17.48
CA GLY C 150 52.17 5.84 -18.53
C GLY C 150 51.20 6.85 -17.94
N ARG C 151 51.20 8.04 -18.55
CA ARG C 151 50.05 8.96 -18.68
C ARG C 151 49.49 8.60 -20.05
N SER C 152 48.24 8.15 -20.14
CA SER C 152 47.65 7.80 -21.45
C SER C 152 47.16 9.11 -22.06
N VAL C 153 47.74 9.51 -23.19
CA VAL C 153 47.33 10.75 -23.90
C VAL C 153 45.94 10.49 -24.48
N ASP C 154 45.64 9.25 -24.87
CA ASP C 154 44.26 8.79 -25.21
C ASP C 154 43.32 9.11 -24.03
N GLU C 155 43.68 8.72 -22.81
CA GLU C 155 42.81 8.94 -21.63
C GLU C 155 42.68 10.44 -21.35
N THR C 156 43.76 11.21 -21.42
CA THR C 156 43.64 12.68 -21.23
C THR C 156 42.66 13.23 -22.29
N LYS C 157 42.86 12.85 -23.55
CA LYS C 157 42.04 13.41 -24.66
C LYS C 157 40.58 13.02 -24.39
N ARG C 158 40.33 11.80 -23.92
CA ARG C 158 38.95 11.32 -23.62
C ARG C 158 38.30 12.25 -22.59
N VAL C 159 39.02 12.58 -21.52
CA VAL C 159 38.43 13.24 -20.32
C VAL C 159 38.17 14.68 -20.75
N LEU C 160 39.15 15.24 -21.45
CA LEU C 160 39.05 16.59 -22.06
C LEU C 160 37.79 16.67 -22.93
N GLN C 161 37.59 15.75 -23.88
CA GLN C 161 36.49 15.84 -24.89
C GLN C 161 35.12 15.61 -24.21
N ALA C 162 35.06 14.76 -23.17
CA ALA C 162 33.87 14.55 -22.33
C ALA C 162 33.59 15.83 -21.55
N ILE C 163 34.63 16.55 -21.09
CA ILE C 163 34.43 17.84 -20.39
C ILE C 163 33.89 18.87 -21.40
N GLN C 164 34.32 18.82 -22.67
CA GLN C 164 33.91 19.76 -23.76
C GLN C 164 32.47 19.51 -24.16
N TYR C 165 32.08 18.25 -24.30
CA TYR C 165 30.71 17.82 -24.70
C TYR C 165 29.72 18.22 -23.58
N VAL C 166 30.06 17.94 -22.32
CA VAL C 166 29.21 18.29 -21.16
C VAL C 166 29.01 19.82 -21.08
N GLN C 167 29.98 20.65 -21.48
CA GLN C 167 29.94 22.12 -21.21
C GLN C 167 29.24 22.88 -22.37
N SER C 168 28.75 22.18 -23.42
CA SER C 168 27.75 22.70 -24.41
C SER C 168 26.31 22.42 -23.93
N ASN C 169 26.08 21.19 -23.47
CA ASN C 169 24.76 20.51 -23.25
C ASN C 169 24.60 20.15 -21.76
N LYS D 7 52.59 17.23 3.01
CA LYS D 7 51.42 18.09 2.65
C LYS D 7 50.49 17.31 1.71
N PRO D 8 50.84 16.99 0.43
CA PRO D 8 49.86 16.46 -0.53
C PRO D 8 49.29 15.11 -0.06
N LEU D 9 48.03 14.83 -0.40
CA LEU D 9 47.37 13.55 -0.01
C LEU D 9 48.06 12.37 -0.70
N VAL D 10 48.23 12.43 -2.01
CA VAL D 10 48.99 11.38 -2.76
C VAL D 10 50.45 11.36 -2.27
N GLY D 11 50.98 10.16 -1.99
CA GLY D 11 52.29 9.97 -1.32
C GLY D 11 52.14 9.79 0.19
N SER D 12 51.10 10.30 0.83
CA SER D 12 50.96 10.23 2.30
C SER D 12 50.14 8.98 2.64
N VAL D 13 50.21 8.55 3.89
CA VAL D 13 49.43 7.38 4.39
C VAL D 13 47.93 7.76 4.38
N ALA D 14 47.04 6.86 3.96
CA ALA D 14 45.59 7.12 3.78
C ALA D 14 44.94 7.46 5.11
N PRO D 15 44.23 8.61 5.26
CA PRO D 15 43.47 8.91 6.47
C PRO D 15 42.53 7.74 6.76
N ASP D 16 42.54 7.23 7.98
CA ASP D 16 41.70 6.06 8.38
C ASP D 16 40.30 6.58 8.73
N PHE D 17 39.32 5.69 8.70
CA PHE D 17 37.89 5.98 8.97
C PHE D 17 37.24 4.71 9.48
N LYS D 18 36.34 4.85 10.46
CA LYS D 18 35.46 3.80 11.04
C LYS D 18 34.05 4.24 10.62
N ALA D 19 33.37 3.54 9.73
CA ALA D 19 32.03 3.98 9.28
C ALA D 19 31.10 2.82 8.95
N GLN D 20 29.80 3.08 8.93
CA GLN D 20 28.79 2.06 8.54
C GLN D 20 28.85 1.84 7.02
N ALA D 21 28.49 0.64 6.55
CA ALA D 21 28.51 0.26 5.12
C ALA D 21 27.41 -0.76 4.83
N VAL D 22 27.36 -1.25 3.58
CA VAL D 22 26.32 -2.23 3.11
C VAL D 22 26.99 -3.22 2.14
N PHE D 23 27.19 -4.44 2.63
CA PHE D 23 27.58 -5.61 1.83
C PHE D 23 26.50 -6.67 1.99
N ASP D 24 26.10 -7.28 0.88
CA ASP D 24 25.18 -8.45 0.85
C ASP D 24 23.84 -8.06 1.47
N GLN D 25 23.40 -6.81 1.31
CA GLN D 25 22.09 -6.31 1.83
C GLN D 25 22.02 -6.49 3.36
N GLU D 26 23.15 -6.34 4.05
CA GLU D 26 23.23 -6.20 5.53
C GLU D 26 24.13 -5.00 5.89
N PHE D 27 23.95 -4.43 7.08
CA PHE D 27 24.79 -3.37 7.68
C PHE D 27 26.02 -3.97 8.36
N GLN D 28 27.17 -3.33 8.18
CA GLN D 28 28.39 -3.70 8.94
C GLN D 28 29.28 -2.46 9.06
N GLU D 29 29.88 -2.28 10.23
CA GLU D 29 30.97 -1.31 10.41
C GLU D 29 32.14 -1.78 9.56
N ILE D 30 32.73 -0.93 8.74
CA ILE D 30 33.99 -1.27 8.01
C ILE D 30 35.09 -0.30 8.45
N THR D 31 36.35 -0.73 8.39
CA THR D 31 37.54 0.08 8.75
C THR D 31 38.54 -0.05 7.61
N LEU D 32 38.93 1.04 6.98
CA LEU D 32 39.96 1.05 5.88
C LEU D 32 41.18 0.20 6.26
N SER D 33 41.91 0.56 7.33
CA SER D 33 43.18 -0.09 7.78
C SER D 33 43.06 -1.61 7.93
N LYS D 34 41.86 -2.16 8.16
CA LYS D 34 41.65 -3.63 8.21
C LYS D 34 41.63 -4.17 6.77
N TYR D 35 42.34 -3.52 5.84
CA TYR D 35 42.47 -3.95 4.42
C TYR D 35 43.97 -4.00 4.03
N ARG D 36 44.87 -3.86 5.00
CA ARG D 36 46.34 -3.75 4.74
C ARG D 36 46.83 -5.13 4.29
N GLY D 37 47.48 -5.20 3.11
CA GLY D 37 47.81 -6.48 2.46
C GLY D 37 46.89 -6.78 1.27
N LYS D 38 45.77 -6.05 1.13
CA LYS D 38 45.03 -5.86 -0.15
C LYS D 38 45.31 -4.42 -0.68
N TYR D 39 45.23 -4.21 -2.01
CA TYR D 39 45.10 -2.88 -2.66
C TYR D 39 43.64 -2.42 -2.51
N VAL D 40 43.38 -1.14 -2.32
CA VAL D 40 41.99 -0.61 -2.22
C VAL D 40 41.76 0.42 -3.32
N VAL D 41 40.69 0.27 -4.11
CA VAL D 41 40.10 1.32 -4.98
C VAL D 41 38.99 1.98 -4.17
N LEU D 42 39.26 3.15 -3.60
CA LEU D 42 38.30 3.92 -2.78
C LEU D 42 37.75 5.03 -3.65
N PHE D 43 36.45 5.02 -3.92
CA PHE D 43 35.87 6.09 -4.76
C PHE D 43 34.66 6.71 -4.07
N PHE D 44 34.41 7.95 -4.44
CA PHE D 44 33.40 8.87 -3.87
C PHE D 44 32.51 9.28 -5.01
N TYR D 45 31.23 9.50 -4.72
CA TYR D 45 30.23 10.02 -5.68
C TYR D 45 29.29 10.93 -4.90
N PRO D 46 28.66 11.90 -5.57
CA PRO D 46 27.87 12.94 -4.91
C PRO D 46 26.74 12.43 -4.00
N LEU D 47 25.73 11.76 -4.59
CA LEU D 47 24.43 11.45 -3.93
C LEU D 47 23.77 10.20 -4.53
N ASP D 48 23.09 9.46 -3.65
CA ASP D 48 22.18 8.35 -4.00
C ASP D 48 20.94 8.91 -4.68
N PHE D 49 20.32 8.12 -5.57
CA PHE D 49 18.95 8.33 -6.11
C PHE D 49 18.93 9.61 -6.96
N THR D 50 19.99 9.92 -7.69
CA THR D 50 19.97 11.04 -8.68
C THR D 50 19.49 10.55 -10.05
N PHE D 51 19.26 11.49 -10.97
CA PHE D 51 18.85 11.25 -12.38
C PHE D 51 20.08 11.02 -13.25
N VAL D 52 21.27 11.15 -12.68
CA VAL D 52 22.54 10.71 -13.32
C VAL D 52 22.57 9.18 -13.32
N CYS D 53 22.77 8.54 -14.47
CA CYS D 53 22.89 7.06 -14.60
C CYS D 53 24.08 6.59 -13.76
N PRO D 54 23.94 5.60 -12.86
CA PRO D 54 25.05 5.22 -11.98
C PRO D 54 26.05 4.24 -12.65
N THR D 55 26.49 4.53 -13.88
CA THR D 55 27.48 3.71 -14.62
C THR D 55 28.71 3.47 -13.75
N GLU D 56 29.23 4.52 -13.09
CA GLU D 56 30.54 4.45 -12.37
C GLU D 56 30.47 3.30 -11.34
N ILE D 57 29.39 3.27 -10.55
CA ILE D 57 29.12 2.28 -9.46
C ILE D 57 28.83 0.89 -10.04
N THR D 58 27.92 0.75 -11.01
CA THR D 58 27.46 -0.58 -11.52
C THR D 58 28.57 -1.27 -12.34
N ALA D 59 29.33 -0.54 -13.15
CA ALA D 59 30.37 -1.13 -14.03
C ALA D 59 31.48 -1.78 -13.19
N PHE D 60 31.84 -1.17 -12.06
CA PHE D 60 32.79 -1.74 -11.07
C PHE D 60 32.22 -3.03 -10.45
N SER D 61 30.91 -3.07 -10.20
CA SER D 61 30.20 -4.24 -9.63
C SER D 61 30.31 -5.40 -10.64
N ASP D 62 29.86 -5.12 -11.87
CA ASP D 62 29.78 -6.08 -12.99
C ASP D 62 31.15 -6.67 -13.34
N ARG D 63 32.24 -5.97 -13.04
CA ARG D 63 33.61 -6.48 -13.36
C ARG D 63 34.37 -6.73 -12.05
N TYR D 64 33.72 -6.73 -10.90
CA TYR D 64 34.40 -6.89 -9.58
C TYR D 64 35.28 -8.13 -9.63
N LYS D 65 34.82 -9.21 -10.29
CA LYS D 65 35.58 -10.49 -10.48
C LYS D 65 37.06 -10.12 -10.69
N GLU D 66 37.36 -9.29 -11.72
CA GLU D 66 38.71 -8.91 -12.22
C GLU D 66 39.55 -8.28 -11.10
N PHE D 67 38.91 -7.54 -10.20
CA PHE D 67 39.56 -6.83 -9.07
C PHE D 67 39.85 -7.82 -7.93
N LYS D 68 38.86 -8.62 -7.48
CA LYS D 68 39.04 -9.78 -6.56
C LYS D 68 40.30 -10.54 -7.02
N ASP D 69 40.42 -10.80 -8.33
CA ASP D 69 41.45 -11.68 -8.95
C ASP D 69 42.86 -11.07 -9.00
N ILE D 70 43.08 -9.79 -8.69
CA ILE D 70 44.46 -9.20 -8.63
C ILE D 70 44.62 -8.53 -7.28
N ASN D 71 43.99 -9.14 -6.27
CA ASN D 71 44.14 -8.84 -4.81
C ASN D 71 43.73 -7.39 -4.56
N THR D 72 42.52 -7.00 -4.98
CA THR D 72 42.04 -5.59 -4.85
C THR D 72 40.62 -5.58 -4.29
N GLU D 73 40.34 -4.68 -3.34
CA GLU D 73 38.96 -4.35 -2.89
C GLU D 73 38.50 -3.04 -3.53
N VAL D 74 37.19 -2.91 -3.70
CA VAL D 74 36.48 -1.70 -4.17
C VAL D 74 35.60 -1.23 -3.02
N LEU D 75 35.50 0.09 -2.84
CA LEU D 75 34.70 0.80 -1.83
C LEU D 75 34.18 2.09 -2.47
N GLY D 76 32.86 2.21 -2.59
CA GLY D 76 32.17 3.48 -2.86
C GLY D 76 31.78 4.19 -1.58
N VAL D 77 31.68 5.50 -1.63
CA VAL D 77 31.31 6.38 -0.51
C VAL D 77 30.46 7.53 -1.06
N SER D 78 29.39 7.88 -0.36
CA SER D 78 28.72 9.22 -0.43
C SER D 78 28.36 9.66 0.99
N VAL D 79 27.90 10.90 1.10
CA VAL D 79 27.43 11.49 2.39
C VAL D 79 26.02 11.01 2.80
N ASP D 80 25.44 10.04 2.07
CA ASP D 80 24.07 9.52 2.37
C ASP D 80 24.12 8.52 3.54
N SER D 81 22.98 8.31 4.22
CA SER D 81 22.85 7.34 5.35
C SER D 81 23.02 5.90 4.83
N GLN D 82 23.30 4.95 5.72
CA GLN D 82 23.37 3.49 5.36
C GLN D 82 21.98 2.98 4.93
N PHE D 83 20.89 3.52 5.44
CA PHE D 83 19.52 3.09 5.06
C PHE D 83 19.23 3.52 3.61
N THR D 84 19.56 4.75 3.23
CA THR D 84 19.54 5.21 1.83
C THR D 84 20.36 4.24 0.96
N HIS D 85 21.55 3.82 1.36
CA HIS D 85 22.35 2.91 0.50
C HIS D 85 21.57 1.62 0.25
N LEU D 86 20.97 1.03 1.29
CA LEU D 86 20.22 -0.24 1.18
C LEU D 86 19.06 -0.04 0.21
N ALA D 87 18.33 1.06 0.32
CA ALA D 87 17.12 1.29 -0.52
C ALA D 87 17.49 1.47 -1.99
N TRP D 88 18.63 2.09 -2.29
CA TRP D 88 19.14 2.25 -3.69
C TRP D 88 19.62 0.92 -4.26
N ILE D 89 20.30 0.10 -3.44
CA ILE D 89 20.74 -1.27 -3.81
C ILE D 89 19.51 -2.15 -4.13
N GLN D 90 18.42 -2.01 -3.34
CA GLN D 90 17.20 -2.85 -3.43
C GLN D 90 16.20 -2.30 -4.46
N THR D 91 16.59 -1.27 -5.22
CA THR D 91 15.85 -0.78 -6.41
C THR D 91 16.55 -1.37 -7.64
N ASP D 92 15.77 -1.93 -8.58
CA ASP D 92 16.24 -2.54 -9.88
C ASP D 92 16.88 -1.42 -10.73
N ARG D 93 17.90 -1.73 -11.53
CA ARG D 93 18.58 -0.73 -12.40
C ARG D 93 17.55 -0.05 -13.31
N LYS D 94 16.57 -0.80 -13.83
CA LYS D 94 15.57 -0.33 -14.83
C LYS D 94 14.83 0.91 -14.30
N GLU D 95 14.52 0.99 -13.00
CA GLU D 95 13.80 2.17 -12.44
C GLU D 95 14.69 2.94 -11.46
N GLY D 96 15.98 3.14 -11.75
CA GLY D 96 16.82 4.24 -11.22
C GLY D 96 17.83 3.82 -10.12
N GLY D 97 17.99 2.51 -9.92
CA GLY D 97 18.69 1.87 -8.79
C GLY D 97 20.01 1.23 -9.21
N LEU D 98 20.60 0.44 -8.30
CA LEU D 98 21.91 -0.24 -8.44
C LEU D 98 21.78 -1.74 -8.68
N GLY D 99 20.71 -2.37 -8.17
CA GLY D 99 20.63 -3.83 -8.03
C GLY D 99 21.76 -4.34 -7.15
N ASP D 100 21.94 -5.66 -7.06
CA ASP D 100 22.90 -6.33 -6.13
C ASP D 100 24.29 -5.74 -6.38
N LEU D 101 25.00 -5.36 -5.33
CA LEU D 101 26.31 -4.68 -5.42
C LEU D 101 27.37 -5.65 -4.91
N ALA D 102 28.40 -5.93 -5.70
CA ALA D 102 29.45 -6.90 -5.34
C ALA D 102 30.40 -6.36 -4.24
N TYR D 103 30.23 -5.12 -3.77
CA TYR D 103 31.20 -4.52 -2.83
C TYR D 103 30.56 -3.54 -1.85
N PRO D 104 31.18 -3.36 -0.68
CA PRO D 104 30.69 -2.42 0.33
C PRO D 104 30.45 -1.02 -0.20
N LEU D 105 29.33 -0.45 0.20
CA LEU D 105 28.93 0.94 -0.10
C LEU D 105 28.87 1.67 1.23
N VAL D 106 29.82 2.58 1.45
CA VAL D 106 30.14 3.23 2.74
C VAL D 106 29.29 4.48 2.89
N ALA D 107 28.81 4.73 4.10
CA ALA D 107 27.88 5.85 4.44
C ALA D 107 28.62 6.99 5.20
N ASP D 108 29.11 8.00 4.46
CA ASP D 108 29.86 9.14 5.06
C ASP D 108 28.91 10.14 5.72
N LEU D 109 27.98 9.67 6.55
CA LEU D 109 26.83 10.48 7.07
C LEU D 109 27.30 11.74 7.80
N LYS D 110 28.45 11.68 8.48
CA LYS D 110 29.04 12.80 9.25
C LYS D 110 29.90 13.66 8.34
N LYS D 111 30.19 13.17 7.15
CA LYS D 111 30.90 13.90 6.07
C LYS D 111 32.42 13.93 6.36
N GLU D 112 32.91 13.16 7.34
CA GLU D 112 34.31 13.19 7.83
C GLU D 112 35.28 12.47 6.89
N ILE D 113 34.84 11.42 6.19
CA ILE D 113 35.70 10.73 5.20
C ILE D 113 35.99 11.69 4.02
N SER D 114 34.94 12.20 3.36
CA SER D 114 35.02 13.22 2.29
C SER D 114 35.94 14.38 2.71
N LYS D 115 35.85 14.80 3.97
CA LYS D 115 36.61 15.96 4.48
C LYS D 115 38.10 15.56 4.43
N ALA D 116 38.42 14.42 5.05
CA ALA D 116 39.81 13.95 5.25
C ALA D 116 40.46 13.62 3.90
N TYR D 117 39.69 13.40 2.83
CA TYR D 117 40.21 13.08 1.47
C TYR D 117 40.13 14.29 0.54
N GLY D 118 39.70 15.46 1.03
CA GLY D 118 39.76 16.74 0.31
C GLY D 118 38.75 16.84 -0.82
N VAL D 119 37.65 16.08 -0.76
CA VAL D 119 36.59 16.03 -1.83
C VAL D 119 35.22 16.52 -1.32
N LEU D 120 35.05 16.95 -0.08
CA LEU D 120 33.82 17.65 0.39
C LEU D 120 33.74 19.10 -0.17
N THR D 121 32.61 19.49 -0.76
CA THR D 121 32.31 20.84 -1.36
C THR D 121 31.46 21.63 -0.36
N GLU D 122 31.30 22.93 -0.61
CA GLU D 122 30.49 23.88 0.22
C GLU D 122 29.04 23.41 0.31
N ASP D 123 28.60 22.59 -0.65
CA ASP D 123 27.21 22.11 -0.79
C ASP D 123 26.93 20.96 0.18
N GLY D 124 27.95 20.29 0.71
CA GLY D 124 27.81 19.21 1.72
C GLY D 124 27.90 17.81 1.12
N ILE D 125 28.33 17.70 -0.12
CA ILE D 125 28.42 16.42 -0.89
C ILE D 125 29.83 16.32 -1.44
N SER D 126 30.27 15.13 -1.74
CA SER D 126 31.62 14.89 -2.29
C SER D 126 31.64 15.12 -3.81
N LEU D 127 32.76 15.53 -4.37
CA LEU D 127 33.03 15.47 -5.83
C LEU D 127 33.19 13.99 -6.21
N ARG D 128 33.24 13.71 -7.51
CA ARG D 128 33.61 12.38 -8.04
C ARG D 128 35.12 12.23 -7.94
N GLY D 129 35.58 11.27 -7.16
CA GLY D 129 37.01 11.08 -6.90
C GLY D 129 37.31 9.61 -6.69
N LEU D 130 38.50 9.17 -7.11
CA LEU D 130 38.96 7.78 -6.93
C LEU D 130 40.39 7.87 -6.40
N PHE D 131 40.67 7.20 -5.30
CA PHE D 131 42.04 6.98 -4.78
C PHE D 131 42.34 5.48 -4.84
N ILE D 132 43.59 5.15 -5.17
CA ILE D 132 44.17 3.80 -5.09
C ILE D 132 45.13 3.79 -3.91
N ILE D 133 44.92 2.87 -2.98
CA ILE D 133 45.69 2.70 -1.71
C ILE D 133 46.41 1.36 -1.77
N ASP D 134 47.70 1.29 -1.48
CA ASP D 134 48.46 0.02 -1.67
C ASP D 134 48.40 -0.82 -0.39
N LYS D 135 49.07 -1.98 -0.42
CA LYS D 135 49.01 -3.05 0.62
C LYS D 135 49.38 -2.43 1.98
N GLU D 136 50.27 -1.43 2.01
CA GLU D 136 50.81 -0.83 3.26
C GLU D 136 49.97 0.36 3.73
N GLY D 137 48.96 0.79 2.94
CA GLY D 137 48.00 1.90 3.26
C GLY D 137 48.32 3.25 2.61
N VAL D 138 49.33 3.35 1.74
CA VAL D 138 49.80 4.66 1.20
C VAL D 138 49.07 4.94 -0.12
N VAL D 139 48.53 6.15 -0.23
CA VAL D 139 47.78 6.58 -1.43
C VAL D 139 48.82 6.77 -2.54
N GLN D 140 48.68 6.04 -3.64
CA GLN D 140 49.61 6.13 -4.81
C GLN D 140 48.98 6.89 -5.99
N HIS D 141 47.67 7.22 -5.94
CA HIS D 141 46.93 7.77 -7.10
C HIS D 141 45.61 8.42 -6.64
N ALA D 142 45.22 9.48 -7.32
CA ALA D 142 43.95 10.20 -7.12
C ALA D 142 43.46 10.75 -8.45
N THR D 143 42.20 10.51 -8.81
CA THR D 143 41.51 11.07 -9.99
C THR D 143 40.32 11.83 -9.41
N ILE D 144 40.25 13.13 -9.67
CA ILE D 144 39.12 13.92 -9.12
C ILE D 144 38.40 14.72 -10.23
N ASN D 145 37.07 14.55 -10.33
CA ASN D 145 36.24 15.08 -11.43
C ASN D 145 35.17 16.00 -10.85
N ASN D 146 34.91 17.13 -11.50
CA ASN D 146 33.90 18.11 -11.06
C ASN D 146 32.52 17.72 -11.60
N LEU D 147 32.51 17.23 -12.83
CA LEU D 147 31.32 16.91 -13.65
C LEU D 147 31.15 15.39 -13.80
N ALA D 148 29.97 14.95 -14.21
CA ALA D 148 29.64 13.54 -14.55
C ALA D 148 30.09 13.23 -15.98
N PHE D 149 31.00 12.27 -16.14
CA PHE D 149 31.34 11.61 -17.44
C PHE D 149 31.89 10.21 -17.17
N GLY D 150 31.30 9.21 -17.83
CA GLY D 150 31.74 7.80 -17.79
C GLY D 150 33.23 7.72 -17.50
N ARG D 151 33.60 7.39 -16.27
CA ARG D 151 34.98 6.99 -15.91
C ARG D 151 35.21 5.61 -16.53
N SER D 152 36.40 5.45 -17.13
CA SER D 152 36.91 4.22 -17.78
C SER D 152 37.38 3.28 -16.66
N VAL D 153 36.76 2.12 -16.58
CA VAL D 153 37.14 1.04 -15.63
C VAL D 153 38.42 0.41 -16.19
N ASP D 154 38.49 0.32 -17.52
CA ASP D 154 39.71 -0.12 -18.27
C ASP D 154 40.90 0.73 -17.82
N GLU D 155 40.70 2.04 -17.69
CA GLU D 155 41.78 2.98 -17.38
C GLU D 155 42.17 2.85 -15.91
N THR D 156 41.19 2.86 -15.00
CA THR D 156 41.41 2.63 -13.56
C THR D 156 42.24 1.34 -13.38
N LYS D 157 41.86 0.29 -14.07
CA LYS D 157 42.48 -1.05 -13.90
C LYS D 157 43.91 -1.00 -14.42
N ARG D 158 44.14 -0.34 -15.55
CA ARG D 158 45.50 -0.14 -16.11
C ARG D 158 46.37 0.48 -15.03
N VAL D 159 45.86 1.48 -14.31
CA VAL D 159 46.67 2.27 -13.34
C VAL D 159 46.96 1.37 -12.14
N LEU D 160 45.96 0.65 -11.67
CA LEU D 160 46.16 -0.35 -10.59
C LEU D 160 47.22 -1.39 -10.97
N GLN D 161 47.27 -1.85 -12.21
CA GLN D 161 48.28 -2.87 -12.62
C GLN D 161 49.65 -2.15 -12.69
N ALA D 162 49.76 -0.99 -13.32
CA ALA D 162 51.07 -0.27 -13.40
C ALA D 162 51.65 -0.09 -12.00
N ILE D 163 50.80 0.31 -11.05
CA ILE D 163 51.15 0.47 -9.61
C ILE D 163 51.66 -0.87 -9.08
N GLN D 164 50.85 -1.94 -9.22
CA GLN D 164 51.19 -3.34 -8.81
C GLN D 164 52.54 -3.75 -9.44
N TYR D 165 52.74 -3.52 -10.75
CA TYR D 165 53.98 -3.86 -11.48
C TYR D 165 55.19 -3.21 -10.79
N VAL D 166 55.12 -1.91 -10.51
CA VAL D 166 56.26 -1.11 -9.95
C VAL D 166 56.54 -1.50 -8.50
N GLN D 167 55.58 -2.05 -7.74
CA GLN D 167 55.81 -2.43 -6.32
C GLN D 167 56.32 -3.89 -6.19
N SER D 168 56.74 -4.51 -7.29
CA SER D 168 57.43 -5.83 -7.33
C SER D 168 58.71 -5.78 -8.18
N ASN D 169 59.41 -4.63 -8.19
CA ASN D 169 60.64 -4.30 -8.98
C ASN D 169 61.38 -3.07 -8.42
N LYS E 7 18.57 34.23 25.27
CA LYS E 7 19.41 32.99 25.10
C LYS E 7 18.51 31.83 24.66
N PRO E 8 17.28 31.63 25.22
CA PRO E 8 16.42 30.52 24.82
C PRO E 8 15.74 30.67 23.44
N LEU E 9 15.80 29.58 22.67
CA LEU E 9 15.23 29.53 21.31
C LEU E 9 13.73 29.84 21.38
N VAL E 10 12.99 29.28 22.34
CA VAL E 10 11.55 29.62 22.52
C VAL E 10 11.47 31.03 23.09
N GLY E 11 10.67 31.89 22.45
CA GLY E 11 10.53 33.32 22.78
C GLY E 11 11.31 34.18 21.81
N SER E 12 12.26 33.60 21.09
CA SER E 12 13.13 34.37 20.18
C SER E 12 12.62 34.24 18.75
N VAL E 13 13.19 35.04 17.84
CA VAL E 13 12.93 35.03 16.36
C VAL E 13 13.55 33.76 15.77
N ALA E 14 12.78 33.07 14.93
CA ALA E 14 13.11 31.74 14.37
C ALA E 14 14.26 31.92 13.40
N PRO E 15 15.39 31.20 13.57
CA PRO E 15 16.49 31.24 12.63
C PRO E 15 15.96 30.87 11.25
N ASP E 16 16.24 31.77 10.32
CA ASP E 16 15.74 31.74 8.93
C ASP E 16 16.56 30.68 8.20
N PHE E 17 16.04 30.18 7.09
CA PHE E 17 16.80 29.23 6.26
C PHE E 17 16.28 29.24 4.82
N LYS E 18 17.18 28.81 3.96
CA LYS E 18 17.01 28.64 2.50
C LYS E 18 17.52 27.22 2.22
N ALA E 19 16.65 26.34 1.75
CA ALA E 19 17.00 24.94 1.49
C ALA E 19 16.17 24.36 0.35
N GLN E 20 16.65 23.26 -0.19
CA GLN E 20 15.92 22.48 -1.20
C GLN E 20 14.82 21.71 -0.48
N ALA E 21 13.68 21.54 -1.12
CA ALA E 21 12.54 20.76 -0.58
C ALA E 21 11.90 20.03 -1.74
N VAL E 22 11.12 18.99 -1.45
CA VAL E 22 10.20 18.32 -2.40
C VAL E 22 8.76 18.74 -2.03
N PHE E 23 7.99 19.23 -3.01
CA PHE E 23 6.54 19.56 -2.93
C PHE E 23 5.86 19.12 -4.22
N ASP E 24 4.70 18.47 -4.13
CA ASP E 24 3.97 17.94 -5.32
C ASP E 24 4.99 17.21 -6.21
N GLN E 25 5.89 16.42 -5.60
CA GLN E 25 6.92 15.59 -6.28
C GLN E 25 7.82 16.41 -7.23
N GLU E 26 8.09 17.69 -6.97
CA GLU E 26 9.05 18.53 -7.75
C GLU E 26 10.01 19.21 -6.75
N PHE E 27 11.17 19.67 -7.20
CA PHE E 27 12.20 20.31 -6.35
C PHE E 27 11.92 21.81 -6.30
N GLN E 28 11.92 22.45 -5.14
CA GLN E 28 11.94 23.94 -5.11
C GLN E 28 12.71 24.43 -3.90
N GLU E 29 13.07 25.71 -3.94
CA GLU E 29 13.75 26.44 -2.86
C GLU E 29 12.69 26.97 -1.90
N ILE E 30 12.88 26.73 -0.59
CA ILE E 30 11.99 27.17 0.52
C ILE E 30 12.78 28.16 1.36
N THR E 31 12.13 29.26 1.73
CA THR E 31 12.66 30.26 2.68
C THR E 31 11.63 30.43 3.79
N LEU E 32 12.02 30.20 5.05
CA LEU E 32 11.06 30.14 6.19
C LEU E 32 10.27 31.47 6.29
N SER E 33 10.95 32.60 6.02
CA SER E 33 10.43 33.98 6.15
C SER E 33 9.50 34.34 4.98
N LYS E 34 9.50 33.56 3.90
CA LYS E 34 8.45 33.65 2.84
C LYS E 34 7.09 33.26 3.48
N TYR E 35 7.06 32.54 4.62
CA TYR E 35 5.82 32.04 5.27
C TYR E 35 5.30 33.02 6.33
N ARG E 36 6.01 34.11 6.60
CA ARG E 36 5.48 35.15 7.50
C ARG E 36 4.08 35.53 7.01
N GLY E 37 3.20 35.94 7.94
CA GLY E 37 1.75 36.08 7.74
C GLY E 37 1.00 34.78 8.02
N LYS E 38 1.71 33.66 8.16
CA LYS E 38 1.14 32.31 8.43
C LYS E 38 1.85 31.70 9.64
N TYR E 39 1.16 30.84 10.38
CA TYR E 39 1.74 29.96 11.41
C TYR E 39 2.54 28.88 10.71
N VAL E 40 3.63 28.41 11.31
CA VAL E 40 4.36 27.24 10.75
C VAL E 40 4.55 26.20 11.84
N VAL E 41 4.30 24.94 11.51
CA VAL E 41 4.68 23.77 12.34
C VAL E 41 5.90 23.15 11.66
N LEU E 42 7.08 23.45 12.16
CA LEU E 42 8.37 22.90 11.66
C LEU E 42 8.77 21.70 12.52
N PHE E 43 8.92 20.52 11.93
CA PHE E 43 9.36 19.33 12.70
C PHE E 43 10.56 18.66 12.03
N PHE E 44 11.36 17.94 12.83
CA PHE E 44 12.63 17.24 12.49
C PHE E 44 12.42 15.76 12.78
N TYR E 45 12.88 14.89 11.91
CA TYR E 45 12.95 13.45 12.20
C TYR E 45 14.33 12.98 11.80
N PRO E 46 14.85 11.87 12.34
CA PRO E 46 16.27 11.57 12.15
C PRO E 46 16.70 11.39 10.68
N LEU E 47 16.09 10.41 10.00
CA LEU E 47 16.52 9.81 8.70
C LEU E 47 15.35 9.13 7.95
N ASP E 48 15.38 9.22 6.62
CA ASP E 48 14.54 8.51 5.61
C ASP E 48 14.94 7.01 5.53
N PHE E 49 14.04 6.17 5.03
CA PHE E 49 14.24 4.74 4.70
C PHE E 49 14.60 3.85 5.90
N THR E 50 14.19 4.22 7.09
CA THR E 50 14.46 3.42 8.31
C THR E 50 13.37 2.36 8.33
N PHE E 51 13.41 1.49 9.34
CA PHE E 51 12.43 0.41 9.61
C PHE E 51 11.39 0.90 10.62
N VAL E 52 11.64 2.03 11.29
CA VAL E 52 10.62 2.71 12.12
C VAL E 52 9.53 3.20 11.18
N CYS E 53 8.29 2.84 11.46
CA CYS E 53 7.07 3.26 10.74
C CYS E 53 7.00 4.79 10.71
N PRO E 54 6.85 5.44 9.55
CA PRO E 54 6.92 6.90 9.55
C PRO E 54 5.64 7.66 9.96
N THR E 55 4.88 7.16 10.98
CA THR E 55 3.52 7.67 11.36
C THR E 55 3.62 9.15 11.76
N GLU E 56 4.78 9.60 12.26
CA GLU E 56 5.08 11.00 12.64
C GLU E 56 5.02 11.95 11.43
N ILE E 57 5.28 11.49 10.20
CA ILE E 57 5.21 12.32 8.96
C ILE E 57 3.84 12.18 8.30
N THR E 58 3.35 10.95 8.15
CA THR E 58 2.15 10.58 7.34
C THR E 58 0.86 11.11 7.99
N ALA E 59 0.79 11.04 9.34
CA ALA E 59 -0.36 11.54 10.11
C ALA E 59 -0.65 12.99 9.71
N PHE E 60 0.36 13.86 9.67
CA PHE E 60 0.18 15.29 9.30
C PHE E 60 -0.21 15.43 7.82
N SER E 61 0.29 14.53 6.96
CA SER E 61 -0.03 14.53 5.51
C SER E 61 -1.52 14.23 5.33
N ASP E 62 -2.03 13.17 6.00
CA ASP E 62 -3.44 12.72 5.94
C ASP E 62 -4.36 13.80 6.52
N ARG E 63 -3.89 14.59 7.47
CA ARG E 63 -4.75 15.59 8.17
C ARG E 63 -4.31 16.99 7.75
N TYR E 64 -3.57 17.12 6.65
CA TYR E 64 -2.96 18.41 6.28
C TYR E 64 -4.05 19.48 6.19
N LYS E 65 -5.23 19.10 5.70
CA LYS E 65 -6.32 20.07 5.38
C LYS E 65 -6.66 20.88 6.64
N GLU E 66 -6.66 20.26 7.81
CA GLU E 66 -7.04 20.95 9.08
C GLU E 66 -6.06 22.10 9.39
N PHE E 67 -4.81 22.05 8.93
CA PHE E 67 -3.79 23.10 9.16
C PHE E 67 -3.92 24.21 8.10
N LYS E 68 -4.00 23.93 6.79
CA LYS E 68 -4.34 24.93 5.72
C LYS E 68 -5.56 25.74 6.20
N ASP E 69 -6.64 25.10 6.67
CA ASP E 69 -7.92 25.78 7.02
C ASP E 69 -7.74 26.67 8.26
N ILE E 70 -6.61 26.65 8.95
CA ILE E 70 -6.38 27.64 10.06
C ILE E 70 -5.01 28.32 9.84
N ASN E 71 -4.65 28.60 8.58
CA ASN E 71 -3.56 29.55 8.22
C ASN E 71 -2.22 29.05 8.78
N THR E 72 -2.05 27.73 8.84
CA THR E 72 -0.82 27.04 9.25
C THR E 72 -0.25 26.32 8.03
N GLU E 73 1.05 26.45 7.77
CA GLU E 73 1.83 25.53 6.91
C GLU E 73 2.56 24.53 7.81
N VAL E 74 2.90 23.37 7.27
CA VAL E 74 3.66 22.27 7.93
C VAL E 74 4.95 22.07 7.11
N LEU E 75 6.10 21.90 7.79
CA LEU E 75 7.41 21.65 7.15
C LEU E 75 8.10 20.51 7.89
N GLY E 76 8.40 19.41 7.19
CA GLY E 76 9.23 18.32 7.70
C GLY E 76 10.67 18.48 7.27
N VAL E 77 11.61 18.18 8.16
CA VAL E 77 13.08 18.29 7.95
C VAL E 77 13.80 17.05 8.46
N SER E 78 14.62 16.44 7.60
CA SER E 78 15.77 15.57 7.97
C SER E 78 17.00 16.04 7.19
N VAL E 79 18.14 15.44 7.46
CA VAL E 79 19.43 15.76 6.80
C VAL E 79 19.67 14.92 5.54
N ASP E 80 18.67 14.20 5.03
CA ASP E 80 18.81 13.51 3.72
C ASP E 80 18.63 14.52 2.56
N SER E 81 19.12 14.18 1.36
CA SER E 81 19.13 15.04 0.14
C SER E 81 17.72 15.17 -0.41
N GLN E 82 17.48 16.20 -1.23
CA GLN E 82 16.23 16.38 -2.03
C GLN E 82 15.93 15.05 -2.74
N PHE E 83 16.94 14.34 -3.25
CA PHE E 83 16.77 13.12 -4.09
C PHE E 83 16.28 11.98 -3.20
N THR E 84 16.80 11.84 -1.99
CA THR E 84 16.37 10.78 -1.04
C THR E 84 14.91 11.03 -0.64
N HIS E 85 14.54 12.27 -0.30
CA HIS E 85 13.13 12.63 -0.01
C HIS E 85 12.25 12.14 -1.16
N LEU E 86 12.61 12.47 -2.40
CA LEU E 86 11.70 12.24 -3.53
C LEU E 86 11.47 10.75 -3.72
N ALA E 87 12.52 9.93 -3.55
CA ALA E 87 12.44 8.47 -3.72
C ALA E 87 11.57 7.87 -2.61
N TRP E 88 11.64 8.45 -1.41
CA TRP E 88 10.85 7.98 -0.24
C TRP E 88 9.38 8.30 -0.46
N ILE E 89 9.08 9.45 -1.08
CA ILE E 89 7.70 9.93 -1.39
C ILE E 89 7.05 9.07 -2.49
N GLN E 90 7.81 8.66 -3.51
CA GLN E 90 7.39 7.77 -4.62
C GLN E 90 7.47 6.29 -4.21
N THR E 91 7.91 5.94 -3.00
CA THR E 91 7.83 4.56 -2.46
C THR E 91 6.49 4.45 -1.71
N ASP E 92 5.69 3.41 -1.98
CA ASP E 92 4.38 3.13 -1.30
C ASP E 92 4.57 2.90 0.20
N ARG E 93 3.55 3.23 0.99
CA ARG E 93 3.47 3.01 2.47
C ARG E 93 3.67 1.52 2.79
N LYS E 94 3.07 0.64 1.98
CA LYS E 94 3.12 -0.83 2.14
C LYS E 94 4.58 -1.31 2.11
N GLU E 95 5.47 -0.67 1.34
CA GLU E 95 6.91 -1.10 1.21
C GLU E 95 7.88 -0.11 1.84
N GLY E 96 7.48 0.53 2.95
CA GLY E 96 8.39 1.25 3.85
C GLY E 96 8.55 2.71 3.44
N GLY E 97 7.69 3.21 2.55
CA GLY E 97 7.74 4.59 2.04
C GLY E 97 6.74 5.51 2.74
N LEU E 98 6.38 6.59 2.04
CA LEU E 98 5.59 7.73 2.56
C LEU E 98 4.26 7.89 1.82
N GLY E 99 4.26 7.48 0.55
CA GLY E 99 3.12 7.74 -0.35
C GLY E 99 3.07 9.21 -0.65
N ASP E 100 2.08 9.66 -1.40
CA ASP E 100 1.99 11.10 -1.74
C ASP E 100 2.10 11.89 -0.43
N LEU E 101 2.56 13.14 -0.52
CA LEU E 101 2.77 13.98 0.66
C LEU E 101 2.29 15.40 0.36
N ALA E 102 1.43 15.93 1.22
CA ALA E 102 0.65 17.17 1.05
C ALA E 102 1.45 18.45 1.40
N TYR E 103 2.65 18.34 1.96
CA TYR E 103 3.42 19.53 2.45
C TYR E 103 4.91 19.34 2.13
N PRO E 104 5.74 20.40 2.16
CA PRO E 104 7.14 20.26 1.78
C PRO E 104 7.94 19.38 2.74
N LEU E 105 8.80 18.55 2.16
CA LEU E 105 9.85 17.81 2.91
C LEU E 105 11.22 18.40 2.58
N VAL E 106 11.84 19.06 3.57
CA VAL E 106 13.10 19.86 3.49
C VAL E 106 14.34 18.98 3.61
N ALA E 107 15.33 19.22 2.73
CA ALA E 107 16.65 18.54 2.75
C ALA E 107 17.66 19.45 3.46
N ASP E 108 18.00 19.11 4.69
CA ASP E 108 19.02 19.84 5.51
C ASP E 108 20.36 19.15 5.26
N LEU E 109 20.84 19.20 4.02
CA LEU E 109 22.02 18.43 3.59
C LEU E 109 23.30 18.87 4.32
N LYS E 110 23.45 20.13 4.72
CA LYS E 110 24.66 20.67 5.38
C LYS E 110 24.50 20.70 6.91
N LYS E 111 23.33 20.31 7.40
CA LYS E 111 23.03 20.13 8.83
C LYS E 111 22.93 21.48 9.56
N GLU E 112 22.74 22.60 8.80
CA GLU E 112 22.68 24.00 9.30
C GLU E 112 21.32 24.29 9.96
N ILE E 113 20.25 23.66 9.48
CA ILE E 113 18.91 23.89 10.07
C ILE E 113 18.82 23.09 11.37
N SER E 114 19.18 21.81 11.34
CA SER E 114 19.22 21.02 12.58
C SER E 114 20.11 21.71 13.63
N LYS E 115 21.31 22.20 13.27
CA LYS E 115 22.26 22.85 14.24
C LYS E 115 21.60 24.10 14.82
N ALA E 116 20.92 24.91 14.00
CA ALA E 116 20.35 26.23 14.39
C ALA E 116 19.19 26.09 15.39
N TYR E 117 18.43 25.00 15.27
CA TYR E 117 17.22 24.75 16.09
C TYR E 117 17.60 23.93 17.33
N GLY E 118 18.88 23.56 17.50
CA GLY E 118 19.37 22.82 18.67
C GLY E 118 18.99 21.34 18.72
N VAL E 119 18.76 20.66 17.59
CA VAL E 119 18.32 19.23 17.61
C VAL E 119 19.33 18.31 16.91
N LEU E 120 20.43 18.85 16.35
CA LEU E 120 21.52 18.03 15.76
C LEU E 120 22.26 17.29 16.87
N THR E 121 22.33 15.95 16.80
CA THR E 121 23.19 15.14 17.73
C THR E 121 24.60 14.97 17.14
N GLU E 122 25.54 14.45 17.92
CA GLU E 122 26.92 14.16 17.44
C GLU E 122 26.89 13.07 16.35
N ASP E 123 25.80 12.36 16.09
CA ASP E 123 25.81 11.19 15.17
C ASP E 123 25.49 11.63 13.74
N GLY E 124 25.17 12.91 13.56
CA GLY E 124 25.00 13.54 12.23
C GLY E 124 23.55 13.63 11.79
N ILE E 125 22.62 13.45 12.72
CA ILE E 125 21.15 13.38 12.46
C ILE E 125 20.47 14.27 13.50
N SER E 126 19.32 14.85 13.18
CA SER E 126 18.44 15.54 14.16
C SER E 126 17.75 14.53 15.08
N LEU E 127 17.43 14.97 16.29
CA LEU E 127 16.44 14.34 17.20
C LEU E 127 15.04 14.62 16.67
N ARG E 128 14.07 13.96 17.28
CA ARG E 128 12.62 14.17 16.98
C ARG E 128 12.24 15.47 17.72
N GLY E 129 11.68 16.44 17.01
CA GLY E 129 11.41 17.76 17.60
C GLY E 129 10.41 18.53 16.78
N LEU E 130 9.54 19.30 17.42
CA LEU E 130 8.53 20.15 16.74
C LEU E 130 8.58 21.56 17.32
N PHE E 131 8.39 22.54 16.46
CA PHE E 131 8.35 23.97 16.82
C PHE E 131 7.18 24.63 16.11
N ILE E 132 6.42 25.42 16.86
CA ILE E 132 5.33 26.23 16.27
C ILE E 132 5.80 27.68 16.26
N ILE E 133 5.73 28.30 15.09
CA ILE E 133 6.28 29.66 14.82
C ILE E 133 5.10 30.57 14.46
N ASP E 134 5.07 31.80 14.97
CA ASP E 134 3.85 32.64 14.82
C ASP E 134 3.93 33.37 13.47
N LYS E 135 2.95 34.21 13.14
CA LYS E 135 2.87 34.99 11.87
C LYS E 135 4.07 35.94 11.68
N GLU E 136 4.66 36.43 12.77
CA GLU E 136 5.74 37.46 12.80
C GLU E 136 7.11 36.77 12.88
N GLY E 137 7.12 35.43 12.85
CA GLY E 137 8.29 34.53 12.83
C GLY E 137 8.90 34.29 14.21
N VAL E 138 8.11 34.34 15.28
CA VAL E 138 8.61 34.13 16.68
C VAL E 138 8.28 32.68 17.06
N VAL E 139 9.20 31.99 17.74
CA VAL E 139 8.98 30.58 18.16
C VAL E 139 8.16 30.62 19.46
N GLN E 140 6.95 30.12 19.49
CA GLN E 140 6.09 30.18 20.70
C GLN E 140 6.09 28.82 21.42
N HIS E 141 6.51 27.73 20.76
CA HIS E 141 6.49 26.36 21.33
C HIS E 141 7.66 25.51 20.80
N ALA E 142 8.19 24.61 21.63
CA ALA E 142 9.14 23.54 21.25
C ALA E 142 8.80 22.27 22.02
N THR E 143 8.71 21.15 21.31
CA THR E 143 8.68 19.77 21.87
C THR E 143 9.85 18.98 21.27
N ILE E 144 10.65 18.35 22.10
CA ILE E 144 11.87 17.64 21.63
C ILE E 144 11.87 16.26 22.30
N ASN E 145 12.05 15.20 21.50
CA ASN E 145 11.99 13.79 21.96
C ASN E 145 13.30 13.07 21.62
N ASN E 146 13.81 12.30 22.57
CA ASN E 146 15.08 11.57 22.41
C ASN E 146 14.77 10.25 21.69
N LEU E 147 13.54 9.76 21.77
CA LEU E 147 13.16 8.42 21.30
C LEU E 147 11.89 8.52 20.47
N ALA E 148 11.64 7.48 19.69
CA ALA E 148 10.44 7.30 18.85
C ALA E 148 9.31 6.76 19.73
N PHE E 149 8.35 7.62 20.05
CA PHE E 149 6.96 7.25 20.44
C PHE E 149 6.01 8.21 19.71
N GLY E 150 4.72 8.18 20.04
CA GLY E 150 3.69 9.07 19.47
C GLY E 150 4.06 10.56 19.62
N ARG E 151 4.09 11.23 18.49
CA ARG E 151 3.60 12.61 18.32
C ARG E 151 2.08 12.46 18.17
N SER E 152 1.31 13.04 19.09
CA SER E 152 -0.15 13.21 18.93
C SER E 152 -0.39 14.42 18.02
N VAL E 153 -1.04 14.19 16.88
CA VAL E 153 -1.53 15.28 15.98
C VAL E 153 -2.63 16.07 16.70
N ASP E 154 -3.48 15.40 17.50
CA ASP E 154 -4.56 16.09 18.25
C ASP E 154 -3.91 17.13 19.17
N GLU E 155 -2.80 16.80 19.84
CA GLU E 155 -2.17 17.69 20.84
C GLU E 155 -1.40 18.80 20.13
N THR E 156 -0.71 18.47 19.05
CA THR E 156 -0.05 19.50 18.22
C THR E 156 -1.14 20.53 17.86
N LYS E 157 -2.28 20.10 17.33
CA LYS E 157 -3.36 21.05 16.90
C LYS E 157 -3.93 21.82 18.12
N ARG E 158 -4.09 21.17 19.27
CA ARG E 158 -4.59 21.85 20.48
C ARG E 158 -3.61 23.01 20.82
N VAL E 159 -2.30 22.72 20.96
CA VAL E 159 -1.30 23.76 21.39
C VAL E 159 -1.33 24.91 20.37
N LEU E 160 -1.48 24.58 19.09
CA LEU E 160 -1.52 25.57 17.96
C LEU E 160 -2.78 26.43 18.06
N GLN E 161 -3.92 25.87 18.45
CA GLN E 161 -5.19 26.67 18.53
C GLN E 161 -5.13 27.50 19.80
N ALA E 162 -4.45 26.98 20.81
CA ALA E 162 -4.23 27.72 22.07
C ALA E 162 -3.43 28.99 21.78
N ILE E 163 -2.40 28.92 20.92
CA ILE E 163 -1.50 30.06 20.53
C ILE E 163 -2.28 31.08 19.67
N GLN E 164 -3.04 30.64 18.68
CA GLN E 164 -3.91 31.51 17.85
C GLN E 164 -4.85 32.30 18.78
N TYR E 165 -5.63 31.61 19.62
CA TYR E 165 -6.55 32.22 20.61
C TYR E 165 -5.82 33.37 21.34
N VAL E 166 -4.69 33.09 21.99
CA VAL E 166 -4.00 34.08 22.86
C VAL E 166 -3.47 35.27 22.06
N GLN E 167 -3.21 35.14 20.76
CA GLN E 167 -2.63 36.26 19.97
C GLN E 167 -3.72 37.14 19.33
N SER E 168 -5.01 36.77 19.39
CA SER E 168 -6.13 37.57 18.81
C SER E 168 -7.32 37.64 19.78
N LYS F 7 -32.41 -0.39 33.10
CA LYS F 7 -32.75 0.03 31.68
C LYS F 7 -31.43 0.37 30.97
N PRO F 8 -30.56 1.29 31.45
CA PRO F 8 -29.42 1.74 30.65
C PRO F 8 -28.48 0.57 30.35
N LEU F 9 -27.95 0.54 29.12
CA LEU F 9 -26.89 -0.43 28.65
C LEU F 9 -25.62 -0.24 29.49
N VAL F 10 -25.15 1.00 29.64
CA VAL F 10 -23.94 1.24 30.47
C VAL F 10 -24.33 0.96 31.91
N GLY F 11 -23.58 0.07 32.54
CA GLY F 11 -23.76 -0.37 33.95
C GLY F 11 -24.46 -1.71 34.00
N SER F 12 -24.80 -2.31 32.86
CA SER F 12 -25.52 -3.61 32.88
C SER F 12 -24.58 -4.68 32.30
N VAL F 13 -25.01 -5.94 32.33
CA VAL F 13 -24.25 -7.08 31.74
C VAL F 13 -24.40 -6.99 30.21
N ALA F 14 -23.27 -6.92 29.52
CA ALA F 14 -23.14 -6.83 28.06
C ALA F 14 -23.89 -8.00 27.44
N PRO F 15 -24.84 -7.71 26.55
CA PRO F 15 -25.48 -8.76 25.77
C PRO F 15 -24.44 -9.66 25.07
N ASP F 16 -24.54 -10.97 25.31
CA ASP F 16 -23.64 -12.01 24.77
C ASP F 16 -23.96 -12.18 23.29
N PHE F 17 -23.00 -12.71 22.51
CA PHE F 17 -23.22 -13.10 21.10
C PHE F 17 -22.19 -14.16 20.68
N LYS F 18 -22.62 -14.88 19.64
CA LYS F 18 -21.93 -15.98 18.92
C LYS F 18 -22.05 -15.59 17.44
N ALA F 19 -20.94 -15.35 16.74
CA ALA F 19 -20.95 -14.89 15.33
C ALA F 19 -19.67 -15.31 14.61
N GLN F 20 -19.70 -15.22 13.29
CA GLN F 20 -18.52 -15.49 12.44
C GLN F 20 -17.61 -14.26 12.56
N ALA F 21 -16.31 -14.43 12.36
CA ALA F 21 -15.28 -13.36 12.41
C ALA F 21 -14.08 -13.76 11.53
N VAL F 22 -13.37 -12.79 11.00
CA VAL F 22 -12.07 -13.05 10.35
C VAL F 22 -10.98 -12.68 11.36
N PHE F 23 -10.01 -13.59 11.56
CA PHE F 23 -8.76 -13.41 12.33
C PHE F 23 -7.62 -14.20 11.67
N ASP F 24 -6.46 -13.56 11.45
CA ASP F 24 -5.28 -14.15 10.76
C ASP F 24 -5.74 -14.72 9.42
N GLN F 25 -6.63 -14.00 8.71
CA GLN F 25 -7.21 -14.32 7.38
C GLN F 25 -8.01 -15.66 7.35
N GLU F 26 -8.63 -16.08 8.43
CA GLU F 26 -9.41 -17.34 8.44
C GLU F 26 -10.74 -17.12 9.14
N PHE F 27 -11.70 -18.01 8.94
CA PHE F 27 -13.04 -17.96 9.56
C PHE F 27 -12.96 -18.63 10.92
N GLN F 28 -13.56 -18.03 11.93
CA GLN F 28 -13.77 -18.70 13.24
C GLN F 28 -14.97 -18.08 13.95
N GLU F 29 -15.54 -18.81 14.90
CA GLU F 29 -16.72 -18.42 15.68
C GLU F 29 -16.18 -17.72 16.92
N ILE F 30 -16.74 -16.56 17.24
CA ILE F 30 -16.36 -15.73 18.42
C ILE F 30 -17.54 -15.73 19.38
N THR F 31 -17.29 -16.02 20.67
CA THR F 31 -18.32 -15.90 21.73
C THR F 31 -17.86 -14.81 22.71
N LEU F 32 -18.55 -13.66 22.77
CA LEU F 32 -18.11 -12.47 23.60
C LEU F 32 -17.84 -12.90 25.05
N SER F 33 -18.70 -13.69 25.67
CA SER F 33 -18.54 -14.12 27.08
C SER F 33 -17.32 -15.05 27.28
N LYS F 34 -16.63 -15.51 26.24
CA LYS F 34 -15.43 -16.38 26.47
C LYS F 34 -14.17 -15.52 26.69
N TYR F 35 -14.34 -14.19 26.63
CA TYR F 35 -13.29 -13.16 26.84
C TYR F 35 -13.39 -12.62 28.27
N ARG F 36 -14.43 -13.02 29.00
CA ARG F 36 -14.48 -12.86 30.47
C ARG F 36 -13.09 -13.18 31.07
N GLY F 37 -12.66 -12.38 32.05
CA GLY F 37 -11.27 -12.39 32.54
C GLY F 37 -10.41 -11.39 31.82
N LYS F 38 -10.94 -10.70 30.79
CA LYS F 38 -10.20 -9.67 30.01
C LYS F 38 -11.11 -8.48 29.77
N TYR F 39 -10.52 -7.32 29.51
CA TYR F 39 -11.26 -6.12 29.05
C TYR F 39 -11.49 -6.36 27.56
N VAL F 40 -12.61 -5.84 27.07
CA VAL F 40 -12.89 -5.89 25.62
C VAL F 40 -13.24 -4.48 25.19
N VAL F 41 -12.64 -3.97 24.13
CA VAL F 41 -13.22 -2.77 23.47
C VAL F 41 -13.87 -3.25 22.18
N LEU F 42 -15.19 -3.25 22.21
CA LEU F 42 -16.13 -3.68 21.16
C LEU F 42 -16.62 -2.44 20.42
N PHE F 43 -16.30 -2.30 19.14
CA PHE F 43 -16.65 -1.11 18.34
C PHE F 43 -17.45 -1.55 17.11
N PHE F 44 -18.28 -0.65 16.60
CA PHE F 44 -19.22 -0.82 15.48
C PHE F 44 -18.89 0.26 14.46
N TYR F 45 -19.01 -0.06 13.17
CA TYR F 45 -18.78 0.86 12.04
C TYR F 45 -19.82 0.49 11.00
N PRO F 46 -20.33 1.46 10.21
CA PRO F 46 -21.47 1.19 9.35
C PRO F 46 -21.31 -0.02 8.40
N LEU F 47 -20.35 0.09 7.48
CA LEU F 47 -20.18 -0.76 6.25
C LEU F 47 -18.72 -0.83 5.75
N ASP F 48 -18.34 -2.00 5.24
CA ASP F 48 -17.09 -2.27 4.48
C ASP F 48 -17.16 -1.60 3.09
N PHE F 49 -16.03 -1.36 2.44
CA PHE F 49 -15.86 -1.02 1.02
C PHE F 49 -16.42 0.37 0.68
N THR F 50 -16.52 1.28 1.65
CA THR F 50 -17.01 2.67 1.42
C THR F 50 -15.78 3.49 1.05
N PHE F 51 -15.99 4.79 0.82
CA PHE F 51 -14.97 5.78 0.33
C PHE F 51 -14.45 6.64 1.48
N VAL F 52 -15.17 6.65 2.60
CA VAL F 52 -14.67 7.07 3.95
C VAL F 52 -13.43 6.23 4.23
N CYS F 53 -12.32 6.88 4.52
CA CYS F 53 -11.03 6.26 4.90
C CYS F 53 -11.22 5.42 6.15
N PRO F 54 -10.67 4.20 6.27
CA PRO F 54 -10.85 3.44 7.51
C PRO F 54 -9.92 3.64 8.70
N THR F 55 -9.55 4.87 9.08
CA THR F 55 -8.59 5.12 10.18
C THR F 55 -9.15 4.57 11.49
N GLU F 56 -10.48 4.54 11.66
CA GLU F 56 -11.16 4.06 12.91
C GLU F 56 -10.79 2.58 13.14
N ILE F 57 -10.68 1.77 12.09
CA ILE F 57 -10.30 0.34 12.20
C ILE F 57 -8.79 0.19 12.20
N THR F 58 -8.08 0.83 11.24
CA THR F 58 -6.63 0.60 10.98
C THR F 58 -5.75 1.13 12.13
N ALA F 59 -6.12 2.22 12.83
CA ALA F 59 -5.32 2.73 13.96
C ALA F 59 -5.31 1.69 15.11
N PHE F 60 -6.43 1.03 15.41
CA PHE F 60 -6.42 0.02 16.50
C PHE F 60 -5.53 -1.15 16.07
N SER F 61 -5.48 -1.48 14.78
CA SER F 61 -4.67 -2.62 14.24
C SER F 61 -3.20 -2.26 14.42
N ASP F 62 -2.82 -1.04 14.08
CA ASP F 62 -1.41 -0.60 14.11
C ASP F 62 -0.95 -0.54 15.59
N ARG F 63 -1.85 -0.35 16.55
CA ARG F 63 -1.45 -0.12 17.98
C ARG F 63 -1.97 -1.27 18.84
N TYR F 64 -2.28 -2.38 18.22
CA TYR F 64 -2.96 -3.48 18.91
C TYR F 64 -2.08 -4.00 20.06
N LYS F 65 -0.76 -3.92 19.94
CA LYS F 65 0.13 -4.50 20.98
C LYS F 65 -0.12 -3.75 22.28
N GLU F 66 -0.43 -2.45 22.20
CA GLU F 66 -0.66 -1.63 23.41
C GLU F 66 -1.84 -2.19 24.24
N PHE F 67 -2.86 -2.75 23.58
CA PHE F 67 -4.11 -3.26 24.19
C PHE F 67 -3.88 -4.68 24.72
N LYS F 68 -3.27 -5.57 23.93
CA LYS F 68 -2.83 -6.95 24.33
C LYS F 68 -2.05 -6.85 25.66
N ASP F 69 -1.05 -5.96 25.74
CA ASP F 69 -0.14 -5.82 26.91
C ASP F 69 -0.87 -5.25 28.14
N ILE F 70 -2.14 -4.86 28.06
CA ILE F 70 -2.92 -4.48 29.28
C ILE F 70 -4.24 -5.26 29.26
N ASN F 71 -4.11 -6.54 28.90
CA ASN F 71 -5.10 -7.60 29.15
C ASN F 71 -6.43 -7.23 28.48
N THR F 72 -6.41 -6.68 27.26
CA THR F 72 -7.59 -6.16 26.55
C THR F 72 -7.63 -6.71 25.12
N GLU F 73 -8.78 -7.22 24.71
CA GLU F 73 -9.04 -7.59 23.31
C GLU F 73 -9.81 -6.44 22.62
N VAL F 74 -9.63 -6.33 21.32
CA VAL F 74 -10.38 -5.37 20.47
C VAL F 74 -11.27 -6.20 19.53
N LEU F 75 -12.56 -5.85 19.39
CA LEU F 75 -13.45 -6.49 18.38
C LEU F 75 -14.16 -5.39 17.62
N GLY F 76 -14.01 -5.42 16.29
CA GLY F 76 -14.79 -4.59 15.35
C GLY F 76 -15.99 -5.32 14.79
N VAL F 77 -17.10 -4.60 14.64
CA VAL F 77 -18.40 -5.11 14.12
C VAL F 77 -18.93 -4.21 12.99
N SER F 78 -19.33 -4.84 11.90
CA SER F 78 -20.32 -4.30 10.94
C SER F 78 -21.30 -5.40 10.60
N VAL F 79 -22.35 -5.02 9.88
CA VAL F 79 -23.41 -5.96 9.42
C VAL F 79 -22.98 -6.72 8.16
N ASP F 80 -21.79 -6.55 7.62
CA ASP F 80 -21.35 -7.31 6.41
C ASP F 80 -21.01 -8.77 6.77
N SER F 81 -21.00 -9.67 5.79
CA SER F 81 -20.65 -11.10 5.98
C SER F 81 -19.16 -11.27 6.25
N GLN F 82 -18.78 -12.45 6.72
CA GLN F 82 -17.37 -12.86 6.91
C GLN F 82 -16.63 -12.81 5.58
N PHE F 83 -17.28 -13.17 4.49
CA PHE F 83 -16.67 -13.14 3.13
C PHE F 83 -16.38 -11.68 2.75
N THR F 84 -17.24 -10.70 3.05
CA THR F 84 -16.93 -9.28 2.74
C THR F 84 -15.74 -8.86 3.62
N HIS F 85 -15.73 -9.25 4.89
CA HIS F 85 -14.64 -8.91 5.83
C HIS F 85 -13.31 -9.41 5.25
N LEU F 86 -13.25 -10.66 4.82
CA LEU F 86 -12.01 -11.30 4.34
C LEU F 86 -11.52 -10.53 3.11
N ALA F 87 -12.38 -10.27 2.11
CA ALA F 87 -11.97 -9.54 0.88
C ALA F 87 -11.48 -8.14 1.22
N TRP F 88 -12.13 -7.43 2.15
CA TRP F 88 -11.66 -6.06 2.55
C TRP F 88 -10.28 -6.15 3.20
N ILE F 89 -10.08 -7.12 4.12
CA ILE F 89 -8.80 -7.38 4.82
C ILE F 89 -7.70 -7.74 3.82
N GLN F 90 -8.02 -8.52 2.79
CA GLN F 90 -7.09 -8.97 1.71
C GLN F 90 -6.93 -7.86 0.66
N THR F 91 -7.59 -6.70 0.77
CA THR F 91 -7.36 -5.51 -0.09
C THR F 91 -6.29 -4.60 0.61
N ASP F 92 -5.20 -4.22 -0.08
CA ASP F 92 -4.18 -3.21 0.37
C ASP F 92 -4.84 -1.88 0.73
N ARG F 93 -4.29 -1.16 1.72
CA ARG F 93 -4.80 0.17 2.15
C ARG F 93 -4.78 1.14 0.97
N LYS F 94 -3.74 1.05 0.15
CA LYS F 94 -3.58 1.97 -1.00
C LYS F 94 -4.86 1.93 -1.85
N GLU F 95 -5.57 0.80 -1.90
CA GLU F 95 -6.68 0.56 -2.86
C GLU F 95 -8.02 0.49 -2.11
N GLY F 96 -8.15 1.23 -1.02
CA GLY F 96 -9.43 1.35 -0.29
C GLY F 96 -9.63 0.24 0.72
N GLY F 97 -8.61 -0.59 1.01
CA GLY F 97 -8.71 -1.72 1.97
C GLY F 97 -8.19 -1.47 3.39
N LEU F 98 -8.07 -2.57 4.14
CA LEU F 98 -7.62 -2.67 5.55
C LEU F 98 -6.16 -3.13 5.63
N GLY F 99 -5.71 -3.95 4.68
CA GLY F 99 -4.40 -4.63 4.80
C GLY F 99 -4.48 -5.57 5.98
N ASP F 100 -3.36 -6.02 6.55
CA ASP F 100 -3.48 -7.06 7.61
C ASP F 100 -4.30 -6.52 8.79
N LEU F 101 -5.05 -7.40 9.43
CA LEU F 101 -5.79 -6.99 10.63
C LEU F 101 -5.34 -7.85 11.80
N ALA F 102 -5.01 -7.18 12.90
CA ALA F 102 -4.39 -7.80 14.08
C ALA F 102 -5.45 -8.43 14.99
N TYR F 103 -6.73 -8.10 14.81
CA TYR F 103 -7.81 -8.44 15.77
C TYR F 103 -9.02 -8.92 14.98
N PRO F 104 -9.99 -9.60 15.63
CA PRO F 104 -11.14 -10.14 14.94
C PRO F 104 -12.07 -9.05 14.39
N LEU F 105 -12.56 -9.30 13.18
CA LEU F 105 -13.63 -8.50 12.54
C LEU F 105 -14.87 -9.39 12.43
N VAL F 106 -15.90 -9.01 13.19
CA VAL F 106 -17.15 -9.77 13.46
C VAL F 106 -18.16 -9.41 12.39
N ALA F 107 -18.72 -10.45 11.74
CA ALA F 107 -19.90 -10.43 10.84
C ALA F 107 -21.20 -10.44 11.64
N ASP F 108 -21.82 -9.27 11.81
CA ASP F 108 -23.18 -9.13 12.37
C ASP F 108 -24.23 -9.27 11.24
N LEU F 109 -24.29 -10.45 10.63
CA LEU F 109 -25.02 -10.65 9.36
C LEU F 109 -26.56 -10.62 9.59
N LYS F 110 -27.06 -10.96 10.77
CA LYS F 110 -28.52 -10.92 11.11
C LYS F 110 -28.90 -9.60 11.81
N LYS F 111 -27.91 -8.77 12.15
CA LYS F 111 -28.06 -7.40 12.74
C LYS F 111 -28.43 -7.47 14.23
N GLU F 112 -28.28 -8.64 14.86
CA GLU F 112 -28.73 -8.91 16.25
C GLU F 112 -27.78 -8.21 17.22
N ILE F 113 -26.50 -8.13 16.87
CA ILE F 113 -25.50 -7.48 17.75
C ILE F 113 -25.72 -5.97 17.68
N SER F 114 -25.77 -5.37 16.49
CA SER F 114 -26.06 -3.92 16.34
C SER F 114 -27.35 -3.56 17.09
N LYS F 115 -28.37 -4.40 16.99
CA LYS F 115 -29.68 -4.15 17.69
C LYS F 115 -29.51 -4.23 19.21
N ALA F 116 -28.86 -5.27 19.77
CA ALA F 116 -28.78 -5.53 21.23
C ALA F 116 -28.03 -4.40 21.96
N TYR F 117 -27.08 -3.76 21.27
CA TYR F 117 -26.19 -2.67 21.78
C TYR F 117 -26.81 -1.29 21.41
N GLY F 118 -27.95 -1.21 20.73
CA GLY F 118 -28.66 0.07 20.50
C GLY F 118 -28.03 0.98 19.43
N VAL F 119 -27.25 0.44 18.51
CA VAL F 119 -26.58 1.19 17.42
C VAL F 119 -27.12 0.80 16.03
N LEU F 120 -28.08 -0.13 15.92
CA LEU F 120 -28.76 -0.41 14.63
C LEU F 120 -29.68 0.76 14.23
N THR F 121 -29.49 1.38 13.04
CA THR F 121 -30.33 2.50 12.49
C THR F 121 -31.47 1.88 11.66
N GLU F 122 -32.43 2.68 11.19
CA GLU F 122 -33.54 2.19 10.33
C GLU F 122 -33.00 1.84 8.93
N ASP F 123 -31.73 2.10 8.57
CA ASP F 123 -31.17 1.80 7.22
C ASP F 123 -30.47 0.43 7.18
N GLY F 124 -30.47 -0.32 8.28
CA GLY F 124 -29.96 -1.68 8.31
C GLY F 124 -28.48 -1.74 8.57
N ILE F 125 -27.87 -0.66 9.06
CA ILE F 125 -26.41 -0.55 9.37
C ILE F 125 -26.28 -0.01 10.79
N SER F 126 -25.16 -0.24 11.45
CA SER F 126 -24.87 0.36 12.79
C SER F 126 -24.35 1.79 12.64
N LEU F 127 -24.48 2.55 13.71
CA LEU F 127 -23.80 3.86 13.89
C LEU F 127 -22.35 3.57 14.25
N ARG F 128 -21.53 4.61 14.30
CA ARG F 128 -20.14 4.52 14.86
C ARG F 128 -20.29 4.49 16.38
N GLY F 129 -19.84 3.44 17.05
CA GLY F 129 -19.99 3.32 18.51
C GLY F 129 -18.87 2.50 19.14
N LEU F 130 -18.53 2.80 20.39
CA LEU F 130 -17.54 1.99 21.12
C LEU F 130 -18.04 1.72 22.54
N PHE F 131 -17.73 0.52 23.02
CA PHE F 131 -18.13 0.01 24.34
C PHE F 131 -16.93 -0.63 24.98
N ILE F 132 -16.65 -0.26 26.22
CA ILE F 132 -15.60 -0.96 26.99
C ILE F 132 -16.30 -1.86 27.97
N ILE F 133 -15.98 -3.13 27.86
CA ILE F 133 -16.60 -4.18 28.68
C ILE F 133 -15.54 -4.68 29.64
N ASP F 134 -15.84 -4.85 30.93
CA ASP F 134 -14.80 -5.23 31.94
C ASP F 134 -14.65 -6.76 32.02
N LYS F 135 -13.89 -7.28 33.00
CA LYS F 135 -13.50 -8.71 33.14
C LYS F 135 -14.70 -9.59 33.50
N GLU F 136 -15.75 -9.03 34.11
CA GLU F 136 -16.95 -9.80 34.53
C GLU F 136 -18.06 -9.60 33.51
N GLY F 137 -17.78 -8.84 32.43
CA GLY F 137 -18.65 -8.68 31.25
C GLY F 137 -19.68 -7.58 31.47
N VAL F 138 -19.39 -6.56 32.27
CA VAL F 138 -20.26 -5.38 32.54
C VAL F 138 -19.82 -4.25 31.61
N VAL F 139 -20.76 -3.54 30.97
CA VAL F 139 -20.38 -2.38 30.12
C VAL F 139 -20.02 -1.22 31.06
N GLN F 140 -18.82 -0.67 31.05
CA GLN F 140 -18.50 0.46 31.96
C GLN F 140 -18.50 1.79 31.20
N HIS F 141 -18.48 1.75 29.86
CA HIS F 141 -18.29 2.93 28.99
C HIS F 141 -18.97 2.69 27.64
N ALA F 142 -19.50 3.78 27.05
CA ALA F 142 -20.09 3.84 25.71
C ALA F 142 -19.87 5.23 25.12
N THR F 143 -19.33 5.27 23.90
CA THR F 143 -19.25 6.48 23.07
C THR F 143 -19.97 6.16 21.75
N ILE F 144 -20.85 7.04 21.29
CA ILE F 144 -21.64 6.79 20.07
C ILE F 144 -21.67 8.06 19.22
N ASN F 145 -21.34 7.93 17.94
CA ASN F 145 -21.19 9.09 17.01
C ASN F 145 -22.15 8.92 15.84
N ASN F 146 -22.83 9.99 15.47
CA ASN F 146 -23.79 9.98 14.35
C ASN F 146 -23.00 10.03 13.06
N LEU F 147 -21.81 10.62 13.05
CA LEU F 147 -20.99 10.86 11.84
C LEU F 147 -19.56 10.42 12.08
N ALA F 148 -18.72 10.45 11.06
CA ALA F 148 -17.29 10.11 11.11
C ALA F 148 -16.46 11.35 11.47
N PHE F 149 -16.24 11.61 12.77
CA PHE F 149 -15.24 12.61 13.27
C PHE F 149 -13.95 11.82 13.43
N GLY F 150 -13.06 12.23 14.34
CA GLY F 150 -11.99 11.32 14.78
C GLY F 150 -12.50 10.44 15.91
N ARG F 151 -12.21 9.14 15.86
CA ARG F 151 -11.95 8.35 17.09
C ARG F 151 -10.48 8.61 17.42
N SER F 152 -10.17 8.89 18.69
CA SER F 152 -8.80 9.04 19.22
C SER F 152 -8.49 7.72 19.93
N VAL F 153 -7.51 7.00 19.43
CA VAL F 153 -6.97 5.79 20.11
C VAL F 153 -6.34 6.19 21.44
N ASP F 154 -5.72 7.39 21.54
CA ASP F 154 -5.15 7.93 22.81
C ASP F 154 -6.27 8.03 23.86
N GLU F 155 -7.42 8.64 23.53
CA GLU F 155 -8.54 8.86 24.50
C GLU F 155 -9.22 7.52 24.84
N THR F 156 -9.42 6.65 23.85
CA THR F 156 -9.97 5.29 24.13
C THR F 156 -9.09 4.63 25.19
N LYS F 157 -7.77 4.62 24.99
CA LYS F 157 -6.81 3.90 25.89
C LYS F 157 -6.79 4.57 27.28
N ARG F 158 -6.89 5.89 27.34
CA ARG F 158 -6.93 6.61 28.62
C ARG F 158 -8.17 6.15 29.40
N VAL F 159 -9.32 6.11 28.73
CA VAL F 159 -10.59 5.78 29.42
C VAL F 159 -10.46 4.32 29.88
N LEU F 160 -9.92 3.45 29.03
CA LEU F 160 -9.62 2.03 29.36
C LEU F 160 -8.74 1.97 30.60
N GLN F 161 -7.65 2.73 30.68
CA GLN F 161 -6.68 2.64 31.80
C GLN F 161 -7.31 3.18 33.07
N ALA F 162 -8.13 4.21 32.95
CA ALA F 162 -8.86 4.79 34.09
C ALA F 162 -9.85 3.77 34.69
N ILE F 163 -10.58 3.03 33.84
CA ILE F 163 -11.49 1.92 34.27
C ILE F 163 -10.67 0.87 35.02
N GLN F 164 -9.52 0.47 34.49
CA GLN F 164 -8.62 -0.55 35.10
C GLN F 164 -8.11 0.01 36.44
N TYR F 165 -7.69 1.27 36.47
CA TYR F 165 -7.14 1.93 37.68
C TYR F 165 -8.20 1.80 38.78
N VAL F 166 -9.44 2.16 38.48
CA VAL F 166 -10.55 2.23 39.49
C VAL F 166 -10.91 0.83 39.95
N GLN F 167 -10.77 -0.19 39.11
CA GLN F 167 -11.33 -1.55 39.39
C GLN F 167 -10.37 -2.40 40.25
N SER F 168 -9.05 -2.16 40.25
CA SER F 168 -8.16 -2.82 41.23
C SER F 168 -7.98 -2.01 42.55
N ASN F 169 -8.94 -1.12 42.90
CA ASN F 169 -9.04 -0.34 44.18
C ASN F 169 -10.49 -0.20 44.67
N LYS G 7 -52.65 -17.00 -2.02
CA LYS G 7 -51.56 -17.38 -1.01
C LYS G 7 -50.26 -17.72 -1.74
N PRO G 8 -50.16 -18.63 -2.75
CA PRO G 8 -48.86 -18.94 -3.32
C PRO G 8 -48.37 -17.67 -4.00
N LEU G 9 -47.06 -17.49 -3.92
CA LEU G 9 -46.37 -16.38 -4.60
C LEU G 9 -46.49 -16.55 -6.12
N VAL G 10 -46.26 -17.73 -6.64
CA VAL G 10 -46.54 -17.93 -8.08
C VAL G 10 -48.03 -17.83 -8.37
N GLY G 11 -48.38 -17.08 -9.43
CA GLY G 11 -49.74 -16.72 -9.82
C GLY G 11 -50.19 -15.39 -9.24
N SER G 12 -49.45 -14.80 -8.30
CA SER G 12 -49.87 -13.58 -7.59
C SER G 12 -49.06 -12.37 -8.12
N VAL G 13 -49.51 -11.17 -7.78
CA VAL G 13 -48.75 -9.92 -8.10
C VAL G 13 -47.43 -9.93 -7.30
N ALA G 14 -46.32 -9.78 -8.02
CA ALA G 14 -44.93 -9.71 -7.50
C ALA G 14 -44.78 -8.57 -6.51
N PRO G 15 -44.38 -8.86 -5.24
CA PRO G 15 -44.12 -7.82 -4.25
C PRO G 15 -43.12 -6.79 -4.80
N ASP G 16 -43.53 -5.53 -4.78
CA ASP G 16 -42.75 -4.39 -5.31
C ASP G 16 -41.63 -4.07 -4.31
N PHE G 17 -40.59 -3.37 -4.78
CA PHE G 17 -39.42 -2.99 -3.98
C PHE G 17 -38.77 -1.76 -4.61
N LYS G 18 -38.26 -0.89 -3.72
CA LYS G 18 -37.47 0.33 -3.99
C LYS G 18 -36.16 0.08 -3.26
N ALA G 19 -35.03 -0.07 -3.97
CA ALA G 19 -33.75 -0.49 -3.35
C ALA G 19 -32.56 0.06 -4.14
N GLN G 20 -31.40 0.08 -3.49
CA GLN G 20 -30.13 0.53 -4.08
C GLN G 20 -29.62 -0.63 -4.93
N ALA G 21 -29.08 -0.30 -6.12
CA ALA G 21 -28.44 -1.28 -7.01
C ALA G 21 -27.18 -0.66 -7.59
N VAL G 22 -26.44 -1.44 -8.38
CA VAL G 22 -25.21 -1.04 -9.11
C VAL G 22 -25.41 -1.38 -10.58
N PHE G 23 -25.56 -0.35 -11.40
CA PHE G 23 -25.51 -0.45 -12.89
C PHE G 23 -24.39 0.46 -13.44
N ASP G 24 -23.53 -0.08 -14.30
CA ASP G 24 -22.45 0.68 -15.01
C ASP G 24 -21.55 1.37 -13.95
N GLN G 25 -21.21 0.64 -12.88
CA GLN G 25 -20.21 1.04 -11.86
C GLN G 25 -20.65 2.34 -11.14
N GLU G 26 -21.96 2.53 -11.03
CA GLU G 26 -22.61 3.68 -10.38
C GLU G 26 -23.77 3.11 -9.57
N PHE G 27 -24.13 3.81 -8.50
CA PHE G 27 -25.28 3.57 -7.59
C PHE G 27 -26.53 4.19 -8.21
N GLN G 28 -27.66 3.46 -8.19
CA GLN G 28 -28.96 4.09 -8.61
C GLN G 28 -30.11 3.37 -7.91
N GLU G 29 -31.16 4.12 -7.53
CA GLU G 29 -32.39 3.57 -6.94
C GLU G 29 -33.15 2.78 -8.01
N ILE G 30 -33.53 1.53 -7.73
CA ILE G 30 -34.33 0.68 -8.67
C ILE G 30 -35.71 0.29 -8.07
N THR G 31 -36.75 0.43 -8.88
CA THR G 31 -38.13 0.11 -8.50
C THR G 31 -38.63 -0.99 -9.44
N LEU G 32 -38.90 -2.17 -8.91
CA LEU G 32 -39.38 -3.33 -9.71
C LEU G 32 -40.54 -2.92 -10.61
N SER G 33 -41.55 -2.25 -10.05
CA SER G 33 -42.81 -1.93 -10.78
C SER G 33 -42.54 -1.00 -11.98
N LYS G 34 -41.36 -0.36 -12.09
CA LYS G 34 -41.06 0.56 -13.24
C LYS G 34 -40.58 -0.28 -14.43
N TYR G 35 -40.49 -1.59 -14.31
CA TYR G 35 -40.23 -2.54 -15.43
C TYR G 35 -41.54 -3.08 -16.05
N ARG G 36 -42.73 -2.77 -15.52
CA ARG G 36 -44.01 -3.19 -16.13
C ARG G 36 -44.01 -2.73 -17.60
N GLY G 37 -44.62 -3.53 -18.48
CA GLY G 37 -44.40 -3.54 -19.95
C GLY G 37 -43.25 -4.46 -20.34
N LYS G 38 -42.58 -5.10 -19.37
CA LYS G 38 -41.44 -6.00 -19.65
C LYS G 38 -41.50 -7.21 -18.74
N TYR G 39 -40.94 -8.30 -19.23
CA TYR G 39 -40.65 -9.50 -18.43
C TYR G 39 -39.41 -9.16 -17.59
N VAL G 40 -39.35 -9.70 -16.37
CA VAL G 40 -38.15 -9.53 -15.53
C VAL G 40 -37.76 -10.91 -15.09
N VAL G 41 -36.50 -11.27 -15.34
CA VAL G 41 -35.80 -12.41 -14.68
C VAL G 41 -35.21 -11.84 -13.39
N LEU G 42 -35.72 -12.28 -12.24
CA LEU G 42 -35.30 -11.75 -10.93
C LEU G 42 -34.72 -12.94 -10.18
N PHE G 43 -33.42 -12.88 -9.89
CA PHE G 43 -32.73 -13.97 -9.21
C PHE G 43 -31.98 -13.39 -8.03
N PHE G 44 -31.73 -14.29 -7.10
CA PHE G 44 -31.21 -14.11 -5.76
C PHE G 44 -30.12 -15.14 -5.60
N TYR G 45 -29.03 -14.73 -4.97
CA TYR G 45 -27.89 -15.58 -4.61
C TYR G 45 -27.48 -15.20 -3.20
N PRO G 46 -26.90 -16.13 -2.43
CA PRO G 46 -26.66 -15.92 -1.02
C PRO G 46 -25.75 -14.73 -0.72
N LEU G 47 -24.50 -14.74 -1.23
CA LEU G 47 -23.47 -13.72 -0.81
C LEU G 47 -22.44 -13.42 -1.90
N ASP G 48 -21.95 -12.17 -1.84
CA ASP G 48 -20.76 -11.69 -2.58
C ASP G 48 -19.48 -12.26 -1.96
N PHE G 49 -18.45 -12.52 -2.77
CA PHE G 49 -17.06 -12.77 -2.31
C PHE G 49 -16.95 -14.13 -1.60
N THR G 50 -17.68 -15.14 -2.08
CA THR G 50 -17.58 -16.57 -1.66
C THR G 50 -16.56 -17.33 -2.52
N PHE G 51 -16.31 -18.59 -2.22
CA PHE G 51 -15.40 -19.48 -2.99
C PHE G 51 -16.19 -20.26 -4.07
N VAL G 52 -17.46 -19.92 -4.25
CA VAL G 52 -18.33 -20.53 -5.30
C VAL G 52 -18.23 -19.68 -6.56
N CYS G 53 -17.54 -20.22 -7.56
CA CYS G 53 -17.42 -19.65 -8.92
C CYS G 53 -18.78 -19.05 -9.27
N PRO G 54 -18.89 -17.73 -9.53
CA PRO G 54 -20.20 -17.10 -9.68
C PRO G 54 -20.77 -17.20 -11.12
N THR G 55 -20.85 -18.40 -11.70
CA THR G 55 -21.24 -18.56 -13.12
C THR G 55 -22.74 -18.30 -13.25
N GLU G 56 -23.53 -18.48 -12.19
CA GLU G 56 -24.99 -18.12 -12.28
C GLU G 56 -25.08 -16.66 -12.78
N ILE G 57 -24.36 -15.76 -12.10
CA ILE G 57 -24.36 -14.29 -12.33
C ILE G 57 -23.68 -13.97 -13.66
N THR G 58 -22.46 -14.45 -13.91
CA THR G 58 -21.66 -14.03 -15.09
C THR G 58 -22.30 -14.51 -16.41
N ALA G 59 -22.87 -15.72 -16.46
CA ALA G 59 -23.52 -16.29 -17.68
C ALA G 59 -24.64 -15.38 -18.18
N PHE G 60 -25.58 -14.96 -17.31
CA PHE G 60 -26.59 -13.92 -17.65
C PHE G 60 -25.86 -12.68 -18.21
N SER G 61 -24.71 -12.27 -17.66
CA SER G 61 -24.04 -11.03 -18.15
C SER G 61 -23.60 -11.23 -19.61
N ASP G 62 -22.92 -12.34 -19.89
CA ASP G 62 -22.38 -12.65 -21.25
C ASP G 62 -23.52 -12.77 -22.28
N ARG G 63 -24.60 -13.45 -21.90
CA ARG G 63 -25.73 -13.71 -22.82
C ARG G 63 -26.84 -12.69 -22.55
N TYR G 64 -26.53 -11.54 -21.93
CA TYR G 64 -27.53 -10.49 -21.61
C TYR G 64 -28.36 -10.12 -22.87
N LYS G 65 -27.71 -9.97 -24.03
CA LYS G 65 -28.38 -9.39 -25.21
C LYS G 65 -29.57 -10.26 -25.60
N GLU G 66 -29.44 -11.58 -25.46
CA GLU G 66 -30.50 -12.52 -25.91
C GLU G 66 -31.79 -12.10 -25.20
N PHE G 67 -31.65 -11.59 -23.98
CA PHE G 67 -32.78 -11.26 -23.08
C PHE G 67 -33.32 -9.86 -23.39
N LYS G 68 -32.45 -8.86 -23.48
CA LYS G 68 -32.82 -7.49 -23.90
C LYS G 68 -33.56 -7.62 -25.24
N ASP G 69 -33.11 -8.50 -26.15
CA ASP G 69 -33.71 -8.73 -27.51
C ASP G 69 -35.16 -9.27 -27.42
N ILE G 70 -35.56 -9.94 -26.35
CA ILE G 70 -36.97 -10.43 -26.21
C ILE G 70 -37.64 -9.71 -25.04
N ASN G 71 -37.36 -8.40 -24.88
CA ASN G 71 -38.15 -7.51 -23.99
C ASN G 71 -38.16 -8.10 -22.54
N THR G 72 -36.97 -8.39 -22.00
CA THR G 72 -36.75 -8.96 -20.64
C THR G 72 -35.50 -8.32 -20.03
N GLU G 73 -35.64 -7.66 -18.87
CA GLU G 73 -34.54 -7.21 -18.00
C GLU G 73 -34.10 -8.39 -17.11
N VAL G 74 -32.83 -8.39 -16.71
CA VAL G 74 -32.26 -9.26 -15.62
C VAL G 74 -31.96 -8.39 -14.39
N LEU G 75 -32.19 -8.92 -13.18
CA LEU G 75 -31.91 -8.24 -11.90
C LEU G 75 -31.47 -9.38 -10.98
N GLY G 76 -30.23 -9.33 -10.47
CA GLY G 76 -29.65 -10.18 -9.42
C GLY G 76 -29.71 -9.47 -8.08
N VAL G 77 -29.83 -10.20 -6.99
CA VAL G 77 -30.07 -9.68 -5.63
C VAL G 77 -29.32 -10.59 -4.63
N SER G 78 -28.58 -9.99 -3.69
CA SER G 78 -28.18 -10.58 -2.39
C SER G 78 -28.43 -9.54 -1.32
N VAL G 79 -28.19 -9.96 -0.09
CA VAL G 79 -28.29 -9.12 1.13
C VAL G 79 -27.06 -8.23 1.29
N ASP G 80 -26.08 -8.24 0.39
CA ASP G 80 -24.86 -7.43 0.54
C ASP G 80 -25.21 -5.94 0.32
N SER G 81 -24.40 -5.02 0.86
CA SER G 81 -24.52 -3.56 0.62
C SER G 81 -24.24 -3.26 -0.87
N GLN G 82 -24.65 -2.08 -1.38
CA GLN G 82 -24.25 -1.67 -2.74
C GLN G 82 -22.74 -1.47 -2.84
N PHE G 83 -22.05 -1.06 -1.77
CA PHE G 83 -20.57 -0.87 -1.77
C PHE G 83 -19.87 -2.22 -1.94
N THR G 84 -20.34 -3.26 -1.26
CA THR G 84 -19.84 -4.64 -1.49
C THR G 84 -20.07 -5.06 -2.93
N HIS G 85 -21.23 -4.80 -3.53
CA HIS G 85 -21.46 -5.20 -4.94
C HIS G 85 -20.44 -4.52 -5.86
N LEU G 86 -20.22 -3.22 -5.69
CA LEU G 86 -19.35 -2.40 -6.58
C LEU G 86 -17.96 -3.01 -6.55
N ALA G 87 -17.49 -3.38 -5.36
CA ALA G 87 -16.13 -3.93 -5.19
C ALA G 87 -16.00 -5.26 -5.90
N TRP G 88 -17.03 -6.12 -5.82
CA TRP G 88 -17.10 -7.44 -6.51
C TRP G 88 -17.07 -7.24 -8.02
N ILE G 89 -17.88 -6.32 -8.53
CA ILE G 89 -17.93 -6.01 -9.98
C ILE G 89 -16.55 -5.50 -10.42
N GLN G 90 -15.89 -4.70 -9.60
CA GLN G 90 -14.59 -4.09 -9.95
C GLN G 90 -13.40 -5.04 -9.74
N THR G 91 -13.61 -6.24 -9.17
CA THR G 91 -12.63 -7.34 -9.10
C THR G 91 -12.74 -8.16 -10.39
N ASP G 92 -11.61 -8.63 -10.95
CA ASP G 92 -11.54 -9.42 -12.23
C ASP G 92 -12.10 -10.81 -11.97
N ARG G 93 -12.64 -11.47 -13.01
CA ARG G 93 -13.08 -12.88 -12.95
C ARG G 93 -11.90 -13.75 -12.51
N LYS G 94 -10.71 -13.52 -13.07
CA LYS G 94 -9.48 -14.30 -12.77
C LYS G 94 -9.21 -14.32 -11.25
N GLU G 95 -9.61 -13.30 -10.47
CA GLU G 95 -9.33 -13.28 -9.00
C GLU G 95 -10.60 -13.39 -8.14
N GLY G 96 -11.68 -14.01 -8.60
CA GLY G 96 -12.83 -14.34 -7.73
C GLY G 96 -13.96 -13.32 -7.82
N GLY G 97 -13.96 -12.45 -8.83
CA GLY G 97 -14.96 -11.37 -9.01
C GLY G 97 -15.89 -11.59 -10.21
N LEU G 98 -16.64 -10.55 -10.59
CA LEU G 98 -17.66 -10.59 -11.66
C LEU G 98 -17.14 -9.96 -12.95
N GLY G 99 -16.11 -9.12 -12.86
CA GLY G 99 -15.82 -8.15 -13.92
C GLY G 99 -17.07 -7.33 -14.18
N ASP G 100 -17.09 -6.62 -15.31
CA ASP G 100 -18.24 -5.87 -15.86
C ASP G 100 -19.50 -6.76 -15.87
N LEU G 101 -20.60 -6.16 -15.46
CA LEU G 101 -21.94 -6.80 -15.34
C LEU G 101 -22.92 -5.91 -16.13
N ALA G 102 -23.64 -6.50 -17.11
CA ALA G 102 -24.48 -5.80 -18.10
C ALA G 102 -25.84 -5.41 -17.51
N TYR G 103 -26.13 -5.83 -16.26
CA TYR G 103 -27.44 -5.62 -15.61
C TYR G 103 -27.25 -5.18 -14.17
N PRO G 104 -28.27 -4.56 -13.54
CA PRO G 104 -28.22 -4.12 -12.16
C PRO G 104 -28.07 -5.26 -11.14
N LEU G 105 -27.20 -5.04 -10.17
CA LEU G 105 -27.00 -5.97 -9.04
C LEU G 105 -27.60 -5.27 -7.83
N VAL G 106 -28.68 -5.81 -7.24
CA VAL G 106 -29.52 -5.12 -6.24
C VAL G 106 -29.05 -5.47 -4.81
N ALA G 107 -29.03 -4.45 -3.96
CA ALA G 107 -28.56 -4.57 -2.57
C ALA G 107 -29.76 -4.61 -1.59
N ASP G 108 -30.01 -5.81 -1.05
CA ASP G 108 -31.19 -6.10 -0.20
C ASP G 108 -30.72 -6.02 1.24
N LEU G 109 -30.17 -4.86 1.56
CA LEU G 109 -29.41 -4.58 2.82
C LEU G 109 -30.29 -4.83 4.02
N LYS G 110 -31.56 -4.42 3.94
CA LYS G 110 -32.55 -4.58 5.04
C LYS G 110 -33.16 -5.97 4.99
N LYS G 111 -32.81 -6.81 4.04
CA LYS G 111 -33.32 -8.21 3.88
C LYS G 111 -34.83 -8.31 3.54
N GLU G 112 -35.46 -7.21 3.13
CA GLU G 112 -36.91 -7.05 2.91
C GLU G 112 -37.31 -7.72 1.60
N ILE G 113 -36.43 -7.67 0.62
CA ILE G 113 -36.77 -8.27 -0.70
C ILE G 113 -36.80 -9.79 -0.56
N SER G 114 -35.71 -10.40 -0.13
CA SER G 114 -35.62 -11.82 0.29
C SER G 114 -36.82 -12.26 1.14
N LYS G 115 -37.22 -11.48 2.11
CA LYS G 115 -38.35 -11.89 2.96
C LYS G 115 -39.62 -12.03 2.12
N ALA G 116 -39.93 -10.99 1.32
CA ALA G 116 -41.21 -10.87 0.62
C ALA G 116 -41.37 -11.98 -0.43
N TYR G 117 -40.31 -12.31 -1.17
CA TYR G 117 -40.18 -13.46 -2.10
C TYR G 117 -39.92 -14.82 -1.39
N GLY G 118 -39.86 -14.90 -0.07
CA GLY G 118 -39.92 -16.24 0.56
C GLY G 118 -38.61 -16.99 0.51
N VAL G 119 -37.49 -16.37 0.09
CA VAL G 119 -36.13 -16.99 0.02
C VAL G 119 -35.20 -16.52 1.17
N LEU G 120 -35.62 -15.72 2.17
CA LEU G 120 -34.78 -15.41 3.34
C LEU G 120 -34.63 -16.60 4.30
N THR G 121 -33.43 -17.01 4.65
CA THR G 121 -33.19 -18.14 5.63
C THR G 121 -32.93 -17.54 7.02
N GLU G 122 -32.88 -18.41 8.03
CA GLU G 122 -32.58 -18.09 9.44
C GLU G 122 -31.17 -17.49 9.57
N ASP G 123 -30.24 -17.83 8.68
CA ASP G 123 -28.84 -17.31 8.71
C ASP G 123 -28.73 -15.88 8.19
N GLY G 124 -29.81 -15.23 7.72
CA GLY G 124 -29.77 -13.83 7.30
C GLY G 124 -29.34 -13.64 5.85
N ILE G 125 -29.27 -14.71 5.07
CA ILE G 125 -28.99 -14.66 3.61
C ILE G 125 -30.11 -15.33 2.83
N SER G 126 -30.06 -15.27 1.52
CA SER G 126 -31.15 -15.79 0.69
C SER G 126 -30.72 -17.13 0.12
N LEU G 127 -31.67 -17.99 -0.21
CA LEU G 127 -31.48 -19.19 -1.06
C LEU G 127 -31.12 -18.75 -2.47
N ARG G 128 -30.65 -19.67 -3.29
CA ARG G 128 -30.59 -19.48 -4.77
C ARG G 128 -32.01 -19.65 -5.31
N GLY G 129 -32.49 -18.62 -5.99
CA GLY G 129 -33.89 -18.53 -6.39
C GLY G 129 -34.00 -17.71 -7.62
N LEU G 130 -34.84 -18.14 -8.57
CA LEU G 130 -35.06 -17.39 -9.82
C LEU G 130 -36.57 -17.29 -10.03
N PHE G 131 -37.06 -16.10 -10.37
CA PHE G 131 -38.48 -15.82 -10.61
C PHE G 131 -38.64 -15.05 -11.94
N ILE G 132 -39.67 -15.43 -12.71
CA ILE G 132 -40.01 -14.77 -13.99
C ILE G 132 -41.31 -14.05 -13.73
N ILE G 133 -41.23 -12.78 -13.96
CA ILE G 133 -42.28 -11.78 -13.71
C ILE G 133 -42.71 -11.26 -15.06
N ASP G 134 -44.00 -11.37 -15.39
CA ASP G 134 -44.49 -10.97 -16.74
C ASP G 134 -44.72 -9.44 -16.80
N LYS G 135 -45.23 -9.00 -17.93
CA LYS G 135 -45.35 -7.56 -18.20
C LYS G 135 -46.33 -6.91 -17.25
N GLU G 136 -47.28 -7.64 -16.67
CA GLU G 136 -48.33 -7.06 -15.79
C GLU G 136 -47.88 -7.18 -14.33
N GLY G 137 -46.75 -7.86 -14.08
CA GLY G 137 -46.12 -7.91 -12.76
C GLY G 137 -46.57 -9.09 -11.95
N VAL G 138 -47.09 -10.11 -12.61
CA VAL G 138 -47.49 -11.42 -12.04
C VAL G 138 -46.30 -12.40 -12.14
N VAL G 139 -46.04 -13.09 -11.02
CA VAL G 139 -44.98 -14.15 -11.00
C VAL G 139 -45.54 -15.34 -11.75
N GLN G 140 -44.96 -15.73 -12.91
CA GLN G 140 -45.41 -16.94 -13.66
C GLN G 140 -44.55 -18.15 -13.30
N HIS G 141 -43.39 -17.96 -12.70
CA HIS G 141 -42.40 -19.05 -12.60
C HIS G 141 -41.55 -18.79 -11.37
N ALA G 142 -41.09 -19.86 -10.72
CA ALA G 142 -40.09 -19.75 -9.67
C ALA G 142 -39.26 -21.01 -9.64
N THR G 143 -37.94 -20.90 -9.47
CA THR G 143 -37.01 -22.04 -9.27
C THR G 143 -36.23 -21.72 -8.01
N ILE G 144 -36.16 -22.64 -7.08
CA ILE G 144 -35.49 -22.36 -5.81
C ILE G 144 -34.65 -23.57 -5.44
N ASN G 145 -33.39 -23.33 -5.09
CA ASN G 145 -32.35 -24.37 -4.90
C ASN G 145 -31.74 -24.12 -3.56
N ASN G 146 -31.56 -25.19 -2.80
CA ASN G 146 -30.93 -25.14 -1.46
C ASN G 146 -29.44 -25.27 -1.61
N LEU G 147 -28.95 -25.84 -2.69
CA LEU G 147 -27.51 -26.14 -2.89
C LEU G 147 -27.05 -25.39 -4.14
N ALA G 148 -25.75 -25.23 -4.28
CA ALA G 148 -25.03 -24.55 -5.37
C ALA G 148 -24.75 -25.55 -6.50
N PHE G 149 -25.35 -25.32 -7.66
CA PHE G 149 -24.93 -25.90 -8.97
C PHE G 149 -25.46 -25.00 -10.10
N GLY G 150 -24.97 -25.26 -11.31
CA GLY G 150 -25.53 -24.82 -12.60
C GLY G 150 -27.04 -24.65 -12.58
N ARG G 151 -27.47 -23.41 -12.41
CA ARG G 151 -28.57 -22.74 -13.12
C ARG G 151 -28.14 -22.81 -14.58
N SER G 152 -28.93 -23.46 -15.44
CA SER G 152 -28.74 -23.46 -16.92
C SER G 152 -29.46 -22.23 -17.48
N VAL G 153 -28.73 -21.41 -18.18
CA VAL G 153 -29.32 -20.22 -18.84
C VAL G 153 -30.19 -20.71 -20.00
N ASP G 154 -29.86 -21.84 -20.62
CA ASP G 154 -30.69 -22.42 -21.71
C ASP G 154 -32.09 -22.72 -21.14
N GLU G 155 -32.16 -23.35 -19.98
CA GLU G 155 -33.45 -23.74 -19.35
C GLU G 155 -34.21 -22.48 -18.92
N THR G 156 -33.57 -21.52 -18.28
CA THR G 156 -34.24 -20.25 -17.93
C THR G 156 -34.83 -19.65 -19.22
N LYS G 157 -34.02 -19.52 -20.25
CA LYS G 157 -34.45 -18.88 -21.51
C LYS G 157 -35.61 -19.66 -22.12
N ARG G 158 -35.55 -20.99 -22.09
CA ARG G 158 -36.61 -21.83 -22.68
C ARG G 158 -37.91 -21.51 -21.95
N VAL G 159 -37.84 -21.43 -20.62
CA VAL G 159 -39.05 -21.20 -19.76
C VAL G 159 -39.60 -19.81 -20.09
N LEU G 160 -38.71 -18.83 -20.21
CA LEU G 160 -39.10 -17.45 -20.48
C LEU G 160 -39.83 -17.39 -21.82
N GLN G 161 -39.33 -18.08 -22.84
CA GLN G 161 -39.93 -18.09 -24.21
C GLN G 161 -41.30 -18.82 -24.21
N ALA G 162 -41.48 -19.85 -23.43
CA ALA G 162 -42.73 -20.63 -23.38
C ALA G 162 -43.80 -19.78 -22.72
N ILE G 163 -43.43 -18.93 -21.78
CA ILE G 163 -44.38 -18.02 -21.08
C ILE G 163 -44.84 -16.98 -22.11
N GLN G 164 -43.88 -16.38 -22.80
CA GLN G 164 -44.07 -15.40 -23.88
C GLN G 164 -44.98 -16.03 -24.93
N TYR G 165 -44.74 -17.29 -25.31
CA TYR G 165 -45.60 -17.96 -26.32
C TYR G 165 -47.06 -18.09 -25.81
N VAL G 166 -47.28 -18.61 -24.63
CA VAL G 166 -48.66 -18.78 -24.06
C VAL G 166 -49.37 -17.42 -23.88
N GLN G 167 -48.65 -16.32 -23.61
CA GLN G 167 -49.24 -14.97 -23.40
C GLN G 167 -49.44 -14.20 -24.75
N SER G 168 -49.08 -14.81 -25.85
CA SER G 168 -49.29 -14.34 -27.24
C SER G 168 -50.57 -14.96 -27.83
N ASN G 169 -51.04 -16.12 -27.32
CA ASN G 169 -52.27 -16.84 -27.78
C ASN G 169 -53.08 -17.34 -26.57
N LYS H 7 -38.20 -20.84 7.62
CA LYS H 7 -39.54 -20.41 7.00
C LYS H 7 -39.61 -20.80 5.50
N PRO H 8 -38.58 -20.70 4.61
CA PRO H 8 -38.72 -21.31 3.28
C PRO H 8 -38.94 -22.84 3.34
N LEU H 9 -39.78 -23.32 2.43
CA LEU H 9 -40.09 -24.77 2.28
C LEU H 9 -38.80 -25.46 1.85
N VAL H 10 -38.16 -24.91 0.82
CA VAL H 10 -36.81 -25.40 0.36
C VAL H 10 -35.77 -25.19 1.47
N GLY H 11 -35.01 -26.24 1.79
CA GLY H 11 -34.00 -26.27 2.85
C GLY H 11 -34.56 -26.84 4.14
N SER H 12 -35.88 -27.03 4.26
CA SER H 12 -36.59 -27.54 5.47
C SER H 12 -36.92 -29.02 5.27
N VAL H 13 -37.26 -29.73 6.34
CA VAL H 13 -37.82 -31.12 6.18
C VAL H 13 -39.16 -31.07 5.43
N ALA H 14 -39.30 -31.80 4.35
CA ALA H 14 -40.56 -32.05 3.62
C ALA H 14 -41.74 -32.32 4.55
N PRO H 15 -42.83 -31.54 4.50
CA PRO H 15 -44.07 -31.93 5.20
C PRO H 15 -44.50 -33.38 4.82
N ASP H 16 -44.64 -34.26 5.84
CA ASP H 16 -45.00 -35.69 5.65
C ASP H 16 -46.45 -35.75 5.23
N PHE H 17 -46.92 -36.80 4.55
CA PHE H 17 -48.38 -37.03 4.37
C PHE H 17 -48.66 -38.52 4.27
N LYS H 18 -49.90 -38.91 4.56
CA LYS H 18 -50.41 -40.31 4.45
C LYS H 18 -51.67 -40.22 3.61
N ALA H 19 -51.65 -40.70 2.36
CA ALA H 19 -52.75 -40.51 1.38
C ALA H 19 -53.01 -41.74 0.52
N GLN H 20 -54.20 -41.76 -0.07
CA GLN H 20 -54.64 -42.80 -1.03
C GLN H 20 -53.87 -42.49 -2.33
N ALA H 21 -53.36 -43.55 -2.95
CA ALA H 21 -52.81 -43.53 -4.31
C ALA H 21 -53.29 -44.75 -5.10
N VAL H 22 -53.00 -44.70 -6.41
CA VAL H 22 -53.18 -45.78 -7.41
C VAL H 22 -51.79 -46.16 -7.92
N PHE H 23 -51.47 -47.44 -7.77
CA PHE H 23 -50.22 -48.06 -8.24
C PHE H 23 -50.59 -49.45 -8.74
N ASP H 24 -50.05 -49.82 -9.91
CA ASP H 24 -50.36 -51.09 -10.61
C ASP H 24 -51.86 -51.36 -10.50
N GLN H 25 -52.66 -50.33 -10.77
CA GLN H 25 -54.14 -50.40 -10.96
C GLN H 25 -54.85 -50.86 -9.67
N GLU H 26 -54.27 -50.63 -8.50
CA GLU H 26 -54.93 -50.92 -7.22
C GLU H 26 -54.72 -49.72 -6.32
N PHE H 27 -55.59 -49.61 -5.33
CA PHE H 27 -55.53 -48.59 -4.27
C PHE H 27 -54.51 -49.00 -3.21
N GLN H 28 -53.65 -48.07 -2.82
CA GLN H 28 -52.82 -48.27 -1.61
C GLN H 28 -52.61 -46.94 -0.89
N GLU H 29 -52.18 -47.06 0.35
CA GLU H 29 -51.73 -45.95 1.22
C GLU H 29 -50.24 -45.68 0.94
N ILE H 30 -49.93 -44.44 0.79
CA ILE H 30 -48.58 -43.88 0.59
C ILE H 30 -48.29 -42.97 1.82
N THR H 31 -47.16 -43.19 2.47
CA THR H 31 -46.52 -42.27 3.44
C THR H 31 -45.19 -41.74 2.85
N LEU H 32 -45.04 -40.45 2.77
CA LEU H 32 -43.85 -39.85 2.11
C LEU H 32 -42.60 -40.24 2.88
N SER H 33 -42.64 -40.17 4.20
CA SER H 33 -41.50 -40.52 5.12
C SER H 33 -41.04 -41.98 4.99
N LYS H 34 -41.79 -42.84 4.32
CA LYS H 34 -41.42 -44.26 4.08
C LYS H 34 -40.37 -44.41 2.96
N TYR H 35 -40.10 -43.32 2.26
CA TYR H 35 -39.17 -43.27 1.10
C TYR H 35 -37.81 -42.76 1.57
N ARG H 36 -37.60 -42.50 2.86
CA ARG H 36 -36.25 -42.15 3.34
C ARG H 36 -35.30 -43.30 2.97
N GLY H 37 -34.06 -42.94 2.57
CA GLY H 37 -33.09 -43.81 1.85
C GLY H 37 -33.13 -43.57 0.36
N LYS H 38 -34.17 -42.87 -0.15
CA LYS H 38 -34.39 -42.61 -1.59
C LYS H 38 -34.59 -41.12 -1.85
N TYR H 39 -34.16 -40.65 -3.00
CA TYR H 39 -34.55 -39.31 -3.50
C TYR H 39 -36.00 -39.45 -3.93
N VAL H 40 -36.77 -38.40 -3.82
CA VAL H 40 -38.16 -38.40 -4.28
C VAL H 40 -38.31 -37.21 -5.23
N VAL H 41 -38.87 -37.44 -6.41
CA VAL H 41 -39.43 -36.37 -7.25
C VAL H 41 -40.90 -36.37 -6.95
N LEU H 42 -41.41 -35.29 -6.39
CA LEU H 42 -42.82 -35.15 -5.97
C LEU H 42 -43.38 -34.02 -6.83
N PHE H 43 -44.26 -34.31 -7.79
CA PHE H 43 -44.83 -33.21 -8.61
C PHE H 43 -46.36 -33.20 -8.44
N PHE H 44 -46.92 -32.02 -8.70
CA PHE H 44 -48.31 -31.58 -8.60
C PHE H 44 -48.68 -31.08 -9.99
N TYR H 45 -49.85 -31.51 -10.45
CA TYR H 45 -50.56 -31.02 -11.64
C TYR H 45 -51.99 -30.69 -11.18
N PRO H 46 -52.68 -29.79 -11.91
CA PRO H 46 -53.99 -29.31 -11.49
C PRO H 46 -55.09 -30.39 -11.40
N LEU H 47 -55.35 -31.16 -12.46
CA LEU H 47 -56.61 -31.95 -12.60
C LEU H 47 -56.49 -33.06 -13.62
N ASP H 48 -57.03 -34.24 -13.35
CA ASP H 48 -57.21 -35.35 -14.34
C ASP H 48 -58.24 -34.94 -15.40
N PHE H 49 -58.20 -35.48 -16.62
CA PHE H 49 -59.29 -35.55 -17.64
C PHE H 49 -59.54 -34.18 -18.33
N THR H 50 -58.52 -33.31 -18.34
CA THR H 50 -58.52 -31.99 -19.01
C THR H 50 -58.07 -32.21 -20.47
N PHE H 51 -58.18 -31.18 -21.33
CA PHE H 51 -57.74 -31.25 -22.76
C PHE H 51 -56.26 -30.86 -22.93
N VAL H 52 -55.46 -30.80 -21.86
CA VAL H 52 -53.99 -30.63 -21.95
C VAL H 52 -53.38 -32.03 -22.02
N CYS H 53 -52.72 -32.34 -23.13
CA CYS H 53 -51.86 -33.54 -23.29
C CYS H 53 -51.07 -33.77 -21.99
N PRO H 54 -51.14 -34.94 -21.34
CA PRO H 54 -50.46 -35.11 -20.06
C PRO H 54 -48.98 -35.50 -20.17
N THR H 55 -48.19 -34.92 -21.08
CA THR H 55 -46.78 -35.37 -21.34
C THR H 55 -45.92 -35.23 -20.07
N GLU H 56 -46.20 -34.30 -19.17
CA GLU H 56 -45.49 -34.19 -17.86
C GLU H 56 -45.60 -35.53 -17.10
N ILE H 57 -46.80 -36.13 -16.98
CA ILE H 57 -47.03 -37.42 -16.31
C ILE H 57 -46.51 -38.61 -17.14
N THR H 58 -46.72 -38.69 -18.45
CA THR H 58 -46.32 -39.86 -19.28
C THR H 58 -44.81 -39.90 -19.56
N ALA H 59 -44.09 -38.79 -19.61
CA ALA H 59 -42.65 -38.81 -19.91
C ALA H 59 -41.94 -39.51 -18.75
N PHE H 60 -42.29 -39.18 -17.49
CA PHE H 60 -41.71 -39.76 -16.25
C PHE H 60 -42.00 -41.26 -16.22
N SER H 61 -43.20 -41.65 -16.69
CA SER H 61 -43.66 -43.04 -16.80
C SER H 61 -42.80 -43.75 -17.82
N ASP H 62 -42.68 -43.24 -19.03
CA ASP H 62 -41.88 -43.89 -20.10
C ASP H 62 -40.39 -43.96 -19.72
N ARG H 63 -39.89 -43.10 -18.85
CA ARG H 63 -38.44 -43.05 -18.53
C ARG H 63 -38.15 -43.42 -17.06
N TYR H 64 -39.14 -44.02 -16.40
CA TYR H 64 -39.11 -44.28 -14.94
C TYR H 64 -37.83 -45.04 -14.58
N LYS H 65 -37.41 -45.93 -15.46
CA LYS H 65 -36.20 -46.74 -15.21
C LYS H 65 -34.97 -45.84 -15.05
N GLU H 66 -34.89 -44.70 -15.72
CA GLU H 66 -33.69 -43.84 -15.54
C GLU H 66 -33.62 -43.34 -14.09
N PHE H 67 -34.76 -43.09 -13.44
CA PHE H 67 -34.86 -42.56 -12.06
C PHE H 67 -34.64 -43.72 -11.08
N LYS H 68 -35.26 -44.90 -11.32
CA LYS H 68 -35.21 -46.10 -10.42
C LYS H 68 -33.76 -46.54 -10.25
N ASP H 69 -32.95 -46.44 -11.34
CA ASP H 69 -31.50 -46.76 -11.41
C ASP H 69 -30.62 -45.74 -10.66
N ILE H 70 -31.07 -44.51 -10.40
CA ILE H 70 -30.32 -43.60 -9.48
C ILE H 70 -31.12 -43.40 -8.18
N ASN H 71 -31.76 -44.46 -7.72
CA ASN H 71 -32.22 -44.54 -6.31
C ASN H 71 -33.24 -43.43 -6.02
N THR H 72 -34.19 -43.21 -6.93
CA THR H 72 -35.14 -42.07 -6.93
C THR H 72 -36.53 -42.64 -7.22
N GLU H 73 -37.51 -42.34 -6.38
CA GLU H 73 -38.94 -42.59 -6.65
C GLU H 73 -39.55 -41.33 -7.30
N VAL H 74 -40.69 -41.49 -8.00
CA VAL H 74 -41.54 -40.41 -8.57
C VAL H 74 -42.93 -40.59 -8.00
N LEU H 75 -43.56 -39.47 -7.59
CA LEU H 75 -44.98 -39.36 -7.13
C LEU H 75 -45.58 -38.09 -7.73
N GLY H 76 -46.62 -38.27 -8.56
CA GLY H 76 -47.58 -37.24 -8.96
C GLY H 76 -48.74 -37.10 -7.95
N VAL H 77 -49.30 -35.90 -7.86
CA VAL H 77 -50.35 -35.44 -6.94
C VAL H 77 -51.23 -34.43 -7.70
N SER H 78 -52.54 -34.68 -7.72
CA SER H 78 -53.66 -33.77 -8.02
C SER H 78 -54.63 -33.89 -6.85
N VAL H 79 -55.58 -32.98 -6.85
CA VAL H 79 -56.68 -32.94 -5.85
C VAL H 79 -57.81 -33.90 -6.26
N ASP H 80 -57.69 -34.71 -7.31
CA ASP H 80 -58.70 -35.72 -7.71
C ASP H 80 -58.69 -36.89 -6.70
N SER H 81 -59.86 -37.55 -6.54
CA SER H 81 -60.02 -38.83 -5.80
C SER H 81 -59.20 -39.93 -6.47
N GLN H 82 -58.88 -40.96 -5.68
CA GLN H 82 -58.29 -42.21 -6.17
C GLN H 82 -59.15 -42.79 -7.33
N PHE H 83 -60.45 -42.85 -7.17
CA PHE H 83 -61.36 -43.40 -8.21
C PHE H 83 -61.15 -42.62 -9.53
N THR H 84 -61.01 -41.32 -9.41
CA THR H 84 -60.80 -40.53 -10.64
C THR H 84 -59.42 -40.90 -11.25
N HIS H 85 -58.39 -41.05 -10.42
CA HIS H 85 -57.03 -41.44 -10.86
C HIS H 85 -57.11 -42.75 -11.66
N LEU H 86 -57.87 -43.72 -11.17
CA LEU H 86 -57.90 -45.09 -11.76
C LEU H 86 -58.67 -45.01 -13.07
N ALA H 87 -59.74 -44.26 -13.10
CA ALA H 87 -60.48 -44.10 -14.39
C ALA H 87 -59.51 -43.56 -15.45
N TRP H 88 -58.58 -42.65 -15.06
CA TRP H 88 -57.68 -41.91 -16.00
C TRP H 88 -56.54 -42.82 -16.44
N ILE H 89 -55.97 -43.60 -15.50
CA ILE H 89 -54.93 -44.62 -15.76
C ILE H 89 -55.50 -45.66 -16.73
N GLN H 90 -56.74 -46.10 -16.56
CA GLN H 90 -57.35 -47.19 -17.37
C GLN H 90 -57.99 -46.64 -18.66
N THR H 91 -57.88 -45.36 -18.98
CA THR H 91 -58.16 -44.80 -20.32
C THR H 91 -56.89 -44.77 -21.20
N ASP H 92 -56.89 -45.26 -22.43
CA ASP H 92 -55.73 -45.25 -23.37
C ASP H 92 -55.31 -43.79 -23.61
N ARG H 93 -54.04 -43.61 -24.04
CA ARG H 93 -53.44 -42.28 -24.37
C ARG H 93 -54.14 -41.67 -25.61
N LYS H 94 -54.50 -42.53 -26.59
CA LYS H 94 -55.21 -42.14 -27.86
C LYS H 94 -56.59 -41.55 -27.47
N GLU H 95 -57.23 -41.94 -26.35
CA GLU H 95 -58.59 -41.44 -25.92
C GLU H 95 -58.49 -40.35 -24.81
N GLY H 96 -57.32 -39.75 -24.54
CA GLY H 96 -57.17 -38.63 -23.57
C GLY H 96 -56.65 -39.13 -22.24
N GLY H 97 -56.22 -40.38 -22.14
CA GLY H 97 -55.90 -41.04 -20.87
C GLY H 97 -54.41 -41.07 -20.58
N LEU H 98 -54.01 -41.77 -19.52
CA LEU H 98 -52.60 -41.93 -19.10
C LEU H 98 -52.02 -43.20 -19.72
N GLY H 99 -52.83 -44.24 -19.83
CA GLY H 99 -52.34 -45.61 -20.05
C GLY H 99 -51.68 -46.08 -18.77
N ASP H 100 -51.20 -47.34 -18.77
CA ASP H 100 -50.50 -47.97 -17.62
C ASP H 100 -49.43 -47.01 -17.10
N LEU H 101 -49.38 -46.73 -15.81
CA LEU H 101 -48.43 -45.74 -15.24
C LEU H 101 -47.47 -46.43 -14.27
N ALA H 102 -46.17 -46.11 -14.34
CA ALA H 102 -45.06 -46.89 -13.72
C ALA H 102 -44.80 -46.52 -12.23
N TYR H 103 -45.46 -45.46 -11.74
CA TYR H 103 -45.29 -44.91 -10.37
C TYR H 103 -46.65 -44.52 -9.76
N PRO H 104 -46.74 -44.30 -8.42
CA PRO H 104 -47.99 -43.90 -7.80
C PRO H 104 -48.49 -42.52 -8.24
N LEU H 105 -49.79 -42.46 -8.49
CA LEU H 105 -50.57 -41.21 -8.59
C LEU H 105 -51.39 -41.02 -7.29
N VAL H 106 -51.04 -39.99 -6.50
CA VAL H 106 -51.63 -39.66 -5.18
C VAL H 106 -52.90 -38.76 -5.34
N ALA H 107 -53.95 -39.11 -4.59
CA ALA H 107 -55.24 -38.40 -4.41
C ALA H 107 -55.13 -37.44 -3.23
N ASP H 108 -55.15 -36.14 -3.50
CA ASP H 108 -55.00 -35.09 -2.48
C ASP H 108 -56.39 -34.52 -2.30
N LEU H 109 -57.31 -35.38 -1.86
CA LEU H 109 -58.79 -35.15 -1.96
C LEU H 109 -59.23 -34.07 -0.97
N LYS H 110 -58.58 -33.99 0.19
CA LYS H 110 -58.83 -32.95 1.24
C LYS H 110 -58.00 -31.68 0.95
N LYS H 111 -57.08 -31.73 -0.02
CA LYS H 111 -56.28 -30.58 -0.48
C LYS H 111 -55.16 -30.24 0.51
N GLU H 112 -54.88 -31.12 1.47
CA GLU H 112 -53.97 -30.84 2.60
C GLU H 112 -52.52 -30.88 2.10
N ILE H 113 -52.21 -31.63 1.07
CA ILE H 113 -50.81 -31.80 0.58
C ILE H 113 -50.44 -30.58 -0.24
N SER H 114 -51.27 -30.25 -1.20
CA SER H 114 -51.18 -28.97 -1.98
C SER H 114 -50.98 -27.79 -1.05
N LYS H 115 -51.79 -27.67 -0.01
CA LYS H 115 -51.68 -26.57 0.97
C LYS H 115 -50.32 -26.54 1.70
N ALA H 116 -49.88 -27.69 2.27
CA ALA H 116 -48.63 -27.80 3.03
C ALA H 116 -47.43 -27.54 2.11
N TYR H 117 -47.51 -27.88 0.83
CA TYR H 117 -46.40 -27.58 -0.12
C TYR H 117 -46.59 -26.24 -0.82
N GLY H 118 -47.55 -25.40 -0.42
CA GLY H 118 -47.63 -23.98 -0.87
C GLY H 118 -48.04 -23.79 -2.33
N VAL H 119 -48.78 -24.74 -2.93
CA VAL H 119 -49.16 -24.81 -4.37
C VAL H 119 -50.66 -24.96 -4.48
N LEU H 120 -51.41 -25.01 -3.37
CA LEU H 120 -52.91 -24.91 -3.44
C LEU H 120 -53.39 -23.50 -3.90
N THR H 121 -54.12 -23.32 -5.01
CA THR H 121 -54.63 -21.99 -5.45
C THR H 121 -56.06 -21.77 -4.91
N GLU H 122 -56.58 -20.55 -5.10
CA GLU H 122 -57.89 -20.12 -4.56
C GLU H 122 -59.02 -20.87 -5.25
N ASP H 123 -58.73 -21.53 -6.38
CA ASP H 123 -59.73 -22.28 -7.19
C ASP H 123 -59.88 -23.72 -6.70
N GLY H 124 -59.12 -24.18 -5.72
CA GLY H 124 -59.29 -25.53 -5.17
C GLY H 124 -58.43 -26.57 -5.87
N ILE H 125 -57.55 -26.18 -6.80
CA ILE H 125 -56.53 -27.03 -7.49
C ILE H 125 -55.14 -26.51 -7.20
N SER H 126 -54.16 -27.31 -7.57
CA SER H 126 -52.73 -27.09 -7.29
C SER H 126 -52.12 -26.53 -8.54
N LEU H 127 -51.11 -25.70 -8.41
CA LEU H 127 -50.27 -25.28 -9.54
C LEU H 127 -49.44 -26.47 -9.96
N ARG H 128 -48.77 -26.34 -11.09
CA ARG H 128 -47.75 -27.29 -11.54
C ARG H 128 -46.53 -26.88 -10.77
N GLY H 129 -46.02 -27.84 -10.00
CA GLY H 129 -44.91 -27.76 -9.08
C GLY H 129 -44.16 -29.08 -9.04
N LEU H 130 -42.84 -29.03 -8.88
CA LEU H 130 -42.03 -30.21 -8.69
C LEU H 130 -41.07 -29.94 -7.54
N PHE H 131 -40.85 -30.95 -6.71
CA PHE H 131 -39.97 -30.86 -5.54
C PHE H 131 -39.05 -32.07 -5.55
N ILE H 132 -37.78 -31.83 -5.26
CA ILE H 132 -36.86 -32.95 -5.10
C ILE H 132 -36.48 -33.08 -3.64
N ILE H 133 -36.68 -34.24 -3.10
CA ILE H 133 -36.54 -34.48 -1.65
C ILE H 133 -35.40 -35.46 -1.50
N ASP H 134 -34.41 -35.17 -0.65
CA ASP H 134 -33.17 -36.01 -0.52
C ASP H 134 -33.45 -37.23 0.36
N LYS H 135 -32.47 -38.11 0.54
CA LYS H 135 -32.64 -39.39 1.32
C LYS H 135 -33.07 -39.11 2.78
N GLU H 136 -32.72 -37.96 3.35
CA GLU H 136 -32.94 -37.57 4.77
C GLU H 136 -34.30 -36.84 4.89
N GLY H 137 -34.95 -36.59 3.75
CA GLY H 137 -36.30 -36.02 3.67
C GLY H 137 -36.29 -34.50 3.58
N VAL H 138 -35.23 -33.90 3.06
CA VAL H 138 -35.08 -32.43 3.08
C VAL H 138 -35.35 -31.99 1.64
N VAL H 139 -36.20 -30.96 1.47
CA VAL H 139 -36.55 -30.42 0.13
C VAL H 139 -35.32 -29.70 -0.40
N GLN H 140 -34.58 -30.19 -1.40
CA GLN H 140 -33.37 -29.47 -1.87
C GLN H 140 -33.71 -28.59 -3.09
N HIS H 141 -34.89 -28.74 -3.70
CA HIS H 141 -35.26 -28.07 -4.99
C HIS H 141 -36.79 -27.94 -5.18
N ALA H 142 -37.20 -26.87 -5.86
CA ALA H 142 -38.60 -26.58 -6.16
C ALA H 142 -38.67 -25.77 -7.43
N THR H 143 -39.58 -26.17 -8.31
CA THR H 143 -39.90 -25.49 -9.58
C THR H 143 -41.41 -25.37 -9.54
N ILE H 144 -41.94 -24.18 -9.80
CA ILE H 144 -43.38 -23.91 -9.68
C ILE H 144 -43.75 -23.04 -10.86
N ASN H 145 -44.73 -23.47 -11.66
CA ASN H 145 -45.24 -22.80 -12.89
C ASN H 145 -46.73 -22.49 -12.74
N ASN H 146 -47.15 -21.26 -13.04
CA ASN H 146 -48.59 -20.85 -13.13
C ASN H 146 -49.23 -21.43 -14.39
N LEU H 147 -48.43 -21.52 -15.46
CA LEU H 147 -48.87 -21.81 -16.84
C LEU H 147 -48.50 -23.24 -17.24
N ALA H 148 -49.20 -23.78 -18.22
CA ALA H 148 -48.95 -25.09 -18.87
C ALA H 148 -47.91 -24.95 -19.98
N PHE H 149 -46.76 -25.57 -19.83
CA PHE H 149 -45.83 -25.89 -20.95
C PHE H 149 -44.95 -27.09 -20.53
N GLY H 150 -44.31 -27.71 -21.53
CA GLY H 150 -43.29 -28.76 -21.35
C GLY H 150 -42.49 -28.52 -20.09
N ARG H 151 -42.50 -29.50 -19.18
CA ARG H 151 -41.43 -29.70 -18.18
C ARG H 151 -40.41 -30.61 -18.87
N SER H 152 -39.14 -30.27 -18.81
CA SER H 152 -38.10 -31.09 -19.47
C SER H 152 -37.70 -32.16 -18.46
N VAL H 153 -37.94 -33.43 -18.77
CA VAL H 153 -37.52 -34.58 -17.91
C VAL H 153 -36.01 -34.58 -17.84
N ASP H 154 -35.32 -34.20 -18.93
CA ASP H 154 -33.84 -34.02 -18.97
C ASP H 154 -33.42 -33.00 -17.89
N GLU H 155 -34.06 -31.83 -17.83
CA GLU H 155 -33.71 -30.81 -16.81
C GLU H 155 -34.01 -31.32 -15.39
N THR H 156 -35.12 -31.99 -15.11
CA THR H 156 -35.33 -32.57 -13.75
C THR H 156 -34.16 -33.53 -13.42
N LYS H 157 -33.79 -34.35 -14.41
CA LYS H 157 -32.74 -35.37 -14.24
C LYS H 157 -31.41 -34.66 -13.95
N ARG H 158 -31.10 -33.61 -14.69
CA ARG H 158 -29.78 -32.93 -14.53
C ARG H 158 -29.72 -32.43 -13.10
N VAL H 159 -30.84 -31.91 -12.60
CA VAL H 159 -30.89 -31.21 -11.30
C VAL H 159 -30.79 -32.27 -10.22
N LEU H 160 -31.47 -33.37 -10.45
CA LEU H 160 -31.45 -34.50 -9.49
C LEU H 160 -30.02 -35.05 -9.40
N GLN H 161 -29.31 -35.23 -10.52
CA GLN H 161 -27.91 -35.77 -10.54
C GLN H 161 -26.91 -34.71 -10.03
N ALA H 162 -27.17 -33.44 -10.18
CA ALA H 162 -26.33 -32.37 -9.60
C ALA H 162 -26.49 -32.39 -8.08
N ILE H 163 -27.68 -32.70 -7.56
CA ILE H 163 -27.94 -32.75 -6.10
C ILE H 163 -27.23 -33.99 -5.56
N GLN H 164 -27.38 -35.11 -6.28
CA GLN H 164 -26.72 -36.39 -5.92
C GLN H 164 -25.23 -36.15 -5.84
N TYR H 165 -24.65 -35.44 -6.82
CA TYR H 165 -23.18 -35.28 -6.95
C TYR H 165 -22.71 -34.42 -5.79
N VAL H 166 -23.43 -33.36 -5.46
CA VAL H 166 -23.07 -32.44 -4.34
C VAL H 166 -23.23 -33.21 -3.02
N GLN H 167 -24.24 -34.03 -2.87
CA GLN H 167 -24.48 -34.65 -1.54
C GLN H 167 -23.46 -35.79 -1.36
N SER H 168 -22.69 -36.11 -2.39
CA SER H 168 -21.74 -37.26 -2.42
C SER H 168 -20.35 -36.83 -1.95
N ASN H 169 -20.00 -35.55 -2.00
CA ASN H 169 -18.63 -35.12 -1.60
C ASN H 169 -18.60 -33.59 -1.49
N PRO H 170 -18.34 -33.03 -0.27
CA PRO H 170 -17.82 -31.67 -0.14
C PRO H 170 -16.38 -31.59 -0.67
N LYS I 7 -81.89 -20.18 12.24
CA LYS I 7 -80.71 -21.09 12.23
C LYS I 7 -80.92 -22.32 11.32
N PRO I 8 -82.02 -23.12 11.32
CA PRO I 8 -82.10 -24.26 10.39
C PRO I 8 -82.07 -23.84 8.91
N LEU I 9 -81.50 -24.72 8.12
CA LEU I 9 -81.35 -24.47 6.66
C LEU I 9 -82.74 -24.59 6.03
N VAL I 10 -83.49 -25.62 6.46
CA VAL I 10 -84.91 -25.74 5.99
C VAL I 10 -85.71 -24.59 6.60
N GLY I 11 -86.34 -23.75 5.78
CA GLY I 11 -87.18 -22.61 6.22
C GLY I 11 -86.52 -21.29 5.85
N SER I 12 -85.24 -21.34 5.53
CA SER I 12 -84.40 -20.16 5.24
C SER I 12 -84.07 -20.09 3.74
N VAL I 13 -83.69 -18.91 3.29
CA VAL I 13 -83.18 -18.66 1.91
C VAL I 13 -81.97 -19.58 1.65
N ALA I 14 -82.15 -20.52 0.74
CA ALA I 14 -81.11 -21.41 0.16
C ALA I 14 -79.85 -20.60 -0.14
N PRO I 15 -78.69 -21.01 0.39
CA PRO I 15 -77.42 -20.41 -0.02
C PRO I 15 -77.15 -20.46 -1.56
N ASP I 16 -76.86 -19.31 -2.12
CA ASP I 16 -76.52 -19.15 -3.56
C ASP I 16 -75.10 -19.72 -3.72
N PHE I 17 -74.77 -20.22 -4.90
CA PHE I 17 -73.41 -20.65 -5.31
C PHE I 17 -73.30 -20.25 -6.77
N LYS I 18 -72.07 -20.01 -7.21
CA LYS I 18 -71.61 -19.91 -8.60
C LYS I 18 -70.66 -21.08 -8.78
N ALA I 19 -70.89 -22.01 -9.70
CA ALA I 19 -69.90 -23.06 -10.01
C ALA I 19 -69.90 -23.46 -11.47
N GLN I 20 -68.90 -24.23 -11.90
CA GLN I 20 -68.92 -24.87 -13.24
C GLN I 20 -69.82 -26.09 -13.12
N ALA I 21 -70.45 -26.44 -14.25
CA ALA I 21 -71.32 -27.63 -14.38
C ALA I 21 -71.29 -28.15 -15.81
N VAL I 22 -71.74 -29.36 -16.01
CA VAL I 22 -71.80 -30.00 -17.34
C VAL I 22 -73.27 -30.23 -17.69
N PHE I 23 -73.66 -29.64 -18.83
CA PHE I 23 -74.97 -29.73 -19.46
C PHE I 23 -74.80 -29.99 -20.97
N ASP I 24 -75.46 -31.02 -21.51
CA ASP I 24 -75.40 -31.35 -22.96
C ASP I 24 -73.93 -31.45 -23.40
N GLN I 25 -73.10 -32.07 -22.57
CA GLN I 25 -71.64 -32.35 -22.76
C GLN I 25 -70.80 -31.09 -22.99
N GLU I 26 -71.22 -29.94 -22.44
CA GLU I 26 -70.43 -28.70 -22.48
C GLU I 26 -70.33 -28.10 -21.07
N PHE I 27 -69.27 -27.32 -20.82
CA PHE I 27 -69.04 -26.54 -19.58
C PHE I 27 -69.92 -25.28 -19.61
N GLN I 28 -70.67 -25.03 -18.54
CA GLN I 28 -71.32 -23.71 -18.35
C GLN I 28 -71.23 -23.32 -16.88
N GLU I 29 -71.35 -22.04 -16.64
CA GLU I 29 -71.41 -21.49 -15.27
C GLU I 29 -72.88 -21.40 -14.82
N ILE I 30 -73.16 -21.99 -13.66
CA ILE I 30 -74.51 -22.24 -13.06
C ILE I 30 -74.59 -21.27 -11.89
N THR I 31 -75.70 -20.58 -11.73
CA THR I 31 -76.00 -19.89 -10.44
C THR I 31 -77.30 -20.49 -9.90
N LEU I 32 -77.40 -20.74 -8.60
CA LEU I 32 -78.67 -21.31 -8.09
C LEU I 32 -79.74 -20.22 -8.21
N SER I 33 -79.41 -18.96 -8.02
CA SER I 33 -80.39 -17.84 -8.16
C SER I 33 -80.91 -17.66 -9.60
N LYS I 34 -80.26 -18.24 -10.60
CA LYS I 34 -80.76 -18.23 -11.99
C LYS I 34 -82.07 -19.00 -12.11
N TYR I 35 -82.40 -19.90 -11.20
CA TYR I 35 -83.59 -20.78 -11.31
C TYR I 35 -84.75 -20.23 -10.47
N ARG I 36 -84.63 -19.06 -9.84
CA ARG I 36 -85.83 -18.39 -9.26
C ARG I 36 -86.90 -18.40 -10.36
N GLY I 37 -88.17 -18.63 -9.97
CA GLY I 37 -89.31 -18.85 -10.89
C GLY I 37 -89.61 -20.32 -11.06
N LYS I 38 -88.69 -21.18 -10.64
CA LYS I 38 -88.76 -22.63 -10.81
C LYS I 38 -88.44 -23.28 -9.50
N TYR I 39 -88.95 -24.47 -9.27
CA TYR I 39 -88.52 -25.37 -8.16
C TYR I 39 -87.17 -25.99 -8.54
N VAL I 40 -86.35 -26.23 -7.54
CA VAL I 40 -85.08 -26.96 -7.78
C VAL I 40 -85.01 -28.15 -6.83
N VAL I 41 -84.67 -29.28 -7.39
CA VAL I 41 -84.27 -30.48 -6.63
C VAL I 41 -82.75 -30.48 -6.66
N LEU I 42 -82.12 -30.20 -5.54
CA LEU I 42 -80.68 -30.09 -5.51
C LEU I 42 -80.20 -31.35 -4.77
N PHE I 43 -79.39 -32.21 -5.39
CA PHE I 43 -78.92 -33.38 -4.60
C PHE I 43 -77.40 -33.46 -4.63
N PHE I 44 -76.86 -34.18 -3.68
CA PHE I 44 -75.44 -34.37 -3.48
C PHE I 44 -75.18 -35.86 -3.39
N TYR I 45 -74.03 -36.29 -3.92
CA TYR I 45 -73.51 -37.66 -3.85
C TYR I 45 -72.00 -37.53 -3.64
N PRO I 46 -71.36 -38.59 -3.10
CA PRO I 46 -69.97 -38.50 -2.68
C PRO I 46 -68.98 -38.24 -3.84
N LEU I 47 -68.82 -39.18 -4.75
CA LEU I 47 -67.72 -39.17 -5.76
C LEU I 47 -68.13 -39.80 -7.11
N ASP I 48 -67.60 -39.23 -8.20
CA ASP I 48 -67.64 -39.82 -9.56
C ASP I 48 -66.75 -41.05 -9.61
N PHE I 49 -67.10 -42.03 -10.45
CA PHE I 49 -66.20 -43.13 -10.89
C PHE I 49 -66.00 -44.16 -9.75
N THR I 50 -66.94 -44.29 -8.79
CA THR I 50 -66.87 -45.40 -7.80
C THR I 50 -67.53 -46.64 -8.42
N PHE I 51 -67.55 -47.73 -7.67
CA PHE I 51 -68.16 -49.03 -8.02
C PHE I 51 -69.62 -49.11 -7.51
N VAL I 52 -70.16 -48.02 -6.98
CA VAL I 52 -71.60 -47.99 -6.60
C VAL I 52 -72.36 -47.61 -7.87
N CYS I 53 -73.32 -48.44 -8.23
CA CYS I 53 -74.13 -48.26 -9.43
C CYS I 53 -74.70 -46.87 -9.28
N PRO I 54 -74.58 -45.98 -10.28
CA PRO I 54 -75.07 -44.62 -10.12
C PRO I 54 -76.58 -44.42 -10.19
N THR I 55 -77.42 -45.29 -9.67
CA THR I 55 -78.86 -45.06 -9.98
C THR I 55 -79.44 -43.83 -9.27
N GLU I 56 -78.79 -43.25 -8.25
CA GLU I 56 -79.31 -42.00 -7.65
C GLU I 56 -79.32 -40.87 -8.72
N ILE I 57 -78.43 -40.92 -9.70
CA ILE I 57 -78.30 -39.86 -10.73
C ILE I 57 -79.08 -40.26 -11.96
N THR I 58 -78.87 -41.47 -12.49
CA THR I 58 -79.50 -41.91 -13.77
C THR I 58 -81.02 -42.06 -13.65
N ALA I 59 -81.60 -42.38 -12.46
CA ALA I 59 -83.07 -42.48 -12.32
C ALA I 59 -83.72 -41.13 -12.64
N PHE I 60 -83.16 -40.07 -12.09
CA PHE I 60 -83.67 -38.73 -12.36
C PHE I 60 -83.43 -38.43 -13.82
N SER I 61 -82.40 -38.97 -14.46
CA SER I 61 -82.09 -38.55 -15.85
C SER I 61 -83.20 -39.13 -16.75
N ASP I 62 -83.39 -40.42 -16.63
CA ASP I 62 -84.35 -41.28 -17.35
C ASP I 62 -85.76 -40.66 -17.16
N ARG I 63 -86.07 -39.98 -16.03
CA ARG I 63 -87.46 -39.49 -15.79
C ARG I 63 -87.54 -37.95 -15.82
N TYR I 64 -86.57 -37.30 -16.42
CA TYR I 64 -86.33 -35.87 -16.25
C TYR I 64 -87.51 -35.06 -16.80
N LYS I 65 -88.10 -35.49 -17.90
CA LYS I 65 -89.26 -34.80 -18.52
C LYS I 65 -90.41 -34.66 -17.48
N GLU I 66 -90.52 -35.55 -16.53
CA GLU I 66 -91.66 -35.49 -15.59
C GLU I 66 -91.41 -34.28 -14.68
N PHE I 67 -90.14 -33.90 -14.43
CA PHE I 67 -89.84 -32.77 -13.54
C PHE I 67 -89.96 -31.47 -14.35
N LYS I 68 -89.44 -31.52 -15.56
CA LYS I 68 -89.49 -30.37 -16.47
C LYS I 68 -90.94 -29.95 -16.62
N ASP I 69 -91.87 -30.90 -16.79
CA ASP I 69 -93.30 -30.64 -17.02
C ASP I 69 -93.94 -30.04 -15.75
N ILE I 70 -93.32 -30.11 -14.58
CA ILE I 70 -93.85 -29.38 -13.38
C ILE I 70 -92.87 -28.29 -12.92
N ASN I 71 -92.22 -27.63 -13.88
CA ASN I 71 -91.55 -26.32 -13.63
C ASN I 71 -90.43 -26.51 -12.57
N THR I 72 -89.76 -27.66 -12.64
CA THR I 72 -88.66 -28.10 -11.74
C THR I 72 -87.40 -28.43 -12.57
N GLU I 73 -86.30 -27.79 -12.17
CA GLU I 73 -84.94 -28.15 -12.55
C GLU I 73 -84.40 -29.20 -11.52
N VAL I 74 -83.54 -30.11 -11.98
CA VAL I 74 -82.73 -31.08 -11.16
C VAL I 74 -81.25 -30.64 -11.29
N LEU I 75 -80.50 -30.58 -10.19
CA LEU I 75 -79.04 -30.32 -10.21
C LEU I 75 -78.40 -31.36 -9.29
N GLY I 76 -77.46 -32.13 -9.76
CA GLY I 76 -76.67 -33.00 -8.88
C GLY I 76 -75.32 -32.36 -8.62
N VAL I 77 -74.70 -32.63 -7.47
CA VAL I 77 -73.44 -31.99 -7.02
C VAL I 77 -72.53 -33.06 -6.43
N SER I 78 -71.24 -33.10 -6.78
CA SER I 78 -70.16 -33.75 -5.95
C SER I 78 -68.96 -32.81 -5.91
N VAL I 79 -67.95 -33.19 -5.15
CA VAL I 79 -66.72 -32.37 -5.02
C VAL I 79 -65.77 -32.61 -6.19
N ASP I 80 -66.17 -33.34 -7.23
CA ASP I 80 -65.30 -33.58 -8.38
C ASP I 80 -65.35 -32.32 -9.27
N SER I 81 -64.31 -32.19 -10.07
CA SER I 81 -64.20 -31.20 -11.16
C SER I 81 -65.14 -31.54 -12.32
N GLN I 82 -65.35 -30.50 -13.14
CA GLN I 82 -66.17 -30.51 -14.37
C GLN I 82 -65.50 -31.47 -15.35
N PHE I 83 -64.17 -31.45 -15.42
CA PHE I 83 -63.45 -32.39 -16.30
C PHE I 83 -63.76 -33.84 -15.86
N THR I 84 -63.75 -34.17 -14.56
CA THR I 84 -64.15 -35.55 -14.13
C THR I 84 -65.62 -35.88 -14.53
N HIS I 85 -66.54 -34.89 -14.37
CA HIS I 85 -67.98 -35.12 -14.59
C HIS I 85 -68.14 -35.46 -16.07
N LEU I 86 -67.40 -34.76 -16.93
CA LEU I 86 -67.55 -34.86 -18.42
C LEU I 86 -67.02 -36.23 -18.80
N ALA I 87 -65.87 -36.58 -18.32
CA ALA I 87 -65.40 -38.01 -18.52
C ALA I 87 -66.48 -39.03 -18.07
N TRP I 88 -67.15 -38.86 -16.92
CA TRP I 88 -68.19 -39.80 -16.38
C TRP I 88 -69.41 -39.82 -17.29
N ILE I 89 -69.94 -38.63 -17.64
CA ILE I 89 -71.10 -38.54 -18.54
C ILE I 89 -70.77 -39.35 -19.81
N GLN I 90 -69.59 -39.16 -20.40
CA GLN I 90 -69.16 -39.73 -21.72
C GLN I 90 -68.77 -41.19 -21.62
N THR I 91 -68.74 -41.81 -20.43
CA THR I 91 -68.53 -43.27 -20.20
C THR I 91 -69.92 -43.96 -20.18
N ASP I 92 -70.11 -44.99 -20.99
CA ASP I 92 -71.33 -45.82 -21.06
C ASP I 92 -71.66 -46.41 -19.67
N ARG I 93 -72.95 -46.62 -19.37
CA ARG I 93 -73.42 -47.23 -18.10
C ARG I 93 -72.86 -48.65 -17.91
N LYS I 94 -72.84 -49.44 -18.98
CA LYS I 94 -72.27 -50.81 -19.01
C LYS I 94 -70.83 -50.76 -18.47
N GLU I 95 -70.08 -49.67 -18.65
CA GLU I 95 -68.64 -49.58 -18.26
C GLU I 95 -68.42 -48.69 -17.00
N GLY I 96 -69.39 -48.44 -16.13
CA GLY I 96 -69.24 -47.62 -14.92
C GLY I 96 -69.72 -46.19 -15.12
N GLY I 97 -70.16 -45.81 -16.31
CA GLY I 97 -70.47 -44.39 -16.49
C GLY I 97 -71.92 -44.05 -16.19
N LEU I 98 -72.32 -42.85 -16.58
CA LEU I 98 -73.68 -42.32 -16.44
C LEU I 98 -74.40 -42.49 -17.77
N GLY I 99 -73.70 -42.54 -18.89
CA GLY I 99 -74.32 -42.32 -20.22
C GLY I 99 -74.85 -40.91 -20.28
N ASP I 100 -75.55 -40.56 -21.34
CA ASP I 100 -75.96 -39.16 -21.57
C ASP I 100 -76.80 -38.74 -20.36
N LEU I 101 -76.56 -37.57 -19.83
CA LEU I 101 -77.27 -37.02 -18.65
C LEU I 101 -78.13 -35.82 -19.10
N ALA I 102 -79.39 -35.77 -18.65
CA ALA I 102 -80.42 -34.82 -19.08
C ALA I 102 -80.36 -33.51 -18.27
N TYR I 103 -79.64 -33.40 -17.18
CA TYR I 103 -79.67 -32.19 -16.31
C TYR I 103 -78.24 -31.82 -15.92
N PRO I 104 -77.98 -30.57 -15.45
CA PRO I 104 -76.62 -30.15 -15.09
C PRO I 104 -76.06 -30.98 -13.93
N LEU I 105 -74.78 -31.34 -14.06
CA LEU I 105 -73.94 -31.95 -13.03
C LEU I 105 -72.88 -30.91 -12.64
N VAL I 106 -72.90 -30.50 -11.38
CA VAL I 106 -72.21 -29.32 -10.78
C VAL I 106 -70.95 -29.83 -10.05
N ALA I 107 -69.79 -29.29 -10.39
CA ALA I 107 -68.50 -29.55 -9.73
C ALA I 107 -68.39 -28.64 -8.50
N ASP I 108 -68.40 -29.22 -7.31
CA ASP I 108 -68.20 -28.43 -6.05
C ASP I 108 -66.71 -28.50 -5.67
N LEU I 109 -65.85 -28.12 -6.56
CA LEU I 109 -64.37 -28.36 -6.46
C LEU I 109 -63.76 -27.66 -5.25
N LYS I 110 -64.36 -26.62 -4.68
CA LYS I 110 -63.85 -25.96 -3.44
C LYS I 110 -64.52 -26.50 -2.18
N LYS I 111 -65.59 -27.27 -2.33
CA LYS I 111 -66.37 -27.87 -1.23
C LYS I 111 -67.24 -26.84 -0.49
N GLU I 112 -67.48 -25.68 -1.10
CA GLU I 112 -68.24 -24.53 -0.52
C GLU I 112 -69.74 -24.82 -0.50
N ILE I 113 -70.23 -25.49 -1.55
CA ILE I 113 -71.66 -25.87 -1.67
C ILE I 113 -72.01 -26.98 -0.66
N SER I 114 -71.32 -28.11 -0.69
CA SER I 114 -71.38 -29.13 0.41
C SER I 114 -71.35 -28.48 1.80
N LYS I 115 -70.38 -27.59 2.05
CA LYS I 115 -70.25 -26.98 3.37
C LYS I 115 -71.50 -26.15 3.72
N ALA I 116 -71.99 -25.31 2.77
CA ALA I 116 -73.05 -24.33 3.04
C ALA I 116 -74.38 -25.05 3.25
N TYR I 117 -74.65 -26.19 2.58
CA TYR I 117 -75.84 -27.05 2.74
C TYR I 117 -75.62 -28.12 3.83
N GLY I 118 -74.49 -28.09 4.53
CA GLY I 118 -74.38 -28.83 5.79
C GLY I 118 -74.09 -30.30 5.58
N VAL I 119 -73.62 -30.70 4.39
CA VAL I 119 -73.43 -32.15 4.02
C VAL I 119 -71.95 -32.52 3.82
N LEU I 120 -71.00 -31.59 4.04
CA LEU I 120 -69.55 -31.89 3.95
C LEU I 120 -69.07 -32.77 5.12
N THR I 121 -68.51 -33.94 4.86
CA THR I 121 -67.88 -34.76 5.93
C THR I 121 -66.42 -34.33 6.11
N GLU I 122 -65.74 -34.90 7.12
CA GLU I 122 -64.31 -34.63 7.43
C GLU I 122 -63.42 -35.41 6.45
N ASP I 123 -64.02 -36.18 5.55
CA ASP I 123 -63.27 -36.95 4.53
C ASP I 123 -63.15 -36.17 3.24
N GLY I 124 -63.71 -34.96 3.15
CA GLY I 124 -63.57 -34.08 1.96
C GLY I 124 -64.64 -34.31 0.90
N ILE I 125 -65.68 -35.10 1.18
CA ILE I 125 -66.80 -35.42 0.24
C ILE I 125 -68.10 -35.14 1.00
N SER I 126 -69.18 -35.06 0.25
CA SER I 126 -70.54 -34.84 0.81
C SER I 126 -71.10 -36.20 1.19
N LEU I 127 -72.07 -36.18 2.11
CA LEU I 127 -73.07 -37.26 2.26
C LEU I 127 -74.06 -37.21 1.10
N ARG I 128 -74.98 -38.16 1.09
CA ARG I 128 -76.15 -38.16 0.16
C ARG I 128 -77.24 -37.26 0.73
N GLY I 129 -77.64 -36.27 -0.01
CA GLY I 129 -78.61 -35.30 0.49
C GLY I 129 -79.39 -34.77 -0.67
N LEU I 130 -80.70 -34.58 -0.45
CA LEU I 130 -81.61 -33.94 -1.43
C LEU I 130 -82.36 -32.77 -0.76
N PHE I 131 -82.62 -31.71 -1.51
CA PHE I 131 -83.15 -30.43 -0.99
C PHE I 131 -84.12 -29.94 -2.08
N ILE I 132 -85.33 -29.56 -1.66
CA ILE I 132 -86.28 -28.93 -2.56
C ILE I 132 -86.38 -27.47 -2.25
N ILE I 133 -86.16 -26.71 -3.29
CA ILE I 133 -86.03 -25.24 -3.15
C ILE I 133 -87.12 -24.63 -4.00
N ASP I 134 -87.90 -23.71 -3.44
CA ASP I 134 -89.13 -23.21 -4.16
C ASP I 134 -88.78 -22.04 -5.07
N LYS I 135 -89.81 -21.53 -5.72
CA LYS I 135 -89.74 -20.46 -6.76
C LYS I 135 -89.09 -19.21 -6.18
N GLU I 136 -89.14 -18.99 -4.87
CA GLU I 136 -88.62 -17.77 -4.18
C GLU I 136 -87.23 -18.04 -3.62
N GLY I 137 -86.78 -19.29 -3.64
CA GLY I 137 -85.44 -19.75 -3.26
C GLY I 137 -85.32 -20.10 -1.81
N VAL I 138 -86.43 -20.41 -1.16
CA VAL I 138 -86.47 -20.88 0.26
C VAL I 138 -86.32 -22.39 0.24
N VAL I 139 -85.55 -22.99 1.15
CA VAL I 139 -85.48 -24.47 1.27
C VAL I 139 -86.77 -24.95 1.92
N GLN I 140 -87.57 -25.84 1.31
CA GLN I 140 -88.82 -26.39 1.91
C GLN I 140 -88.65 -27.81 2.45
N HIS I 141 -87.62 -28.53 2.03
CA HIS I 141 -87.54 -29.97 2.26
C HIS I 141 -86.08 -30.34 2.29
N ALA I 142 -85.66 -31.20 3.20
CA ALA I 142 -84.33 -31.80 3.14
C ALA I 142 -84.37 -33.24 3.62
N THR I 143 -83.65 -34.08 2.89
CA THR I 143 -83.48 -35.52 3.14
C THR I 143 -81.97 -35.75 3.06
N ILE I 144 -81.39 -36.35 4.11
CA ILE I 144 -79.94 -36.61 4.23
C ILE I 144 -79.74 -38.00 4.79
N ASN I 145 -78.80 -38.75 4.18
CA ASN I 145 -78.57 -40.20 4.38
C ASN I 145 -77.07 -40.44 4.53
N ASN I 146 -76.74 -41.17 5.58
CA ASN I 146 -75.34 -41.55 5.91
C ASN I 146 -74.92 -42.68 4.99
N LEU I 147 -75.88 -43.52 4.60
CA LEU I 147 -75.67 -44.80 3.87
C LEU I 147 -76.36 -44.75 2.50
N ALA I 148 -75.87 -45.62 1.63
CA ALA I 148 -76.31 -45.83 0.23
C ALA I 148 -77.44 -46.86 0.20
N PHE I 149 -78.61 -46.46 -0.26
CA PHE I 149 -79.70 -47.38 -0.73
C PHE I 149 -80.63 -46.57 -1.66
N GLY I 150 -81.72 -47.19 -2.15
CA GLY I 150 -82.67 -46.60 -3.12
C GLY I 150 -83.24 -45.25 -2.66
N ARG I 151 -83.02 -44.21 -3.43
CA ARG I 151 -83.80 -42.95 -3.36
C ARG I 151 -85.00 -43.38 -4.19
N SER I 152 -86.20 -43.26 -3.67
CA SER I 152 -87.42 -43.41 -4.49
C SER I 152 -87.63 -42.08 -5.24
N VAL I 153 -87.51 -42.08 -6.55
CA VAL I 153 -87.95 -40.96 -7.40
C VAL I 153 -89.43 -40.71 -7.16
N ASP I 154 -90.28 -41.75 -7.01
CA ASP I 154 -91.72 -41.52 -6.79
C ASP I 154 -91.90 -40.72 -5.51
N GLU I 155 -91.16 -41.07 -4.47
CA GLU I 155 -91.31 -40.32 -3.19
C GLU I 155 -90.79 -38.88 -3.34
N THR I 156 -89.65 -38.66 -3.97
CA THR I 156 -89.15 -37.30 -4.24
C THR I 156 -90.20 -36.43 -4.98
N LYS I 157 -90.81 -37.00 -6.01
CA LYS I 157 -91.85 -36.32 -6.79
C LYS I 157 -93.11 -36.10 -5.94
N ARG I 158 -93.44 -37.02 -5.05
CA ARG I 158 -94.66 -36.88 -4.23
C ARG I 158 -94.41 -35.65 -3.33
N VAL I 159 -93.20 -35.56 -2.72
CA VAL I 159 -92.88 -34.36 -1.86
C VAL I 159 -92.94 -33.06 -2.69
N LEU I 160 -92.30 -33.04 -3.85
CA LEU I 160 -92.32 -31.88 -4.77
C LEU I 160 -93.75 -31.39 -5.05
N GLN I 161 -94.64 -32.30 -5.47
CA GLN I 161 -96.03 -32.01 -5.89
C GLN I 161 -96.87 -31.57 -4.67
N ALA I 162 -96.55 -32.10 -3.50
CA ALA I 162 -97.18 -31.68 -2.25
C ALA I 162 -96.74 -30.25 -1.92
N ILE I 163 -95.46 -29.90 -2.07
CA ILE I 163 -94.99 -28.52 -1.81
C ILE I 163 -95.69 -27.64 -2.87
N GLN I 164 -95.87 -28.11 -4.10
CA GLN I 164 -96.53 -27.29 -5.14
C GLN I 164 -97.97 -27.06 -4.73
N TYR I 165 -98.59 -28.10 -4.18
CA TYR I 165 -100.05 -28.12 -3.93
C TYR I 165 -100.32 -27.18 -2.75
N VAL I 166 -99.49 -27.29 -1.73
CA VAL I 166 -99.60 -26.41 -0.54
C VAL I 166 -99.32 -24.97 -0.91
N GLN I 167 -98.39 -24.71 -1.80
CA GLN I 167 -97.94 -23.32 -2.08
C GLN I 167 -98.86 -22.66 -3.14
N SER I 168 -99.85 -23.38 -3.68
CA SER I 168 -100.80 -22.91 -4.71
C SER I 168 -102.09 -22.30 -4.09
N ASN I 169 -102.34 -22.48 -2.77
CA ASN I 169 -103.61 -22.08 -2.06
C ASN I 169 -103.59 -20.61 -1.60
N LYS J 7 -68.86 -32.93 11.15
CA LYS J 7 -69.75 -32.06 11.96
C LYS J 7 -71.24 -32.17 11.55
N PRO J 8 -71.69 -32.61 10.32
CA PRO J 8 -73.12 -32.83 10.05
C PRO J 8 -73.69 -33.69 11.17
N LEU J 9 -74.93 -33.39 11.56
CA LEU J 9 -75.66 -34.24 12.55
C LEU J 9 -75.79 -35.65 11.97
N VAL J 10 -76.32 -35.82 10.77
CA VAL J 10 -76.39 -37.18 10.16
C VAL J 10 -74.97 -37.76 10.03
N GLY J 11 -74.79 -39.00 10.52
CA GLY J 11 -73.50 -39.73 10.57
C GLY J 11 -72.83 -39.58 11.93
N SER J 12 -73.33 -38.74 12.83
CA SER J 12 -72.68 -38.58 14.16
C SER J 12 -73.59 -39.16 15.25
N VAL J 13 -73.08 -39.23 16.46
CA VAL J 13 -73.84 -39.83 17.59
C VAL J 13 -74.92 -38.83 17.94
N ALA J 14 -76.19 -39.26 17.88
CA ALA J 14 -77.37 -38.56 18.39
C ALA J 14 -77.11 -37.89 19.73
N PRO J 15 -77.29 -36.58 19.81
CA PRO J 15 -77.39 -35.92 21.13
C PRO J 15 -78.39 -36.62 22.06
N ASP J 16 -77.96 -36.91 23.28
CA ASP J 16 -78.74 -37.72 24.24
C ASP J 16 -79.75 -36.80 24.89
N PHE J 17 -80.78 -37.29 25.52
CA PHE J 17 -81.67 -36.38 26.31
C PHE J 17 -82.33 -37.19 27.40
N LYS J 18 -82.71 -36.49 28.44
CA LYS J 18 -83.54 -36.97 29.56
C LYS J 18 -84.70 -35.99 29.62
N ALA J 19 -85.92 -36.39 29.28
CA ALA J 19 -87.09 -35.49 29.35
C ALA J 19 -88.33 -36.21 29.87
N GLN J 20 -89.33 -35.45 30.30
CA GLN J 20 -90.67 -35.95 30.65
C GLN J 20 -91.40 -36.42 29.37
N ALA J 21 -92.07 -37.54 29.44
CA ALA J 21 -92.96 -38.02 28.36
C ALA J 21 -94.26 -38.57 28.93
N VAL J 22 -95.19 -38.85 28.04
CA VAL J 22 -96.50 -39.49 28.34
C VAL J 22 -96.53 -40.79 27.58
N PHE J 23 -96.57 -41.87 28.35
CA PHE J 23 -96.73 -43.23 27.82
C PHE J 23 -97.84 -43.91 28.63
N ASP J 24 -98.79 -44.53 27.92
CA ASP J 24 -99.87 -45.29 28.59
C ASP J 24 -100.63 -44.34 29.56
N GLN J 25 -100.85 -43.10 29.16
CA GLN J 25 -101.56 -42.06 29.93
C GLN J 25 -100.94 -41.82 31.31
N GLU J 26 -99.63 -41.97 31.44
CA GLU J 26 -98.89 -41.67 32.70
C GLU J 26 -97.69 -40.81 32.33
N PHE J 27 -97.09 -40.13 33.30
CA PHE J 27 -95.84 -39.36 33.14
C PHE J 27 -94.63 -40.23 33.46
N GLN J 28 -93.63 -40.27 32.58
CA GLN J 28 -92.36 -41.01 32.90
C GLN J 28 -91.17 -40.26 32.29
N GLU J 29 -89.98 -40.54 32.77
CA GLU J 29 -88.73 -39.90 32.31
C GLU J 29 -88.09 -40.81 31.27
N ILE J 30 -87.92 -40.33 30.05
CA ILE J 30 -87.33 -41.01 28.86
C ILE J 30 -85.87 -40.54 28.71
N THR J 31 -84.94 -41.50 28.63
CA THR J 31 -83.53 -41.29 28.26
C THR J 31 -83.26 -41.95 26.91
N LEU J 32 -83.03 -41.15 25.86
CA LEU J 32 -82.80 -41.70 24.49
C LEU J 32 -81.70 -42.79 24.47
N SER J 33 -80.57 -42.59 25.14
CA SER J 33 -79.49 -43.61 25.28
C SER J 33 -79.99 -44.94 25.83
N LYS J 34 -81.14 -45.06 26.50
CA LYS J 34 -81.62 -46.37 27.03
C LYS J 34 -82.27 -47.26 25.96
N TYR J 35 -82.45 -46.72 24.77
CA TYR J 35 -82.88 -47.42 23.54
C TYR J 35 -81.70 -48.01 22.76
N ARG J 36 -80.45 -47.81 23.17
CA ARG J 36 -79.36 -48.57 22.50
C ARG J 36 -79.71 -50.09 22.48
N GLY J 37 -79.37 -50.77 21.39
CA GLY J 37 -79.81 -52.13 21.05
C GLY J 37 -81.07 -52.16 20.22
N LYS J 38 -81.70 -51.02 19.98
CA LYS J 38 -82.99 -50.90 19.25
C LYS J 38 -82.81 -49.77 18.27
N TYR J 39 -83.58 -49.76 17.20
CA TYR J 39 -83.62 -48.57 16.30
C TYR J 39 -84.62 -47.60 16.91
N VAL J 40 -84.51 -46.35 16.54
CA VAL J 40 -85.44 -45.29 17.04
C VAL J 40 -85.90 -44.47 15.88
N VAL J 41 -87.19 -44.31 15.67
CA VAL J 41 -87.59 -43.17 14.81
C VAL J 41 -87.97 -42.02 15.72
N LEU J 42 -87.14 -41.00 15.70
CA LEU J 42 -87.35 -39.80 16.50
C LEU J 42 -87.91 -38.72 15.56
N PHE J 43 -89.16 -38.28 15.77
CA PHE J 43 -89.76 -37.16 14.98
C PHE J 43 -90.16 -36.01 15.92
N PHE J 44 -90.27 -34.84 15.30
CA PHE J 44 -90.57 -33.53 15.88
C PHE J 44 -91.70 -32.96 15.06
N TYR J 45 -92.71 -32.37 15.74
CA TYR J 45 -93.82 -31.59 15.16
C TYR J 45 -93.97 -30.32 15.99
N PRO J 46 -94.47 -29.22 15.39
CA PRO J 46 -94.49 -27.90 16.00
C PRO J 46 -95.21 -27.78 17.37
N LEU J 47 -96.51 -28.07 17.44
CA LEU J 47 -97.42 -27.76 18.59
C LEU J 47 -98.58 -28.78 18.67
N ASP J 48 -99.01 -29.03 19.91
CA ASP J 48 -100.29 -29.69 20.23
C ASP J 48 -101.41 -28.69 19.96
N PHE J 49 -102.57 -29.25 19.62
CA PHE J 49 -103.91 -28.62 19.72
C PHE J 49 -104.08 -27.59 18.60
N THR J 50 -103.39 -27.73 17.49
CA THR J 50 -103.65 -26.92 16.27
C THR J 50 -104.79 -27.53 15.45
N PHE J 51 -105.18 -26.89 14.34
CA PHE J 51 -106.29 -27.28 13.42
C PHE J 51 -105.78 -28.14 12.25
N VAL J 52 -104.47 -28.19 12.06
CA VAL J 52 -103.79 -29.15 11.16
C VAL J 52 -104.10 -30.53 11.72
N CYS J 53 -104.62 -31.44 10.90
CA CYS J 53 -105.03 -32.79 11.32
C CYS J 53 -103.76 -33.53 11.75
N PRO J 54 -103.69 -34.27 12.86
CA PRO J 54 -102.43 -34.89 13.25
C PRO J 54 -102.08 -36.29 12.69
N THR J 55 -102.21 -36.50 11.37
CA THR J 55 -102.04 -37.87 10.78
C THR J 55 -100.61 -38.36 10.92
N GLU J 56 -99.64 -37.47 10.99
CA GLU J 56 -98.21 -37.77 11.20
C GLU J 56 -98.02 -38.50 12.54
N ILE J 57 -98.77 -38.09 13.58
CA ILE J 57 -98.71 -38.74 14.91
C ILE J 57 -99.54 -40.02 14.91
N THR J 58 -100.79 -39.97 14.49
CA THR J 58 -101.76 -41.09 14.66
C THR J 58 -101.42 -42.30 13.75
N ALA J 59 -100.81 -42.07 12.59
CA ALA J 59 -100.51 -43.15 11.63
C ALA J 59 -99.43 -44.07 12.21
N PHE J 60 -98.46 -43.54 12.97
CA PHE J 60 -97.43 -44.38 13.64
C PHE J 60 -98.04 -45.13 14.80
N SER J 61 -98.97 -44.53 15.54
CA SER J 61 -99.71 -45.16 16.66
C SER J 61 -100.47 -46.38 16.13
N ASP J 62 -101.26 -46.19 15.07
CA ASP J 62 -102.11 -47.26 14.50
C ASP J 62 -101.25 -48.36 13.86
N ARG J 63 -100.04 -48.03 13.39
CA ARG J 63 -99.18 -49.00 12.67
C ARG J 63 -97.98 -49.40 13.53
N TYR J 64 -98.04 -49.21 14.85
CA TYR J 64 -96.87 -49.21 15.77
C TYR J 64 -96.26 -50.63 15.85
N LYS J 65 -97.14 -51.62 15.81
CA LYS J 65 -96.79 -53.05 15.83
C LYS J 65 -95.77 -53.36 14.70
N GLU J 66 -95.91 -52.73 13.54
CA GLU J 66 -94.98 -52.98 12.40
C GLU J 66 -93.56 -52.52 12.80
N PHE J 67 -93.41 -51.46 13.62
CA PHE J 67 -92.09 -50.97 14.09
C PHE J 67 -91.58 -51.83 15.25
N LYS J 68 -92.41 -52.23 16.22
CA LYS J 68 -91.98 -53.09 17.37
C LYS J 68 -91.56 -54.44 16.81
N ASP J 69 -92.26 -55.00 15.82
CA ASP J 69 -91.85 -56.27 15.16
C ASP J 69 -90.47 -56.15 14.47
N ILE J 70 -89.95 -54.95 14.20
CA ILE J 70 -88.56 -54.89 13.66
C ILE J 70 -87.69 -54.03 14.58
N ASN J 71 -88.03 -54.04 15.87
CA ASN J 71 -87.04 -53.79 16.94
C ASN J 71 -86.67 -52.31 16.93
N THR J 72 -87.67 -51.46 16.75
CA THR J 72 -87.59 -49.99 16.52
C THR J 72 -88.64 -49.35 17.40
N GLU J 73 -88.23 -48.39 18.25
CA GLU J 73 -89.14 -47.58 19.09
C GLU J 73 -89.49 -46.32 18.31
N VAL J 74 -90.63 -45.70 18.59
CA VAL J 74 -91.06 -44.41 17.95
C VAL J 74 -91.18 -43.42 19.12
N LEU J 75 -90.68 -42.18 18.95
CA LEU J 75 -90.77 -41.03 19.91
C LEU J 75 -91.18 -39.77 19.12
N GLY J 76 -92.27 -39.12 19.54
CA GLY J 76 -92.68 -37.82 19.01
C GLY J 76 -92.26 -36.74 20.01
N VAL J 77 -92.00 -35.54 19.51
CA VAL J 77 -91.46 -34.42 20.32
C VAL J 77 -92.10 -33.16 19.77
N SER J 78 -92.56 -32.33 20.70
CA SER J 78 -92.85 -30.89 20.53
C SER J 78 -92.37 -30.18 21.78
N VAL J 79 -92.46 -28.88 21.73
CA VAL J 79 -92.01 -28.01 22.83
C VAL J 79 -93.11 -27.84 23.88
N ASP J 80 -94.29 -28.48 23.71
CA ASP J 80 -95.37 -28.48 24.72
C ASP J 80 -94.94 -29.27 25.98
N SER J 81 -95.56 -28.92 27.12
CA SER J 81 -95.45 -29.62 28.42
C SER J 81 -96.10 -31.02 28.33
N GLN J 82 -95.69 -31.90 29.25
CA GLN J 82 -96.27 -33.22 29.43
C GLN J 82 -97.77 -33.12 29.71
N PHE J 83 -98.21 -32.20 30.55
CA PHE J 83 -99.64 -31.96 30.85
C PHE J 83 -100.38 -31.58 29.56
N THR J 84 -99.81 -30.85 28.60
CA THR J 84 -100.53 -30.53 27.34
C THR J 84 -100.62 -31.85 26.52
N HIS J 85 -99.52 -32.61 26.50
CA HIS J 85 -99.47 -33.93 25.81
C HIS J 85 -100.62 -34.82 26.29
N LEU J 86 -100.74 -35.00 27.59
CA LEU J 86 -101.75 -35.90 28.18
C LEU J 86 -103.14 -35.39 27.80
N ALA J 87 -103.41 -34.11 28.01
CA ALA J 87 -104.72 -33.51 27.62
C ALA J 87 -105.03 -33.83 26.14
N TRP J 88 -104.04 -33.71 25.24
CA TRP J 88 -104.22 -33.99 23.78
C TRP J 88 -104.51 -35.47 23.51
N ILE J 89 -103.73 -36.34 24.16
CA ILE J 89 -103.83 -37.81 24.03
C ILE J 89 -105.22 -38.21 24.51
N GLN J 90 -105.68 -37.61 25.60
CA GLN J 90 -107.00 -37.91 26.22
C GLN J 90 -108.14 -37.23 25.48
N THR J 91 -107.93 -36.44 24.42
CA THR J 91 -109.02 -35.89 23.58
C THR J 91 -109.29 -36.82 22.37
N ASP J 92 -110.52 -37.17 22.06
CA ASP J 92 -110.92 -37.94 20.83
C ASP J 92 -110.48 -37.27 19.52
N ARG J 93 -110.21 -38.10 18.52
CA ARG J 93 -109.77 -37.69 17.16
C ARG J 93 -110.82 -36.76 16.52
N LYS J 94 -112.10 -37.09 16.69
CA LYS J 94 -113.27 -36.29 16.24
C LYS J 94 -113.21 -34.85 16.81
N GLU J 95 -112.66 -34.65 18.00
CA GLU J 95 -112.68 -33.34 18.68
C GLU J 95 -111.31 -32.69 18.57
N GLY J 96 -110.42 -33.23 17.75
CA GLY J 96 -109.16 -32.53 17.44
C GLY J 96 -107.93 -33.18 18.01
N GLY J 97 -108.05 -34.25 18.82
CA GLY J 97 -106.91 -34.86 19.54
C GLY J 97 -106.35 -36.11 18.89
N LEU J 98 -105.60 -36.93 19.65
CA LEU J 98 -104.86 -38.13 19.18
C LEU J 98 -105.62 -39.41 19.48
N GLY J 99 -106.55 -39.43 20.45
CA GLY J 99 -107.08 -40.69 20.97
C GLY J 99 -105.96 -41.42 21.73
N ASP J 100 -106.07 -42.70 22.08
CA ASP J 100 -104.89 -43.31 22.74
C ASP J 100 -103.69 -43.22 21.76
N LEU J 101 -102.51 -43.33 22.35
CA LEU J 101 -101.22 -43.27 21.68
C LEU J 101 -100.34 -44.43 22.18
N ALA J 102 -99.81 -45.21 21.24
CA ALA J 102 -99.08 -46.47 21.50
C ALA J 102 -97.59 -46.20 21.77
N TYR J 103 -97.05 -44.99 21.67
CA TYR J 103 -95.59 -44.72 21.87
C TYR J 103 -95.40 -43.45 22.69
N PRO J 104 -94.23 -43.17 23.30
CA PRO J 104 -94.02 -41.96 24.10
C PRO J 104 -94.13 -40.63 23.37
N LEU J 105 -94.90 -39.69 23.91
CA LEU J 105 -94.91 -38.30 23.43
C LEU J 105 -94.09 -37.45 24.44
N VAL J 106 -92.94 -36.98 23.99
CA VAL J 106 -91.89 -36.32 24.81
C VAL J 106 -92.12 -34.79 24.82
N ALA J 107 -92.04 -34.22 26.00
CA ALA J 107 -92.16 -32.77 26.21
C ALA J 107 -90.79 -32.07 26.14
N ASP J 108 -90.55 -31.21 25.15
CA ASP J 108 -89.26 -30.48 25.03
C ASP J 108 -89.48 -29.07 25.56
N LEU J 109 -89.83 -28.98 26.84
CA LEU J 109 -90.39 -27.75 27.49
C LEU J 109 -89.35 -26.63 27.49
N LYS J 110 -88.10 -26.96 27.59
CA LYS J 110 -86.99 -25.98 27.62
C LYS J 110 -86.39 -25.83 26.22
N LYS J 111 -86.88 -26.62 25.26
CA LYS J 111 -86.57 -26.47 23.85
C LYS J 111 -85.15 -26.99 23.57
N GLU J 112 -84.55 -27.72 24.52
CA GLU J 112 -83.14 -28.19 24.44
C GLU J 112 -83.04 -29.27 23.35
N ILE J 113 -84.10 -30.07 23.16
CA ILE J 113 -84.05 -31.21 22.20
C ILE J 113 -84.21 -30.70 20.76
N SER J 114 -85.16 -29.84 20.48
CA SER J 114 -85.31 -29.17 19.17
C SER J 114 -84.01 -28.47 18.82
N LYS J 115 -83.41 -27.78 19.77
CA LYS J 115 -82.16 -27.02 19.52
C LYS J 115 -81.03 -27.92 19.03
N ALA J 116 -80.67 -28.96 19.81
CA ALA J 116 -79.63 -29.95 19.56
C ALA J 116 -79.82 -30.69 18.22
N TYR J 117 -81.04 -31.00 17.81
CA TYR J 117 -81.27 -31.72 16.54
C TYR J 117 -81.39 -30.69 15.41
N GLY J 118 -81.30 -29.40 15.66
CA GLY J 118 -81.18 -28.45 14.53
C GLY J 118 -82.52 -28.03 13.95
N VAL J 119 -83.63 -28.26 14.67
CA VAL J 119 -85.02 -28.12 14.14
C VAL J 119 -85.75 -27.07 14.94
N LEU J 120 -85.09 -26.37 15.88
CA LEU J 120 -85.75 -25.27 16.63
C LEU J 120 -85.83 -23.99 15.76
N THR J 121 -87.00 -23.44 15.49
CA THR J 121 -87.13 -22.12 14.77
C THR J 121 -87.07 -20.91 15.74
N GLU J 122 -87.10 -19.70 15.19
CA GLU J 122 -87.00 -18.40 15.91
C GLU J 122 -88.35 -18.08 16.55
N ASP J 123 -89.41 -18.80 16.16
CA ASP J 123 -90.74 -18.73 16.83
C ASP J 123 -90.84 -19.63 18.07
N GLY J 124 -89.82 -20.40 18.39
CA GLY J 124 -89.77 -21.17 19.65
C GLY J 124 -90.50 -22.49 19.53
N ILE J 125 -90.80 -22.92 18.29
CA ILE J 125 -91.31 -24.28 17.96
C ILE J 125 -90.35 -24.99 16.99
N SER J 126 -90.52 -26.28 16.86
CA SER J 126 -89.66 -27.17 16.07
C SER J 126 -90.32 -27.21 14.70
N LEU J 127 -89.54 -27.36 13.63
CA LEU J 127 -90.01 -27.83 12.30
C LEU J 127 -90.55 -29.26 12.41
N ARG J 128 -91.12 -29.74 11.32
CA ARG J 128 -91.49 -31.16 11.16
C ARG J 128 -90.22 -31.89 10.77
N GLY J 129 -89.67 -32.75 11.63
CA GLY J 129 -88.43 -33.42 11.26
C GLY J 129 -88.43 -34.84 11.75
N LEU J 130 -87.69 -35.74 11.10
CA LEU J 130 -87.72 -37.17 11.47
C LEU J 130 -86.30 -37.66 11.38
N PHE J 131 -85.90 -38.52 12.31
CA PHE J 131 -84.51 -38.95 12.43
C PHE J 131 -84.57 -40.46 12.68
N ILE J 132 -83.73 -41.22 11.98
CA ILE J 132 -83.61 -42.65 12.29
C ILE J 132 -82.25 -42.87 12.93
N ILE J 133 -82.29 -43.45 14.10
CA ILE J 133 -81.09 -43.63 14.92
C ILE J 133 -80.86 -45.13 15.08
N ASP J 134 -79.62 -45.60 14.89
CA ASP J 134 -79.35 -47.07 14.85
C ASP J 134 -79.11 -47.57 16.27
N LYS J 135 -78.84 -48.86 16.39
CA LYS J 135 -78.66 -49.60 17.65
C LYS J 135 -77.49 -49.00 18.42
N GLU J 136 -76.54 -48.29 17.80
CA GLU J 136 -75.33 -47.76 18.51
C GLU J 136 -75.53 -46.27 18.81
N GLY J 137 -76.71 -45.75 18.55
CA GLY J 137 -77.03 -44.34 18.83
C GLY J 137 -76.60 -43.44 17.69
N VAL J 138 -76.28 -43.95 16.50
CA VAL J 138 -75.72 -43.03 15.46
C VAL J 138 -76.86 -42.61 14.55
N VAL J 139 -76.95 -41.34 14.17
CA VAL J 139 -78.02 -40.86 13.25
C VAL J 139 -77.70 -41.32 11.86
N GLN J 140 -78.54 -42.12 11.21
CA GLN J 140 -78.28 -42.59 9.82
C GLN J 140 -79.11 -41.78 8.78
N HIS J 141 -80.21 -41.12 9.15
CA HIS J 141 -81.18 -40.50 8.21
C HIS J 141 -81.79 -39.29 8.88
N ALA J 142 -82.19 -38.31 8.09
CA ALA J 142 -82.99 -37.16 8.52
C ALA J 142 -83.91 -36.74 7.39
N THR J 143 -85.19 -36.54 7.65
CA THR J 143 -86.07 -35.79 6.75
C THR J 143 -86.57 -34.56 7.49
N ILE J 144 -86.63 -33.41 6.81
CA ILE J 144 -87.03 -32.16 7.48
C ILE J 144 -87.83 -31.33 6.47
N ASN J 145 -89.05 -31.04 6.88
CA ASN J 145 -90.13 -30.38 6.11
C ASN J 145 -90.37 -29.03 6.84
N ASN J 146 -90.60 -27.97 6.07
CA ASN J 146 -90.93 -26.62 6.56
C ASN J 146 -92.46 -26.47 6.71
N LEU J 147 -93.24 -27.23 5.95
CA LEU J 147 -94.72 -27.17 6.00
C LEU J 147 -95.29 -28.59 6.11
N ALA J 148 -96.57 -28.71 6.49
CA ALA J 148 -97.39 -29.95 6.53
C ALA J 148 -97.76 -30.44 5.11
N PHE J 149 -96.88 -31.21 4.47
CA PHE J 149 -97.12 -32.20 3.36
C PHE J 149 -97.51 -33.52 4.05
N GLY J 150 -97.69 -34.60 3.30
CA GLY J 150 -97.67 -35.94 3.93
C GLY J 150 -96.25 -36.27 4.37
N ARG J 151 -96.08 -36.74 5.59
CA ARG J 151 -94.99 -37.69 5.87
C ARG J 151 -95.62 -39.05 5.56
N SER J 152 -95.05 -39.86 4.67
CA SER J 152 -95.54 -41.22 4.36
C SER J 152 -94.93 -42.17 5.39
N VAL J 153 -95.76 -42.83 6.17
CA VAL J 153 -95.31 -43.95 7.04
C VAL J 153 -94.69 -45.06 6.20
N ASP J 154 -95.23 -45.36 5.00
CA ASP J 154 -94.64 -46.38 4.11
C ASP J 154 -93.21 -45.96 3.74
N GLU J 155 -92.94 -44.70 3.44
CA GLU J 155 -91.56 -44.34 2.99
C GLU J 155 -90.71 -44.37 4.25
N THR J 156 -91.17 -43.96 5.39
CA THR J 156 -90.33 -44.02 6.60
C THR J 156 -89.93 -45.50 6.83
N LYS J 157 -90.88 -46.41 6.71
CA LYS J 157 -90.68 -47.85 6.99
C LYS J 157 -89.73 -48.46 5.96
N ARG J 158 -89.80 -48.01 4.71
CA ARG J 158 -88.90 -48.50 3.63
C ARG J 158 -87.47 -48.04 3.89
N VAL J 159 -87.26 -46.76 4.27
CA VAL J 159 -85.90 -46.25 4.64
C VAL J 159 -85.36 -47.00 5.87
N LEU J 160 -86.20 -47.30 6.87
CA LEU J 160 -85.79 -48.01 8.09
C LEU J 160 -85.31 -49.41 7.75
N GLN J 161 -86.02 -50.16 6.91
CA GLN J 161 -85.60 -51.53 6.50
C GLN J 161 -84.39 -51.45 5.58
N ALA J 162 -84.26 -50.48 4.71
CA ALA J 162 -83.03 -50.33 3.92
C ALA J 162 -81.81 -50.17 4.85
N ILE J 163 -81.90 -49.39 5.95
CA ILE J 163 -80.76 -49.14 6.87
C ILE J 163 -80.52 -50.44 7.63
N GLN J 164 -81.58 -51.10 8.08
CA GLN J 164 -81.44 -52.40 8.76
C GLN J 164 -80.73 -53.40 7.84
N TYR J 165 -81.08 -53.42 6.55
CA TYR J 165 -80.52 -54.40 5.58
C TYR J 165 -79.02 -54.09 5.34
N VAL J 166 -78.71 -52.82 5.09
CA VAL J 166 -77.30 -52.36 4.90
C VAL J 166 -76.46 -52.69 6.14
N GLN J 167 -76.98 -52.62 7.36
CA GLN J 167 -76.15 -52.68 8.58
C GLN J 167 -75.95 -54.14 8.99
N SER J 168 -76.73 -55.06 8.43
CA SER J 168 -76.59 -56.52 8.70
C SER J 168 -75.77 -57.25 7.61
N ASN J 169 -75.25 -56.52 6.59
CA ASN J 169 -74.42 -57.03 5.47
C ASN J 169 -73.00 -56.40 5.47
N PRO J 170 -72.13 -56.71 4.47
CA PRO J 170 -70.86 -55.99 4.30
C PRO J 170 -71.03 -54.69 3.50
#